data_8DF7
#
_entry.id   8DF7
#
_cell.length_a   121.665
_cell.length_b   121.665
_cell.length_c   498.820
_cell.angle_alpha   90.000
_cell.angle_beta   90.000
_cell.angle_gamma   90.000
#
_symmetry.space_group_name_H-M   'P 43 21 2'
#
loop_
_entity.id
_entity.type
_entity.pdbx_description
1 polymer 'Topoisomerase V'
2 polymer 'DNA (39-MER)'
3 non-polymer 'POTASSIUM ION'
#
loop_
_entity_poly.entity_id
_entity_poly.type
_entity_poly.pdbx_seq_one_letter_code
_entity_poly.pdbx_strand_id
1 'polypeptide(L)'
;MALVYDAEFVGSEREFEEERETFLKGVKAYDGVLATRYLMERSSSAKNDEELLELHQNFILLTGSYACSIDPTEDRYQNV
IVRGVNFDERVQRLSTGGSPARYAIVYRRGWRAIAKALDIDEEDVPAIEVRAVKRNPLQPALYRILVRYGRVDLMPVTVD
EVPPEMAGEFERLIERYDVPIDEKEERILEILRENPWTPHDEIARRLGLSVSEVEGEKDPESSGIYSLWSRVVVNIEYDE
RTAKRHVKRRDRLLEELYEHLEELSERYLRHPLTRRWIVEHKRDIMRRYLEQRIVECALKLQDRYGIREDVALCLARAFD
GSISMIATTPYRTLKDVCPDLTLEEAKSVNRTLATLIDEHGLSPDAADELIEHFESIAGILATDLEEIERMYEEGRLSEE
AYRAAVEIQLAELTKKEGVGRKTAERLLRAFGNPERVKQLAREFEIEKLASVEGVGERVLRSLVPGYASLISIRGIDRER
AERLLKKYGGYSKVREAGVEELREDGLTDAQIRELKGLKTLESIVGDLEKADELKRKYGSASAVRRLPVEELRELGFSDD
EIAEIKGIPKKLREAFDLETAAELYERYGSLKEIGRRLSYDDLLELGATPKAAAEIKGPEFKFLLNIEGVGPKLAERILE
AVDYDLERLASLNPEELAEKVEGLGEELAERVVYAARERVESRRKSGRQERSEEEWKEWLERKVGEGRARRLIEYFGSAG
EVGKLVENAEVSKLLEVPGIGDEAVARLVPGYKTLRDAGLTPAEAERVLKRYGSVSKVQEGATPDELRELGLGDAKIARI
LGLRSLVNARLDVDTAYELARRYGSVSAVRAAPVAELRELGLSDRAIARIAGIP
;
A,B
2 'polydeoxyribonucleotide'
;(DG)(DC)(DC)(DT)(DG)(DC)(DA)(DC)(DG)(DA)(DA)(DG)(DT)(DA)(DA)(DG)(DC)(DA)(DT)(DG)
(DC)(DT)(DT)(DA)(DC)(DT)(DT)(DC)(DG)(DT)(DG)(DC)(DA)(DG)(DG)(DC)(DA)(DC)(DA)
;
U,V
#
# COMPACT_ATOMS: atom_id res chain seq x y z
N LEU A 3 -34.21 -30.89 -8.13
CA LEU A 3 -33.19 -31.28 -9.11
C LEU A 3 -32.98 -30.17 -10.14
N VAL A 4 -33.67 -30.28 -11.27
CA VAL A 4 -33.51 -29.37 -12.40
C VAL A 4 -34.81 -28.63 -12.62
N TYR A 5 -34.72 -27.31 -12.79
CA TYR A 5 -35.85 -26.46 -13.10
C TYR A 5 -35.62 -25.86 -14.49
N ASP A 6 -36.56 -26.07 -15.40
CA ASP A 6 -36.40 -25.62 -16.76
C ASP A 6 -37.76 -25.54 -17.44
N ALA A 7 -37.86 -24.64 -18.41
CA ALA A 7 -39.06 -24.48 -19.22
C ALA A 7 -38.71 -23.66 -20.45
N GLU A 8 -39.26 -24.03 -21.59
CA GLU A 8 -38.97 -23.37 -22.86
C GLU A 8 -40.21 -22.65 -23.37
N PHE A 9 -40.03 -21.43 -23.84
CA PHE A 9 -41.11 -20.61 -24.36
C PHE A 9 -41.15 -20.72 -25.88
N VAL A 10 -42.29 -21.14 -26.41
CA VAL A 10 -42.47 -21.34 -27.85
C VAL A 10 -43.43 -20.33 -28.46
N GLY A 11 -44.00 -19.44 -27.66
CA GLY A 11 -44.93 -18.45 -28.17
C GLY A 11 -44.24 -17.35 -28.96
N SER A 12 -45.06 -16.44 -29.48
CA SER A 12 -44.57 -15.33 -30.28
C SER A 12 -43.99 -14.23 -29.39
N GLU A 13 -43.53 -13.15 -30.02
CA GLU A 13 -42.94 -12.04 -29.28
C GLU A 13 -43.99 -11.30 -28.44
N ARG A 14 -45.18 -11.10 -28.99
CA ARG A 14 -46.25 -10.45 -28.25
C ARG A 14 -46.65 -11.28 -27.03
N GLU A 15 -46.80 -12.60 -27.21
CA GLU A 15 -47.11 -13.47 -26.08
C GLU A 15 -45.98 -13.47 -25.07
N PHE A 16 -44.74 -13.39 -25.54
CA PHE A 16 -43.59 -13.33 -24.64
C PHE A 16 -43.65 -12.08 -23.76
N GLU A 17 -43.93 -10.92 -24.38
CA GLU A 17 -44.02 -9.68 -23.61
C GLU A 17 -45.21 -9.72 -22.64
N GLU A 18 -46.34 -10.30 -23.09
CA GLU A 18 -47.51 -10.41 -22.21
C GLU A 18 -47.19 -11.26 -21.00
N GLU A 19 -46.55 -12.41 -21.21
CA GLU A 19 -46.19 -13.29 -20.10
C GLU A 19 -45.19 -12.61 -19.16
N ARG A 20 -44.24 -11.86 -19.74
CA ARG A 20 -43.30 -11.12 -18.90
C ARG A 20 -44.02 -10.13 -18.00
N GLU A 21 -44.92 -9.33 -18.57
CA GLU A 21 -45.65 -8.33 -17.78
C GLU A 21 -46.51 -9.00 -16.72
N THR A 22 -47.21 -10.08 -17.09
CA THR A 22 -48.06 -10.79 -16.13
C THR A 22 -47.22 -11.35 -14.97
N PHE A 23 -46.08 -11.96 -15.28
CA PHE A 23 -45.24 -12.53 -14.24
C PHE A 23 -44.67 -11.42 -13.34
N LEU A 24 -44.30 -10.28 -13.93
CA LEU A 24 -43.78 -9.18 -13.11
C LEU A 24 -44.84 -8.64 -12.18
N LYS A 25 -46.09 -8.53 -12.67
CA LYS A 25 -47.16 -8.05 -11.80
C LYS A 25 -47.45 -9.06 -10.69
N GLY A 26 -47.41 -10.35 -11.00
CA GLY A 26 -47.57 -11.36 -9.96
C GLY A 26 -46.46 -11.30 -8.93
N VAL A 27 -45.23 -11.04 -9.38
CA VAL A 27 -44.10 -10.89 -8.46
C VAL A 27 -44.32 -9.68 -7.55
N LYS A 28 -44.80 -8.58 -8.12
CA LYS A 28 -45.11 -7.42 -7.29
C LYS A 28 -46.17 -7.75 -6.25
N ALA A 29 -47.20 -8.51 -6.65
CA ALA A 29 -48.25 -8.89 -5.71
C ALA A 29 -47.71 -9.77 -4.59
N TYR A 30 -46.85 -10.74 -4.92
CA TYR A 30 -46.28 -11.58 -3.88
C TYR A 30 -45.31 -10.82 -2.99
N ASP A 31 -44.61 -9.83 -3.56
CA ASP A 31 -43.77 -8.97 -2.72
C ASP A 31 -44.63 -8.17 -1.75
N GLY A 32 -45.80 -7.72 -2.19
CA GLY A 32 -46.73 -7.10 -1.26
C GLY A 32 -47.18 -8.05 -0.17
N VAL A 33 -47.43 -9.31 -0.54
CA VAL A 33 -47.77 -10.35 0.44
C VAL A 33 -46.67 -10.46 1.50
N LEU A 34 -45.42 -10.58 1.04
CA LEU A 34 -44.31 -10.75 1.96
C LEU A 34 -44.10 -9.52 2.84
N ALA A 35 -44.29 -8.33 2.27
CA ALA A 35 -44.15 -7.11 3.06
C ALA A 35 -45.25 -7.00 4.11
N THR A 36 -46.47 -7.41 3.77
CA THR A 36 -47.54 -7.43 4.75
C THR A 36 -47.26 -8.42 5.88
N ARG A 37 -46.71 -9.59 5.54
CA ARG A 37 -46.33 -10.54 6.58
C ARG A 37 -45.21 -9.98 7.46
N TYR A 38 -44.25 -9.28 6.85
CA TYR A 38 -43.19 -8.66 7.64
C TYR A 38 -43.74 -7.60 8.58
N LEU A 39 -44.70 -6.79 8.10
CA LEU A 39 -45.32 -5.81 8.97
C LEU A 39 -46.14 -6.46 10.07
N MET A 40 -46.73 -7.63 9.80
CA MET A 40 -47.43 -8.37 10.83
C MET A 40 -46.46 -8.82 11.93
N GLU A 41 -45.30 -9.33 11.53
CA GLU A 41 -44.37 -9.89 12.51
C GLU A 41 -43.49 -8.83 13.16
N ARG A 42 -43.36 -7.65 12.57
CA ARG A 42 -42.43 -6.66 13.07
C ARG A 42 -42.94 -5.98 14.34
N SER A 43 -44.15 -5.45 14.29
CA SER A 43 -44.74 -4.72 15.40
C SER A 43 -46.05 -5.37 15.81
N SER A 44 -46.18 -5.67 17.11
CA SER A 44 -47.43 -6.22 17.61
C SER A 44 -48.58 -5.23 17.49
N SER A 45 -48.28 -3.93 17.51
CA SER A 45 -49.31 -2.93 17.30
C SER A 45 -49.91 -3.03 15.91
N ALA A 46 -49.07 -3.28 14.89
CA ALA A 46 -49.58 -3.53 13.56
C ALA A 46 -50.20 -4.92 13.45
N LYS A 47 -49.72 -5.87 14.24
CA LYS A 47 -50.33 -7.20 14.27
C LYS A 47 -51.78 -7.12 14.74
N ASN A 48 -52.04 -6.27 15.74
CA ASN A 48 -53.40 -6.06 16.24
C ASN A 48 -54.14 -5.01 15.42
N ASP A 49 -54.18 -5.22 14.11
CA ASP A 49 -54.86 -4.29 13.20
C ASP A 49 -55.45 -5.10 12.05
N GLU A 50 -56.77 -5.03 11.89
CA GLU A 50 -57.43 -5.77 10.82
C GLU A 50 -57.15 -5.15 9.45
N GLU A 51 -56.74 -3.89 9.40
CA GLU A 51 -56.39 -3.26 8.14
C GLU A 51 -55.20 -3.96 7.49
N LEU A 52 -54.19 -4.29 8.28
CA LEU A 52 -53.04 -5.00 7.74
C LEU A 52 -53.42 -6.40 7.24
N LEU A 53 -54.32 -7.07 7.97
CA LEU A 53 -54.77 -8.39 7.55
C LEU A 53 -55.56 -8.33 6.24
N GLU A 54 -56.45 -7.34 6.11
CA GLU A 54 -57.21 -7.20 4.87
C GLU A 54 -56.30 -6.84 3.71
N LEU A 55 -55.27 -6.01 3.97
CA LEU A 55 -54.30 -5.70 2.92
C LEU A 55 -53.53 -6.96 2.49
N HIS A 56 -53.12 -7.78 3.47
CA HIS A 56 -52.44 -9.04 3.17
C HIS A 56 -53.32 -9.95 2.33
N GLN A 57 -54.60 -10.07 2.68
CA GLN A 57 -55.50 -10.95 1.95
C GLN A 57 -55.78 -10.40 0.55
N ASN A 58 -55.88 -9.08 0.40
CA ASN A 58 -56.04 -8.49 -0.92
C ASN A 58 -54.82 -8.76 -1.80
N PHE A 59 -53.62 -8.65 -1.21
CA PHE A 59 -52.40 -8.99 -1.95
C PHE A 59 -52.41 -10.46 -2.37
N ILE A 60 -52.86 -11.35 -1.48
CA ILE A 60 -52.95 -12.77 -1.82
C ILE A 60 -53.92 -12.98 -2.98
N LEU A 61 -55.07 -12.31 -2.94
CA LEU A 61 -56.07 -12.46 -4.00
C LEU A 61 -55.53 -11.95 -5.34
N LEU A 62 -54.83 -10.82 -5.32
CA LEU A 62 -54.26 -10.31 -6.56
C LEU A 62 -53.15 -11.21 -7.08
N THR A 63 -52.36 -11.80 -6.19
CA THR A 63 -51.38 -12.79 -6.60
C THR A 63 -52.05 -13.98 -7.28
N GLY A 64 -53.15 -14.46 -6.70
CA GLY A 64 -53.88 -15.55 -7.31
C GLY A 64 -54.44 -15.19 -8.68
N SER A 65 -54.96 -13.97 -8.81
CA SER A 65 -55.48 -13.52 -10.10
C SER A 65 -54.38 -13.49 -11.15
N TYR A 66 -53.24 -12.87 -10.83
CA TYR A 66 -52.14 -12.79 -11.78
C TYR A 66 -51.57 -14.17 -12.10
N ALA A 67 -51.65 -15.11 -11.15
CA ALA A 67 -51.24 -16.48 -11.44
C ALA A 67 -52.23 -17.17 -12.37
N CYS A 68 -53.52 -16.89 -12.19
CA CYS A 68 -54.53 -17.42 -13.10
C CYS A 68 -54.34 -16.86 -14.51
N SER A 69 -53.82 -15.65 -14.62
CA SER A 69 -53.63 -15.01 -15.92
C SER A 69 -52.38 -15.49 -16.66
N ILE A 70 -51.70 -16.53 -16.16
CA ILE A 70 -50.49 -17.02 -16.79
C ILE A 70 -50.84 -18.12 -17.79
N ASP A 71 -50.28 -18.02 -18.99
CA ASP A 71 -50.47 -18.99 -20.06
C ASP A 71 -51.95 -19.22 -20.34
N PRO A 72 -52.64 -18.26 -20.96
CA PRO A 72 -54.07 -18.46 -21.24
C PRO A 72 -54.33 -19.44 -22.37
N THR A 73 -53.44 -19.53 -23.35
CA THR A 73 -53.64 -20.42 -24.49
C THR A 73 -53.19 -21.84 -24.22
N GLU A 74 -52.55 -22.10 -23.08
CA GLU A 74 -52.14 -23.45 -22.67
C GLU A 74 -51.17 -24.08 -23.67
N ASP A 75 -50.41 -23.25 -24.39
CA ASP A 75 -49.43 -23.76 -25.34
C ASP A 75 -48.17 -22.89 -25.44
N ARG A 76 -48.07 -21.81 -24.67
CA ARG A 76 -46.93 -20.92 -24.77
C ARG A 76 -45.65 -21.55 -24.19
N TYR A 77 -45.78 -22.62 -23.41
CA TYR A 77 -44.65 -23.22 -22.73
C TYR A 77 -44.58 -24.72 -23.06
N GLN A 78 -43.36 -25.24 -23.07
CA GLN A 78 -43.14 -26.66 -23.27
C GLN A 78 -41.90 -27.08 -22.50
N ASN A 79 -41.78 -28.39 -22.27
CA ASN A 79 -40.67 -28.97 -21.52
C ASN A 79 -40.55 -28.35 -20.14
N VAL A 80 -41.68 -28.27 -19.44
CA VAL A 80 -41.72 -27.69 -18.10
C VAL A 80 -41.25 -28.76 -17.11
N ILE A 81 -40.13 -28.49 -16.44
CA ILE A 81 -39.52 -29.43 -15.51
C ILE A 81 -39.37 -28.76 -14.16
N VAL A 82 -39.85 -29.43 -13.11
CA VAL A 82 -39.77 -28.93 -11.75
C VAL A 82 -39.21 -30.04 -10.87
N ARG A 83 -38.09 -29.78 -10.22
CA ARG A 83 -37.41 -30.74 -9.34
C ARG A 83 -37.06 -32.04 -10.07
N GLY A 84 -36.92 -31.98 -11.39
CA GLY A 84 -36.65 -33.15 -12.20
C GLY A 84 -37.86 -33.75 -12.87
N VAL A 85 -39.05 -33.49 -12.34
CA VAL A 85 -40.28 -34.07 -12.89
C VAL A 85 -40.68 -33.26 -14.12
N ASN A 86 -41.00 -33.97 -15.21
CA ASN A 86 -41.42 -33.35 -16.46
C ASN A 86 -42.93 -33.18 -16.42
N PHE A 87 -43.38 -31.97 -16.08
CA PHE A 87 -44.81 -31.71 -15.94
C PHE A 87 -45.55 -31.71 -17.26
N ASP A 88 -44.85 -31.54 -18.38
CA ASP A 88 -45.49 -31.64 -19.69
C ASP A 88 -46.17 -33.00 -19.87
N GLU A 89 -45.41 -34.08 -19.70
CA GLU A 89 -45.97 -35.42 -19.86
C GLU A 89 -47.05 -35.70 -18.82
N ARG A 90 -46.86 -35.20 -17.60
CA ARG A 90 -47.85 -35.43 -16.55
C ARG A 90 -49.18 -34.76 -16.88
N VAL A 91 -49.13 -33.55 -17.42
CA VAL A 91 -50.37 -32.87 -17.81
C VAL A 91 -50.96 -33.51 -19.06
N GLN A 92 -50.11 -34.07 -19.93
CA GLN A 92 -50.62 -34.79 -21.09
C GLN A 92 -51.36 -36.06 -20.67
N ARG A 93 -50.91 -36.71 -19.60
CA ARG A 93 -51.55 -37.94 -19.12
C ARG A 93 -52.80 -37.68 -18.29
N LEU A 94 -53.22 -36.43 -18.15
CA LEU A 94 -54.45 -36.11 -17.44
C LEU A 94 -55.64 -36.01 -18.40
N SER A 95 -56.83 -36.17 -17.85
CA SER A 95 -58.04 -36.16 -18.68
C SER A 95 -58.35 -34.75 -19.18
N THR A 96 -58.27 -33.76 -18.29
CA THR A 96 -58.60 -32.38 -18.65
C THR A 96 -57.44 -31.62 -19.28
N GLY A 97 -56.23 -32.18 -19.25
CA GLY A 97 -55.09 -31.47 -19.80
C GLY A 97 -54.81 -30.22 -19.00
N GLY A 98 -54.76 -29.09 -19.69
CA GLY A 98 -54.52 -27.80 -19.06
C GLY A 98 -53.18 -27.21 -19.43
N SER A 99 -52.75 -26.25 -18.62
CA SER A 99 -51.49 -25.54 -18.86
C SER A 99 -50.39 -26.13 -18.00
N PRO A 100 -49.31 -26.63 -18.58
CA PRO A 100 -48.18 -27.10 -17.75
C PRO A 100 -47.54 -25.99 -16.96
N ALA A 101 -47.52 -24.77 -17.49
CA ALA A 101 -46.97 -23.64 -16.76
C ALA A 101 -47.74 -23.40 -15.47
N ARG A 102 -49.07 -23.39 -15.55
CA ARG A 102 -49.88 -23.19 -14.35
C ARG A 102 -49.78 -24.39 -13.42
N TYR A 103 -49.74 -25.61 -13.98
CA TYR A 103 -49.59 -26.79 -13.13
C TYR A 103 -48.25 -26.78 -12.41
N ALA A 104 -47.25 -26.11 -12.96
CA ALA A 104 -45.98 -25.96 -12.26
C ALA A 104 -46.03 -24.80 -11.26
N ILE A 105 -46.78 -23.74 -11.59
CA ILE A 105 -46.84 -22.59 -10.69
C ILE A 105 -47.64 -22.90 -9.44
N VAL A 106 -48.53 -23.90 -9.48
CA VAL A 106 -49.24 -24.25 -8.26
C VAL A 106 -48.34 -24.97 -7.26
N TYR A 107 -47.19 -25.47 -7.70
CA TYR A 107 -46.21 -26.06 -6.79
C TYR A 107 -45.26 -24.98 -6.26
N ARG A 108 -44.69 -25.25 -5.09
CA ARG A 108 -43.72 -24.32 -4.51
C ARG A 108 -42.43 -24.36 -5.33
N ARG A 109 -41.86 -23.17 -5.56
CA ARG A 109 -40.65 -22.92 -6.33
C ARG A 109 -40.82 -23.21 -7.81
N GLY A 110 -41.99 -23.65 -8.25
CA GLY A 110 -42.22 -23.89 -9.68
C GLY A 110 -42.03 -22.66 -10.54
N TRP A 111 -42.17 -21.48 -9.96
CA TRP A 111 -41.91 -20.24 -10.69
C TRP A 111 -40.49 -20.19 -11.23
N ARG A 112 -39.57 -20.94 -10.64
CA ARG A 112 -38.21 -20.99 -11.16
C ARG A 112 -38.18 -21.50 -12.60
N ALA A 113 -39.12 -22.39 -12.95
CA ALA A 113 -39.17 -22.87 -14.33
C ALA A 113 -39.72 -21.81 -15.27
N ILE A 114 -40.76 -21.09 -14.85
CA ILE A 114 -41.37 -20.09 -15.72
C ILE A 114 -40.49 -18.86 -15.85
N ALA A 115 -39.83 -18.46 -14.76
CA ALA A 115 -38.98 -17.28 -14.82
C ALA A 115 -37.79 -17.48 -15.73
N LYS A 116 -37.27 -18.71 -15.82
CA LYS A 116 -36.17 -18.99 -16.73
C LYS A 116 -36.62 -18.94 -18.18
N ALA A 117 -37.87 -19.33 -18.45
CA ALA A 117 -38.40 -19.26 -19.80
C ALA A 117 -38.66 -17.84 -20.26
N LEU A 118 -38.81 -16.90 -19.32
CA LEU A 118 -39.08 -15.50 -19.65
C LEU A 118 -37.86 -14.61 -19.51
N ASP A 119 -36.69 -15.19 -19.19
CA ASP A 119 -35.44 -14.44 -19.08
C ASP A 119 -35.55 -13.29 -18.07
N ILE A 120 -36.17 -13.58 -16.93
CA ILE A 120 -36.32 -12.60 -15.86
C ILE A 120 -35.07 -12.61 -15.00
N ASP A 121 -34.62 -11.41 -14.60
CA ASP A 121 -33.40 -11.28 -13.81
C ASP A 121 -33.57 -11.95 -12.45
N GLU A 122 -32.95 -13.13 -12.29
CA GLU A 122 -33.12 -13.90 -11.07
C GLU A 122 -32.59 -13.18 -9.84
N GLU A 123 -31.72 -12.17 -10.01
CA GLU A 123 -31.25 -11.39 -8.88
C GLU A 123 -32.35 -10.58 -8.24
N ASP A 124 -33.49 -10.39 -8.92
CA ASP A 124 -34.64 -9.74 -8.31
C ASP A 124 -35.54 -10.72 -7.58
N VAL A 125 -35.22 -12.02 -7.65
CA VAL A 125 -36.00 -13.09 -7.03
C VAL A 125 -37.46 -12.98 -7.46
N PRO A 126 -37.81 -13.34 -8.69
CA PRO A 126 -39.21 -13.23 -9.14
C PRO A 126 -40.08 -14.36 -8.59
N ALA A 127 -40.31 -14.32 -7.28
CA ALA A 127 -41.03 -15.39 -6.61
C ALA A 127 -42.54 -15.20 -6.73
N ILE A 128 -43.25 -16.27 -7.06
CA ILE A 128 -44.70 -16.29 -7.13
C ILE A 128 -45.17 -17.57 -6.43
N GLU A 129 -45.84 -17.43 -5.30
CA GLU A 129 -46.36 -18.57 -4.55
C GLU A 129 -47.83 -18.35 -4.24
N VAL A 130 -48.63 -19.41 -4.43
CA VAL A 130 -50.07 -19.33 -4.22
C VAL A 130 -50.50 -20.48 -3.31
N ARG A 131 -49.74 -20.70 -2.23
CA ARG A 131 -49.99 -21.82 -1.33
C ARG A 131 -50.33 -21.33 0.09
N ALA A 132 -50.97 -20.18 0.20
CA ALA A 132 -51.39 -19.68 1.51
C ALA A 132 -52.53 -20.54 2.06
N VAL A 133 -52.49 -20.79 3.37
CA VAL A 133 -53.48 -21.67 4.00
C VAL A 133 -54.13 -20.96 5.18
N LYS A 134 -53.31 -20.50 6.13
CA LYS A 134 -53.85 -19.94 7.38
C LYS A 134 -54.69 -18.70 7.11
N ARG A 135 -54.06 -17.65 6.58
CA ARG A 135 -54.73 -16.37 6.36
C ARG A 135 -55.30 -16.26 4.95
N ASN A 136 -55.51 -17.38 4.26
CA ASN A 136 -56.09 -17.36 2.93
C ASN A 136 -57.56 -17.02 3.02
N PRO A 137 -58.02 -15.94 2.39
CA PRO A 137 -59.45 -15.60 2.45
C PRO A 137 -60.35 -16.63 1.78
N LEU A 138 -59.82 -17.43 0.88
CA LEU A 138 -60.57 -18.50 0.23
C LEU A 138 -60.19 -19.84 0.84
N GLN A 139 -60.89 -20.88 0.42
CA GLN A 139 -60.48 -22.24 0.78
C GLN A 139 -59.17 -22.55 0.08
N PRO A 140 -58.18 -23.12 0.78
CA PRO A 140 -56.86 -23.30 0.15
C PRO A 140 -56.88 -24.17 -1.09
N ALA A 141 -57.53 -25.34 -1.04
CA ALA A 141 -57.55 -26.22 -2.20
C ALA A 141 -58.31 -25.60 -3.36
N LEU A 142 -59.43 -24.93 -3.09
CA LEU A 142 -60.17 -24.24 -4.14
C LEU A 142 -59.32 -23.14 -4.76
N TYR A 143 -58.60 -22.39 -3.94
CA TYR A 143 -57.70 -21.35 -4.43
C TYR A 143 -56.64 -21.94 -5.36
N ARG A 144 -56.02 -23.04 -4.94
CA ARG A 144 -54.98 -23.66 -5.75
C ARG A 144 -55.54 -24.20 -7.06
N ILE A 145 -56.76 -24.77 -7.02
CA ILE A 145 -57.34 -25.33 -8.25
C ILE A 145 -57.73 -24.20 -9.21
N LEU A 146 -58.26 -23.09 -8.68
CA LEU A 146 -58.55 -21.94 -9.51
C LEU A 146 -57.28 -21.38 -10.14
N VAL A 147 -56.19 -21.33 -9.38
CA VAL A 147 -54.92 -20.89 -9.94
C VAL A 147 -54.46 -21.83 -11.05
N ARG A 148 -54.64 -23.14 -10.85
CA ARG A 148 -54.23 -24.11 -11.87
C ARG A 148 -55.02 -23.93 -13.16
N TYR A 149 -56.34 -23.89 -13.06
CA TYR A 149 -57.18 -23.81 -14.26
C TYR A 149 -57.29 -22.39 -14.81
N GLY A 150 -56.61 -21.42 -14.23
CA GLY A 150 -56.62 -20.06 -14.74
C GLY A 150 -58.01 -19.45 -14.74
N ARG A 151 -58.68 -19.48 -13.59
CA ARG A 151 -60.03 -18.94 -13.46
C ARG A 151 -59.93 -17.51 -12.94
N VAL A 152 -59.61 -16.58 -13.85
CA VAL A 152 -59.54 -15.17 -13.50
C VAL A 152 -60.92 -14.63 -13.16
N ASP A 153 -61.97 -15.23 -13.73
CA ASP A 153 -63.33 -14.75 -13.45
C ASP A 153 -63.75 -15.12 -12.04
N LEU A 154 -63.39 -16.32 -11.56
CA LEU A 154 -63.79 -16.76 -10.24
C LEU A 154 -62.87 -16.25 -9.15
N MET A 155 -61.63 -15.87 -9.48
CA MET A 155 -60.69 -15.36 -8.49
C MET A 155 -61.03 -13.92 -8.13
N PRO A 156 -61.43 -13.65 -6.88
CA PRO A 156 -61.78 -12.28 -6.50
C PRO A 156 -60.54 -11.40 -6.41
N VAL A 157 -60.76 -10.10 -6.59
CA VAL A 157 -59.70 -9.10 -6.47
C VAL A 157 -59.84 -8.27 -5.21
N THR A 158 -60.91 -8.47 -4.43
CA THR A 158 -61.15 -7.69 -3.22
C THR A 158 -61.67 -8.64 -2.14
N VAL A 159 -61.24 -8.40 -0.91
CA VAL A 159 -61.65 -9.26 0.20
C VAL A 159 -63.16 -9.22 0.42
N ASP A 160 -63.79 -8.09 0.11
CA ASP A 160 -65.24 -7.98 0.26
C ASP A 160 -65.98 -8.73 -0.84
N GLU A 161 -65.37 -8.85 -2.02
CA GLU A 161 -65.99 -9.61 -3.11
C GLU A 161 -65.91 -11.12 -2.91
N VAL A 162 -65.26 -11.58 -1.84
CA VAL A 162 -65.13 -13.00 -1.55
C VAL A 162 -66.50 -13.55 -1.14
N PRO A 163 -67.05 -14.52 -1.87
CA PRO A 163 -68.34 -15.09 -1.48
C PRO A 163 -68.14 -16.20 -0.45
N PRO A 164 -69.07 -16.33 0.51
CA PRO A 164 -68.93 -17.39 1.51
C PRO A 164 -68.89 -18.79 0.90
N GLU A 165 -69.52 -19.00 -0.25
CA GLU A 165 -69.48 -20.29 -0.92
C GLU A 165 -68.09 -20.65 -1.42
N MET A 166 -67.13 -19.73 -1.34
CA MET A 166 -65.74 -20.00 -1.66
C MET A 166 -64.86 -20.02 -0.42
N ALA A 167 -65.44 -19.87 0.78
CA ALA A 167 -64.64 -19.83 2.00
C ALA A 167 -65.27 -20.65 3.11
N GLY A 168 -66.07 -20.01 3.97
CA GLY A 168 -66.64 -20.72 5.10
C GLY A 168 -67.68 -21.74 4.69
N GLU A 169 -68.60 -21.34 3.81
CA GLU A 169 -69.67 -22.22 3.34
C GLU A 169 -69.36 -22.81 1.97
N PHE A 170 -68.14 -23.31 1.82
CA PHE A 170 -67.67 -23.84 0.54
C PHE A 170 -68.57 -24.98 0.05
N GLU A 171 -69.16 -25.75 0.98
CA GLU A 171 -70.03 -26.84 0.59
C GLU A 171 -71.23 -26.38 -0.22
N ARG A 172 -71.57 -25.09 -0.14
CA ARG A 172 -72.65 -24.56 -0.98
C ARG A 172 -72.30 -24.66 -2.46
N LEU A 173 -71.02 -24.45 -2.80
CA LEU A 173 -70.63 -24.46 -4.20
C LEU A 173 -70.58 -25.88 -4.78
N ILE A 174 -70.21 -26.87 -3.97
CA ILE A 174 -70.17 -28.25 -4.46
C ILE A 174 -71.57 -28.75 -4.79
N GLU A 175 -72.48 -28.66 -3.81
CA GLU A 175 -73.85 -29.14 -4.00
C GLU A 175 -74.56 -28.46 -5.16
N ARG A 176 -74.09 -27.27 -5.57
CA ARG A 176 -74.70 -26.57 -6.69
C ARG A 176 -74.48 -27.27 -8.03
N TYR A 177 -73.46 -28.12 -8.14
CA TYR A 177 -73.11 -28.66 -9.45
C TYR A 177 -73.21 -30.19 -9.55
N ASP A 178 -73.79 -30.85 -8.54
CA ASP A 178 -73.96 -32.30 -8.55
C ASP A 178 -72.67 -33.03 -8.91
N VAL A 179 -71.76 -33.15 -7.95
CA VAL A 179 -70.45 -33.76 -8.17
C VAL A 179 -70.40 -35.06 -7.38
N PRO A 180 -70.09 -36.20 -8.01
CA PRO A 180 -69.97 -37.45 -7.26
C PRO A 180 -68.80 -37.41 -6.29
N ILE A 181 -68.98 -38.05 -5.14
CA ILE A 181 -68.01 -38.04 -4.06
C ILE A 181 -67.83 -39.46 -3.55
N ASP A 182 -66.58 -39.86 -3.32
CA ASP A 182 -66.26 -41.16 -2.77
C ASP A 182 -66.08 -41.06 -1.26
N GLU A 183 -65.79 -42.21 -0.63
CA GLU A 183 -65.73 -42.26 0.83
C GLU A 183 -64.55 -41.46 1.37
N LYS A 184 -63.42 -41.45 0.66
CA LYS A 184 -62.27 -40.67 1.11
C LYS A 184 -62.56 -39.18 1.08
N GLU A 185 -63.14 -38.70 -0.02
CA GLU A 185 -63.49 -37.28 -0.10
C GLU A 185 -64.59 -36.92 0.89
N GLU A 186 -65.48 -37.87 1.20
CA GLU A 186 -66.48 -37.60 2.24
C GLU A 186 -65.83 -37.48 3.61
N ARG A 187 -64.85 -38.33 3.89
CA ARG A 187 -64.11 -38.23 5.15
C ARG A 187 -63.29 -36.93 5.21
N ILE A 188 -62.82 -36.44 4.07
CA ILE A 188 -62.13 -35.16 4.05
C ILE A 188 -63.12 -34.01 4.31
N LEU A 189 -64.29 -34.09 3.69
CA LEU A 189 -65.29 -33.03 3.86
C LEU A 189 -65.85 -32.99 5.27
N GLU A 190 -65.97 -34.15 5.93
CA GLU A 190 -66.49 -34.17 7.30
C GLU A 190 -65.55 -33.47 8.27
N ILE A 191 -64.26 -33.37 7.94
CA ILE A 191 -63.32 -32.58 8.73
C ILE A 191 -63.28 -31.13 8.26
N LEU A 192 -63.38 -30.91 6.95
CA LEU A 192 -63.38 -29.56 6.41
C LEU A 192 -64.60 -28.77 6.85
N ARG A 193 -65.70 -29.44 7.20
CA ARG A 193 -66.86 -28.73 7.72
C ARG A 193 -66.57 -28.10 9.08
N GLU A 194 -65.70 -28.73 9.88
CA GLU A 194 -65.31 -28.14 11.16
C GLU A 194 -64.50 -26.87 10.95
N ASN A 195 -63.54 -26.89 10.04
CA ASN A 195 -62.70 -25.75 9.75
C ASN A 195 -62.16 -25.86 8.32
N PRO A 196 -62.61 -25.00 7.40
CA PRO A 196 -62.16 -25.12 6.00
C PRO A 196 -60.68 -24.85 5.81
N TRP A 197 -60.01 -24.22 6.78
CA TRP A 197 -58.59 -23.90 6.67
C TRP A 197 -57.72 -24.88 7.46
N THR A 198 -58.20 -26.11 7.64
CA THR A 198 -57.41 -27.12 8.33
C THR A 198 -56.24 -27.55 7.47
N PRO A 199 -55.02 -27.60 8.01
CA PRO A 199 -53.86 -27.99 7.20
C PRO A 199 -53.99 -29.42 6.71
N HIS A 200 -53.44 -29.67 5.52
CA HIS A 200 -53.46 -31.01 4.94
C HIS A 200 -52.68 -32.00 5.79
N ASP A 201 -51.65 -31.53 6.50
CA ASP A 201 -50.94 -32.39 7.44
C ASP A 201 -51.87 -32.87 8.54
N GLU A 202 -52.64 -31.95 9.13
CA GLU A 202 -53.60 -32.34 10.16
C GLU A 202 -54.68 -33.25 9.60
N ILE A 203 -55.11 -32.99 8.36
CA ILE A 203 -56.14 -33.83 7.74
C ILE A 203 -55.62 -35.26 7.57
N ALA A 204 -54.41 -35.41 7.04
CA ALA A 204 -53.83 -36.72 6.86
C ALA A 204 -53.52 -37.40 8.19
N ARG A 205 -53.24 -36.62 9.24
CA ARG A 205 -52.99 -37.19 10.56
C ARG A 205 -54.29 -37.74 11.15
N ARG A 206 -55.37 -36.96 11.08
CA ARG A 206 -56.63 -37.39 11.67
C ARG A 206 -57.29 -38.51 10.87
N LEU A 207 -57.14 -38.50 9.55
CA LEU A 207 -57.72 -39.54 8.70
C LEU A 207 -56.84 -40.78 8.61
N GLY A 208 -55.65 -40.76 9.19
CA GLY A 208 -54.75 -41.90 9.11
C GLY A 208 -54.29 -42.23 7.71
N LEU A 209 -54.07 -41.19 6.89
CA LEU A 209 -53.64 -41.36 5.51
C LEU A 209 -52.40 -40.50 5.28
N SER A 210 -51.89 -40.56 4.05
CA SER A 210 -50.78 -39.72 3.65
C SER A 210 -51.28 -38.41 3.06
N VAL A 211 -50.38 -37.41 3.03
CA VAL A 211 -50.73 -36.13 2.43
C VAL A 211 -51.03 -36.30 0.95
N SER A 212 -50.28 -37.17 0.27
CA SER A 212 -50.54 -37.44 -1.13
C SER A 212 -51.91 -38.10 -1.32
N GLU A 213 -52.29 -39.00 -0.40
CA GLU A 213 -53.60 -39.64 -0.49
C GLU A 213 -54.72 -38.65 -0.21
N VAL A 214 -54.49 -37.69 0.70
CA VAL A 214 -55.51 -36.69 1.00
C VAL A 214 -55.69 -35.74 -0.17
N GLU A 215 -54.58 -35.27 -0.75
CA GLU A 215 -54.67 -34.30 -1.84
C GLU A 215 -55.17 -34.97 -3.12
N GLY A 216 -54.44 -35.99 -3.60
CA GLY A 216 -54.80 -36.66 -4.83
C GLY A 216 -54.31 -35.90 -6.05
N GLU A 217 -54.58 -36.48 -7.21
CA GLU A 217 -54.19 -35.87 -8.47
C GLU A 217 -55.13 -34.71 -8.80
N LYS A 218 -54.55 -33.63 -9.32
CA LYS A 218 -55.31 -32.44 -9.69
C LYS A 218 -56.05 -32.70 -11.01
N ASP A 219 -57.05 -33.58 -10.92
CA ASP A 219 -57.83 -33.96 -12.08
C ASP A 219 -59.15 -34.54 -11.60
N PRO A 220 -60.27 -34.27 -12.28
CA PRO A 220 -61.55 -34.84 -11.84
C PRO A 220 -61.56 -36.36 -11.76
N GLU A 221 -60.77 -37.04 -12.60
CA GLU A 221 -60.72 -38.50 -12.61
C GLU A 221 -59.61 -38.96 -11.65
N SER A 222 -59.84 -38.72 -10.37
CA SER A 222 -58.92 -39.11 -9.31
C SER A 222 -59.69 -39.11 -7.99
N SER A 223 -58.95 -39.25 -6.89
CA SER A 223 -59.53 -39.26 -5.55
C SER A 223 -58.74 -38.33 -4.66
N GLY A 224 -59.43 -37.41 -4.02
CA GLY A 224 -58.80 -36.43 -3.14
C GLY A 224 -59.52 -35.10 -3.21
N ILE A 225 -59.08 -34.18 -2.36
CA ILE A 225 -59.70 -32.86 -2.32
C ILE A 225 -59.38 -32.08 -3.60
N TYR A 226 -58.17 -32.24 -4.12
CA TYR A 226 -57.84 -31.63 -5.41
C TYR A 226 -58.74 -32.15 -6.51
N SER A 227 -58.96 -33.47 -6.55
CA SER A 227 -59.83 -34.05 -7.57
C SER A 227 -61.26 -33.57 -7.40
N LEU A 228 -61.73 -33.45 -6.16
CA LEU A 228 -63.09 -32.98 -5.92
C LEU A 228 -63.27 -31.54 -6.40
N TRP A 229 -62.34 -30.66 -6.02
CA TRP A 229 -62.46 -29.27 -6.44
C TRP A 229 -62.28 -29.11 -7.95
N SER A 230 -61.45 -29.95 -8.58
CA SER A 230 -61.35 -29.92 -10.03
C SER A 230 -62.65 -30.36 -10.68
N ARG A 231 -63.27 -31.42 -10.14
CA ARG A 231 -64.56 -31.89 -10.64
C ARG A 231 -65.62 -30.79 -10.52
N VAL A 232 -65.56 -30.02 -9.43
CA VAL A 232 -66.52 -28.93 -9.25
C VAL A 232 -66.24 -27.80 -10.24
N VAL A 233 -64.96 -27.44 -10.42
CA VAL A 233 -64.61 -26.27 -11.22
C VAL A 233 -64.84 -26.52 -12.70
N VAL A 234 -64.55 -27.73 -13.18
CA VAL A 234 -64.66 -28.03 -14.61
C VAL A 234 -66.09 -27.82 -15.09
N ASN A 235 -67.08 -28.16 -14.26
CA ASN A 235 -68.48 -27.99 -14.64
C ASN A 235 -68.96 -26.55 -14.53
N ILE A 236 -68.10 -25.61 -14.19
CA ILE A 236 -68.46 -24.19 -14.10
C ILE A 236 -68.07 -23.50 -15.39
N GLU A 237 -69.01 -22.75 -15.97
CA GLU A 237 -68.75 -22.04 -17.22
C GLU A 237 -67.93 -20.78 -16.95
N TYR A 238 -67.16 -20.39 -17.95
CA TYR A 238 -66.27 -19.25 -17.82
C TYR A 238 -67.05 -17.94 -17.96
N ASP A 239 -66.87 -17.04 -16.99
CA ASP A 239 -67.55 -15.74 -16.98
C ASP A 239 -66.61 -14.71 -17.60
N GLU A 240 -66.72 -14.55 -18.91
CA GLU A 240 -65.79 -13.67 -19.64
C GLU A 240 -65.94 -12.23 -19.18
N ARG A 241 -67.15 -11.80 -18.87
CA ARG A 241 -67.36 -10.43 -18.41
C ARG A 241 -66.64 -10.17 -17.10
N THR A 242 -66.82 -11.07 -16.12
CA THR A 242 -66.16 -10.91 -14.83
C THR A 242 -64.64 -11.00 -14.99
N ALA A 243 -64.16 -11.87 -15.89
CA ALA A 243 -62.73 -11.95 -16.14
C ALA A 243 -62.19 -10.64 -16.68
N LYS A 244 -62.88 -10.06 -17.67
CA LYS A 244 -62.46 -8.77 -18.22
C LYS A 244 -62.46 -7.69 -17.15
N ARG A 245 -63.48 -7.68 -16.29
CA ARG A 245 -63.56 -6.66 -15.24
C ARG A 245 -62.41 -6.80 -14.24
N HIS A 246 -62.10 -8.03 -13.84
CA HIS A 246 -60.98 -8.24 -12.93
C HIS A 246 -59.66 -7.84 -13.57
N VAL A 247 -59.45 -8.19 -14.85
CA VAL A 247 -58.23 -7.81 -15.53
C VAL A 247 -58.11 -6.30 -15.62
N LYS A 248 -59.23 -5.61 -15.89
CA LYS A 248 -59.19 -4.16 -15.99
C LYS A 248 -58.95 -3.50 -14.64
N ARG A 249 -59.41 -4.11 -13.55
CA ARG A 249 -59.39 -3.44 -12.26
C ARG A 249 -58.15 -3.77 -11.42
N ARG A 250 -57.50 -4.91 -11.64
CA ARG A 250 -56.53 -5.41 -10.67
C ARG A 250 -55.27 -4.54 -10.59
N ASP A 251 -54.85 -3.93 -11.70
CA ASP A 251 -53.59 -3.19 -11.70
C ASP A 251 -53.66 -1.97 -10.80
N ARG A 252 -54.63 -1.07 -11.07
CA ARG A 252 -54.83 0.07 -10.20
C ARG A 252 -55.10 -0.35 -8.77
N LEU A 253 -55.80 -1.47 -8.60
CA LEU A 253 -56.01 -2.01 -7.26
C LEU A 253 -54.70 -2.41 -6.60
N LEU A 254 -53.77 -2.96 -7.38
CA LEU A 254 -52.47 -3.33 -6.83
C LEU A 254 -51.68 -2.09 -6.41
N GLU A 255 -51.70 -1.05 -7.23
CA GLU A 255 -51.00 0.18 -6.85
C GLU A 255 -51.66 0.82 -5.62
N GLU A 256 -52.98 0.71 -5.52
CA GLU A 256 -53.68 1.20 -4.33
C GLU A 256 -53.29 0.40 -3.10
N LEU A 257 -53.13 -0.92 -3.24
CA LEU A 257 -52.68 -1.73 -2.12
C LEU A 257 -51.25 -1.35 -1.70
N TYR A 258 -50.40 -1.04 -2.67
CA TYR A 258 -49.06 -0.57 -2.34
C TYR A 258 -49.10 0.76 -1.60
N GLU A 259 -49.99 1.66 -2.02
CA GLU A 259 -50.16 2.93 -1.30
C GLU A 259 -50.63 2.70 0.13
N HIS A 260 -51.60 1.78 0.32
CA HIS A 260 -52.06 1.46 1.66
C HIS A 260 -50.95 0.85 2.49
N LEU A 261 -50.10 0.03 1.87
CA LEU A 261 -48.97 -0.57 2.59
C LEU A 261 -47.99 0.50 3.04
N GLU A 262 -47.68 1.47 2.17
CA GLU A 262 -46.79 2.55 2.56
C GLU A 262 -47.43 3.41 3.66
N GLU A 263 -48.74 3.61 3.60
CA GLU A 263 -49.44 4.35 4.65
C GLU A 263 -49.33 3.64 5.99
N LEU A 264 -49.57 2.32 6.00
CA LEU A 264 -49.48 1.56 7.23
C LEU A 264 -48.05 1.49 7.75
N SER A 265 -47.06 1.48 6.86
CA SER A 265 -45.67 1.45 7.29
C SER A 265 -45.24 2.79 7.88
N GLU A 266 -45.67 3.90 7.27
CA GLU A 266 -45.36 5.22 7.80
C GLU A 266 -46.07 5.50 9.13
N ARG A 267 -47.00 4.64 9.54
CA ARG A 267 -47.72 4.80 10.81
C ARG A 267 -47.06 4.00 11.93
N TYR A 268 -46.95 2.68 11.74
CA TYR A 268 -46.41 1.81 12.78
C TYR A 268 -44.89 1.82 12.83
N LEU A 269 -44.22 2.25 11.76
CA LEU A 269 -42.77 2.29 11.72
C LEU A 269 -42.18 3.67 11.43
N ARG A 270 -43.00 4.63 11.01
CA ARG A 270 -42.57 5.99 10.68
C ARG A 270 -41.55 6.03 9.55
N HIS A 271 -41.55 5.00 8.69
CA HIS A 271 -40.66 4.97 7.53
C HIS A 271 -41.25 4.00 6.52
N PRO A 272 -41.10 4.27 5.23
CA PRO A 272 -41.70 3.41 4.21
C PRO A 272 -40.79 2.28 3.77
N LEU A 273 -41.41 1.25 3.21
CA LEU A 273 -40.72 0.07 2.68
C LEU A 273 -40.54 0.25 1.18
N THR A 274 -39.33 0.61 0.76
CA THR A 274 -39.06 0.81 -0.65
C THR A 274 -39.02 -0.52 -1.40
N ARG A 275 -39.19 -0.45 -2.71
CA ARG A 275 -39.14 -1.65 -3.54
C ARG A 275 -37.78 -2.32 -3.45
N ARG A 276 -36.70 -1.54 -3.43
CA ARG A 276 -35.37 -2.12 -3.32
C ARG A 276 -35.18 -2.77 -1.96
N TRP A 277 -35.70 -2.15 -0.89
CA TRP A 277 -35.64 -2.78 0.43
C TRP A 277 -36.41 -4.09 0.44
N ILE A 278 -37.57 -4.13 -0.22
CA ILE A 278 -38.35 -5.36 -0.28
C ILE A 278 -37.58 -6.45 -1.03
N VAL A 279 -36.93 -6.08 -2.14
CA VAL A 279 -36.16 -7.05 -2.91
C VAL A 279 -34.99 -7.57 -2.09
N GLU A 280 -34.28 -6.68 -1.38
CA GLU A 280 -33.14 -7.10 -0.57
C GLU A 280 -33.58 -7.97 0.60
N HIS A 281 -34.74 -7.67 1.20
CA HIS A 281 -35.23 -8.51 2.28
C HIS A 281 -35.67 -9.88 1.78
N LYS A 282 -36.31 -9.91 0.59
CA LYS A 282 -36.65 -11.18 -0.03
C LYS A 282 -35.40 -12.00 -0.29
N ARG A 283 -34.33 -11.36 -0.76
CA ARG A 283 -33.07 -12.07 -0.99
C ARG A 283 -32.47 -12.57 0.31
N ASP A 284 -32.50 -11.75 1.37
CA ASP A 284 -31.98 -12.18 2.66
C ASP A 284 -32.77 -13.36 3.21
N ILE A 285 -34.07 -13.42 2.92
CA ILE A 285 -34.88 -14.56 3.38
C ILE A 285 -34.54 -15.80 2.57
N MET A 286 -34.47 -15.67 1.25
CA MET A 286 -34.23 -16.80 0.37
C MET A 286 -32.77 -17.27 0.37
N ARG A 287 -31.86 -16.49 0.95
CA ARG A 287 -30.43 -16.82 0.92
C ARG A 287 -30.11 -18.06 1.74
N ARG A 288 -30.95 -18.41 2.72
CA ARG A 288 -30.72 -19.60 3.53
C ARG A 288 -30.82 -20.89 2.73
N TYR A 289 -31.26 -20.83 1.47
CA TYR A 289 -31.60 -22.02 0.71
C TYR A 289 -30.52 -22.34 -0.32
N LEU A 290 -30.14 -23.63 -0.38
CA LEU A 290 -29.16 -24.07 -1.34
C LEU A 290 -29.62 -23.81 -2.77
N GLU A 291 -30.94 -23.80 -3.01
CA GLU A 291 -31.45 -23.51 -4.34
C GLU A 291 -31.06 -22.09 -4.76
N GLN A 292 -31.25 -21.12 -3.87
CA GLN A 292 -30.85 -19.76 -4.18
C GLN A 292 -29.33 -19.61 -4.24
N ARG A 293 -28.60 -20.40 -3.44
CA ARG A 293 -27.14 -20.39 -3.56
C ARG A 293 -26.72 -20.90 -4.94
N ILE A 294 -27.43 -21.90 -5.46
CA ILE A 294 -27.15 -22.43 -6.79
C ILE A 294 -27.45 -21.37 -7.85
N VAL A 295 -28.57 -20.66 -7.70
CA VAL A 295 -28.90 -19.62 -8.65
C VAL A 295 -27.83 -18.53 -8.65
N GLU A 296 -27.36 -18.14 -7.45
CA GLU A 296 -26.32 -17.13 -7.36
C GLU A 296 -25.01 -17.61 -7.98
N CYS A 297 -24.65 -18.88 -7.75
CA CYS A 297 -23.42 -19.42 -8.34
C CYS A 297 -23.52 -19.45 -9.86
N ALA A 298 -24.68 -19.82 -10.39
CA ALA A 298 -24.85 -19.82 -11.85
C ALA A 298 -24.78 -18.40 -12.40
N LEU A 299 -25.36 -17.43 -11.69
CA LEU A 299 -25.30 -16.04 -12.14
C LEU A 299 -23.86 -15.54 -12.14
N LYS A 300 -23.07 -15.95 -11.14
CA LYS A 300 -21.67 -15.55 -11.12
C LYS A 300 -20.88 -16.22 -12.24
N LEU A 301 -21.17 -17.51 -12.51
CA LEU A 301 -20.50 -18.18 -13.62
C LEU A 301 -20.86 -17.54 -14.96
N GLN A 302 -22.07 -17.00 -15.09
CA GLN A 302 -22.45 -16.33 -16.31
C GLN A 302 -21.80 -14.95 -16.43
N ASP A 303 -21.78 -14.18 -15.34
CA ASP A 303 -21.28 -12.82 -15.40
C ASP A 303 -19.75 -12.77 -15.48
N ARG A 304 -19.07 -13.45 -14.55
CA ARG A 304 -17.62 -13.31 -14.43
C ARG A 304 -16.89 -14.16 -15.46
N TYR A 305 -17.29 -15.43 -15.59
CA TYR A 305 -16.56 -16.39 -16.43
C TYR A 305 -17.23 -16.62 -17.78
N GLY A 306 -18.38 -16.02 -18.03
CA GLY A 306 -19.03 -16.15 -19.33
C GLY A 306 -19.49 -17.55 -19.68
N ILE A 307 -19.92 -18.33 -18.69
CA ILE A 307 -20.42 -19.67 -18.94
C ILE A 307 -21.88 -19.60 -19.33
N ARG A 308 -22.29 -20.46 -20.27
CA ARG A 308 -23.68 -20.52 -20.69
C ARG A 308 -24.59 -20.79 -19.50
N GLU A 309 -25.86 -20.38 -19.64
CA GLU A 309 -26.79 -20.45 -18.52
C GLU A 309 -27.03 -21.89 -18.08
N ASP A 310 -27.30 -22.79 -19.03
CA ASP A 310 -27.61 -24.17 -18.70
C ASP A 310 -26.41 -24.86 -18.04
N VAL A 311 -25.21 -24.65 -18.59
CA VAL A 311 -24.02 -25.30 -18.05
C VAL A 311 -23.67 -24.74 -16.68
N ALA A 312 -23.83 -23.42 -16.50
CA ALA A 312 -23.59 -22.82 -15.20
C ALA A 312 -24.56 -23.35 -14.16
N LEU A 313 -25.83 -23.49 -14.52
CA LEU A 313 -26.80 -24.08 -13.60
C LEU A 313 -26.45 -25.52 -13.28
N CYS A 314 -26.03 -26.29 -14.28
CA CYS A 314 -25.64 -27.68 -14.03
C CYS A 314 -24.47 -27.76 -13.06
N LEU A 315 -23.46 -26.93 -13.27
CA LEU A 315 -22.30 -26.93 -12.36
C LEU A 315 -22.69 -26.52 -10.95
N ALA A 316 -23.51 -25.47 -10.83
CA ALA A 316 -23.91 -24.99 -9.50
C ALA A 316 -24.75 -26.03 -8.78
N ARG A 317 -25.59 -26.76 -9.52
CA ARG A 317 -26.37 -27.85 -8.90
C ARG A 317 -25.46 -28.98 -8.47
N ALA A 318 -24.52 -29.39 -9.33
CA ALA A 318 -23.67 -30.53 -9.03
C ALA A 318 -22.67 -30.24 -7.90
N PHE A 319 -22.33 -28.98 -7.67
CA PHE A 319 -21.31 -28.65 -6.68
C PHE A 319 -21.83 -27.72 -5.59
N ASP A 320 -23.14 -27.77 -5.33
CA ASP A 320 -23.77 -27.04 -4.23
C ASP A 320 -23.49 -25.54 -4.29
N GLY A 321 -23.23 -25.02 -5.49
CA GLY A 321 -22.97 -23.60 -5.66
C GLY A 321 -21.70 -23.11 -4.99
N SER A 322 -20.62 -23.86 -5.10
CA SER A 322 -19.34 -23.50 -4.49
C SER A 322 -18.31 -23.31 -5.62
N ILE A 323 -18.03 -22.04 -5.95
CA ILE A 323 -17.03 -21.74 -6.97
C ILE A 323 -15.66 -22.23 -6.54
N SER A 324 -15.34 -22.12 -5.25
CA SER A 324 -14.07 -22.63 -4.74
C SER A 324 -13.95 -24.14 -4.93
N MET A 325 -15.07 -24.86 -4.82
CA MET A 325 -15.04 -26.30 -5.05
C MET A 325 -14.93 -26.61 -6.54
N ILE A 326 -15.65 -25.86 -7.39
CA ILE A 326 -15.56 -26.09 -8.82
C ILE A 326 -14.14 -25.83 -9.33
N ALA A 327 -13.45 -24.85 -8.73
CA ALA A 327 -12.09 -24.54 -9.13
C ALA A 327 -11.08 -25.60 -8.69
N THR A 328 -11.47 -26.52 -7.81
CA THR A 328 -10.61 -27.61 -7.38
C THR A 328 -11.08 -28.97 -7.90
N THR A 329 -12.00 -28.97 -8.87
CA THR A 329 -12.56 -30.19 -9.44
C THR A 329 -11.95 -30.44 -10.81
N PRO A 330 -11.50 -31.66 -11.10
CA PRO A 330 -10.86 -31.93 -12.39
C PRO A 330 -11.85 -31.90 -13.55
N TYR A 331 -11.28 -31.72 -14.74
CA TYR A 331 -12.09 -31.60 -15.95
C TYR A 331 -12.90 -32.86 -16.24
N ARG A 332 -12.36 -34.04 -15.91
CA ARG A 332 -13.12 -35.26 -16.15
C ARG A 332 -14.37 -35.32 -15.27
N THR A 333 -14.25 -34.91 -14.01
CA THR A 333 -15.42 -34.86 -13.14
C THR A 333 -16.40 -33.80 -13.60
N LEU A 334 -15.88 -32.65 -14.05
CA LEU A 334 -16.76 -31.60 -14.55
C LEU A 334 -17.55 -32.09 -15.77
N LYS A 335 -16.91 -32.87 -16.64
CA LYS A 335 -17.61 -33.40 -17.81
C LYS A 335 -18.56 -34.53 -17.43
N ASP A 336 -18.22 -35.31 -16.40
CA ASP A 336 -19.13 -36.34 -15.91
C ASP A 336 -20.42 -35.72 -15.38
N VAL A 337 -20.30 -34.60 -14.66
CA VAL A 337 -21.49 -33.99 -14.08
C VAL A 337 -22.24 -33.14 -15.10
N CYS A 338 -21.53 -32.53 -16.05
CA CYS A 338 -22.16 -31.70 -17.08
C CYS A 338 -21.47 -31.96 -18.41
N PRO A 339 -21.99 -32.92 -19.19
CA PRO A 339 -21.32 -33.28 -20.45
C PRO A 339 -21.34 -32.18 -21.49
N ASP A 340 -22.27 -31.23 -21.41
CA ASP A 340 -22.31 -30.12 -22.37
C ASP A 340 -21.21 -29.09 -22.13
N LEU A 341 -20.53 -29.16 -20.99
CA LEU A 341 -19.47 -28.21 -20.67
C LEU A 341 -18.34 -28.28 -21.70
N THR A 342 -17.81 -27.12 -22.07
CA THR A 342 -16.68 -27.04 -22.97
C THR A 342 -15.38 -26.93 -22.17
N LEU A 343 -14.29 -27.34 -22.83
CA LEU A 343 -12.98 -27.26 -22.18
C LEU A 343 -12.60 -25.82 -21.89
N GLU A 344 -12.98 -24.88 -22.75
CA GLU A 344 -12.66 -23.48 -22.51
C GLU A 344 -13.41 -22.94 -21.30
N GLU A 345 -14.68 -23.32 -21.14
CA GLU A 345 -15.42 -22.92 -19.94
C GLU A 345 -14.83 -23.55 -18.69
N ALA A 346 -14.43 -24.83 -18.78
CA ALA A 346 -13.79 -25.48 -17.65
C ALA A 346 -12.48 -24.79 -17.28
N LYS A 347 -11.73 -24.32 -18.28
CA LYS A 347 -10.50 -23.58 -18.00
C LYS A 347 -10.80 -22.22 -17.39
N SER A 348 -11.83 -21.54 -17.87
CA SER A 348 -12.19 -20.24 -17.33
C SER A 348 -12.61 -20.35 -15.87
N VAL A 349 -13.33 -21.42 -15.52
CA VAL A 349 -13.77 -21.55 -14.13
C VAL A 349 -12.67 -22.13 -13.24
N ASN A 350 -11.81 -23.01 -13.77
CA ASN A 350 -10.71 -23.61 -13.02
C ASN A 350 -9.41 -22.97 -13.50
N ARG A 351 -8.96 -21.94 -12.77
CA ARG A 351 -7.75 -21.22 -13.16
C ARG A 351 -6.52 -22.12 -13.11
N THR A 352 -6.49 -23.08 -12.18
CA THR A 352 -5.39 -24.03 -12.13
C THR A 352 -5.34 -24.87 -13.40
N LEU A 353 -6.48 -25.41 -13.81
CA LEU A 353 -6.55 -26.19 -15.05
C LEU A 353 -6.14 -25.34 -16.25
N ALA A 354 -6.62 -24.09 -16.30
CA ALA A 354 -6.28 -23.22 -17.42
C ALA A 354 -4.78 -22.95 -17.48
N THR A 355 -4.17 -22.65 -16.32
CA THR A 355 -2.75 -22.38 -16.29
C THR A 355 -1.95 -23.61 -16.69
N LEU A 356 -2.32 -24.79 -16.17
CA LEU A 356 -1.60 -26.01 -16.51
C LEU A 356 -1.71 -26.32 -17.99
N ILE A 357 -2.87 -26.10 -18.59
CA ILE A 357 -3.06 -26.45 -20.00
C ILE A 357 -2.32 -25.45 -20.89
N ASP A 358 -2.56 -24.16 -20.69
CA ASP A 358 -2.05 -23.15 -21.61
C ASP A 358 -0.61 -22.75 -21.29
N GLU A 359 -0.34 -22.33 -20.06
CA GLU A 359 0.98 -21.81 -19.72
C GLU A 359 2.04 -22.89 -19.65
N HIS A 360 1.65 -24.16 -19.51
CA HIS A 360 2.60 -25.25 -19.36
C HIS A 360 2.43 -26.35 -20.41
N GLY A 361 1.47 -26.24 -21.31
CA GLY A 361 1.32 -27.21 -22.38
C GLY A 361 0.96 -28.60 -21.93
N LEU A 362 0.27 -28.73 -20.80
CA LEU A 362 -0.14 -30.04 -20.32
C LEU A 362 -1.41 -30.51 -21.00
N SER A 363 -1.57 -31.82 -21.06
CA SER A 363 -2.81 -32.40 -21.55
C SER A 363 -3.89 -32.25 -20.49
N PRO A 364 -5.16 -32.36 -20.87
CA PRO A 364 -6.24 -32.30 -19.87
C PRO A 364 -6.09 -33.34 -18.77
N ASP A 365 -5.73 -34.58 -19.14
CA ASP A 365 -5.58 -35.62 -18.13
C ASP A 365 -4.34 -35.37 -17.26
N ALA A 366 -3.25 -34.92 -17.86
CA ALA A 366 -2.05 -34.60 -17.08
C ALA A 366 -2.32 -33.45 -16.12
N ALA A 367 -3.18 -32.51 -16.49
CA ALA A 367 -3.53 -31.43 -15.58
C ALA A 367 -4.47 -31.91 -14.49
N ASP A 368 -5.45 -32.75 -14.85
CA ASP A 368 -6.34 -33.33 -13.85
C ASP A 368 -5.57 -34.16 -12.84
N GLU A 369 -4.44 -34.74 -13.25
CA GLU A 369 -3.57 -35.43 -12.32
C GLU A 369 -3.13 -34.51 -11.19
N LEU A 370 -2.49 -33.39 -11.55
CA LEU A 370 -2.05 -32.42 -10.55
C LEU A 370 -3.23 -31.84 -9.78
N ILE A 371 -4.39 -31.69 -10.43
CA ILE A 371 -5.56 -31.15 -9.74
C ILE A 371 -6.01 -32.11 -8.64
N GLU A 372 -6.10 -33.40 -8.97
CA GLU A 372 -6.48 -34.38 -7.96
C GLU A 372 -5.45 -34.45 -6.84
N HIS A 373 -4.17 -34.34 -7.16
CA HIS A 373 -3.15 -34.57 -6.15
C HIS A 373 -2.82 -33.34 -5.30
N PHE A 374 -3.07 -32.12 -5.80
CA PHE A 374 -2.66 -30.93 -5.06
C PHE A 374 -3.70 -29.81 -5.13
N GLU A 375 -4.93 -30.10 -5.54
CA GLU A 375 -6.04 -29.15 -5.58
C GLU A 375 -5.77 -27.95 -6.46
N SER A 376 -4.75 -27.14 -6.15
CA SER A 376 -4.52 -25.89 -6.85
C SER A 376 -3.03 -25.65 -7.02
N ILE A 377 -2.70 -24.58 -7.74
CA ILE A 377 -1.30 -24.15 -7.88
C ILE A 377 -0.72 -23.81 -6.51
N ALA A 378 -1.54 -23.22 -5.63
CA ALA A 378 -1.09 -22.97 -4.26
C ALA A 378 -0.81 -24.29 -3.55
N GLY A 379 -1.62 -25.32 -3.81
CA GLY A 379 -1.34 -26.63 -3.24
C GLY A 379 -0.04 -27.22 -3.74
N ILE A 380 0.26 -27.03 -5.04
CA ILE A 380 1.53 -27.49 -5.58
C ILE A 380 2.69 -26.75 -4.93
N LEU A 381 2.54 -25.43 -4.76
CA LEU A 381 3.59 -24.64 -4.13
C LEU A 381 3.76 -24.97 -2.65
N ALA A 382 2.72 -25.49 -2.00
CA ALA A 382 2.81 -25.88 -0.60
C ALA A 382 3.26 -27.33 -0.41
N THR A 383 3.16 -28.16 -1.44
CA THR A 383 3.55 -29.56 -1.32
C THR A 383 5.07 -29.69 -1.41
N ASP A 384 5.59 -30.67 -0.67
CA ASP A 384 7.04 -30.85 -0.60
C ASP A 384 7.57 -31.51 -1.88
N LEU A 385 8.72 -31.02 -2.32
CA LEU A 385 9.37 -31.59 -3.51
C LEU A 385 9.73 -33.06 -3.29
N GLU A 386 10.10 -33.42 -2.06
CA GLU A 386 10.36 -34.84 -1.78
C GLU A 386 9.11 -35.68 -1.98
N GLU A 387 7.95 -35.18 -1.54
CA GLU A 387 6.71 -35.91 -1.75
C GLU A 387 6.38 -36.02 -3.24
N ILE A 388 6.60 -34.94 -3.99
CA ILE A 388 6.31 -35.00 -5.44
C ILE A 388 7.25 -35.99 -6.13
N GLU A 389 8.53 -35.98 -5.76
CA GLU A 389 9.48 -36.92 -6.34
C GLU A 389 9.14 -38.36 -5.99
N ARG A 390 8.68 -38.60 -4.75
CA ARG A 390 8.27 -39.94 -4.37
C ARG A 390 7.05 -40.38 -5.16
N MET A 391 6.09 -39.48 -5.36
CA MET A 391 4.91 -39.80 -6.16
C MET A 391 5.30 -40.11 -7.59
N TYR A 392 6.31 -39.43 -8.12
CA TYR A 392 6.77 -39.72 -9.48
C TYR A 392 7.51 -41.06 -9.54
N GLU A 393 8.36 -41.34 -8.55
CA GLU A 393 9.09 -42.61 -8.53
C GLU A 393 8.14 -43.79 -8.43
N GLU A 394 7.12 -43.68 -7.58
CA GLU A 394 6.16 -44.77 -7.42
C GLU A 394 5.25 -44.97 -8.62
N GLY A 395 5.43 -44.23 -9.72
CA GLY A 395 4.57 -44.38 -10.87
C GLY A 395 3.18 -43.80 -10.71
N ARG A 396 2.92 -43.10 -9.61
CA ARG A 396 1.62 -42.49 -9.35
C ARG A 396 1.47 -41.11 -9.99
N LEU A 397 2.54 -40.56 -10.55
CA LEU A 397 2.50 -39.25 -11.19
C LEU A 397 3.22 -39.32 -12.52
N SER A 398 2.59 -38.81 -13.57
CA SER A 398 3.14 -38.86 -14.91
C SER A 398 4.35 -37.95 -15.04
N GLU A 399 5.17 -38.24 -16.06
CA GLU A 399 6.37 -37.44 -16.31
C GLU A 399 6.02 -35.99 -16.59
N GLU A 400 4.99 -35.75 -17.41
CA GLU A 400 4.61 -34.38 -17.75
C GLU A 400 4.17 -33.61 -16.52
N ALA A 401 3.30 -34.21 -15.70
CA ALA A 401 2.82 -33.54 -14.50
C ALA A 401 3.96 -33.30 -13.52
N TYR A 402 4.87 -34.25 -13.38
CA TYR A 402 6.00 -34.07 -12.48
C TYR A 402 6.89 -32.92 -12.93
N ARG A 403 7.24 -32.89 -14.22
CA ARG A 403 8.07 -31.80 -14.73
C ARG A 403 7.36 -30.45 -14.57
N ALA A 404 6.05 -30.41 -14.81
CA ALA A 404 5.31 -29.17 -14.67
C ALA A 404 5.32 -28.68 -13.22
N ALA A 405 5.09 -29.60 -12.27
CA ALA A 405 5.08 -29.21 -10.86
C ALA A 405 6.46 -28.73 -10.42
N VAL A 406 7.51 -29.42 -10.86
CA VAL A 406 8.87 -29.02 -10.47
C VAL A 406 9.19 -27.65 -11.06
N GLU A 407 8.80 -27.41 -12.31
CA GLU A 407 9.06 -26.11 -12.93
C GLU A 407 8.29 -25.00 -12.23
N ILE A 408 7.06 -25.29 -11.79
CA ILE A 408 6.28 -24.29 -11.06
C ILE A 408 6.97 -23.94 -9.75
N GLN A 409 7.31 -24.96 -8.96
CA GLN A 409 7.98 -24.73 -7.68
C GLN A 409 9.30 -23.99 -7.86
N LEU A 410 10.02 -24.28 -8.93
CA LEU A 410 11.29 -23.59 -9.18
C LEU A 410 11.06 -22.15 -9.60
N ALA A 411 10.09 -21.90 -10.48
CA ALA A 411 9.83 -20.54 -10.95
C ALA A 411 9.39 -19.64 -9.80
N GLU A 412 8.60 -20.18 -8.88
CA GLU A 412 8.16 -19.39 -7.73
C GLU A 412 9.31 -18.83 -6.91
N LEU A 413 10.50 -19.41 -7.02
CA LEU A 413 11.69 -18.90 -6.36
C LEU A 413 12.63 -18.16 -7.31
N THR A 414 12.76 -18.63 -8.55
CA THR A 414 13.66 -17.99 -9.51
C THR A 414 13.14 -16.66 -10.01
N LYS A 415 11.84 -16.37 -9.80
CA LYS A 415 11.34 -15.04 -10.17
C LYS A 415 11.97 -13.94 -9.32
N LYS A 416 12.60 -14.30 -8.20
CA LYS A 416 13.30 -13.34 -7.38
C LYS A 416 14.71 -13.10 -7.91
N GLU A 417 15.23 -11.91 -7.64
CA GLU A 417 16.57 -11.56 -8.10
C GLU A 417 17.63 -12.29 -7.29
N GLY A 418 18.65 -12.79 -7.98
CA GLY A 418 19.74 -13.51 -7.34
C GLY A 418 19.49 -14.99 -7.14
N VAL A 419 18.29 -15.48 -7.39
CA VAL A 419 17.94 -16.88 -7.20
C VAL A 419 17.99 -17.58 -8.56
N GLY A 420 19.02 -18.42 -8.74
CA GLY A 420 19.11 -19.24 -9.93
C GLY A 420 18.37 -20.55 -9.77
N ARG A 421 18.43 -21.38 -10.82
CA ARG A 421 17.77 -22.68 -10.77
C ARG A 421 18.44 -23.60 -9.76
N LYS A 422 19.78 -23.58 -9.71
CA LYS A 422 20.49 -24.42 -8.74
C LYS A 422 20.15 -24.00 -7.31
N THR A 423 20.17 -22.69 -7.04
CA THR A 423 19.85 -22.20 -5.70
C THR A 423 18.40 -22.49 -5.35
N ALA A 424 17.48 -22.37 -6.30
CA ALA A 424 16.09 -22.69 -6.03
C ALA A 424 15.90 -24.17 -5.73
N GLU A 425 16.59 -25.04 -6.47
CA GLU A 425 16.49 -26.46 -6.20
C GLU A 425 17.08 -26.80 -4.83
N ARG A 426 18.20 -26.17 -4.47
CA ARG A 426 18.78 -26.41 -3.15
C ARG A 426 17.85 -25.92 -2.05
N LEU A 427 17.19 -24.78 -2.26
CA LEU A 427 16.23 -24.28 -1.28
C LEU A 427 15.04 -25.22 -1.15
N LEU A 428 14.58 -25.78 -2.26
CA LEU A 428 13.49 -26.74 -2.20
C LEU A 428 13.90 -27.99 -1.43
N ARG A 429 15.10 -28.50 -1.71
CA ARG A 429 15.60 -29.66 -0.96
C ARG A 429 15.72 -29.36 0.52
N ALA A 430 16.16 -28.14 0.87
CA ALA A 430 16.40 -27.81 2.26
C ALA A 430 15.10 -27.60 3.04
N PHE A 431 14.18 -26.83 2.47
CA PHE A 431 13.00 -26.36 3.21
C PHE A 431 11.69 -26.82 2.57
N GLY A 432 11.71 -27.93 1.85
CA GLY A 432 10.48 -28.53 1.37
C GLY A 432 9.80 -27.84 0.21
N ASN A 433 9.25 -26.66 0.43
CA ASN A 433 8.40 -26.01 -0.56
C ASN A 433 8.65 -24.51 -0.56
N PRO A 434 8.38 -23.84 -1.69
CA PRO A 434 8.61 -22.39 -1.74
C PRO A 434 7.73 -21.60 -0.78
N GLU A 435 6.56 -22.10 -0.42
CA GLU A 435 5.76 -21.43 0.60
C GLU A 435 6.45 -21.50 1.96
N ARG A 436 7.07 -22.63 2.28
CA ARG A 436 7.87 -22.72 3.49
C ARG A 436 9.07 -21.79 3.43
N VAL A 437 9.67 -21.65 2.24
CA VAL A 437 10.79 -20.71 2.09
C VAL A 437 10.31 -19.27 2.35
N LYS A 438 9.14 -18.91 1.80
CA LYS A 438 8.58 -17.59 2.03
C LYS A 438 8.27 -17.36 3.50
N GLN A 439 7.75 -18.39 4.17
CA GLN A 439 7.44 -18.25 5.60
C GLN A 439 8.72 -18.06 6.41
N LEU A 440 9.78 -18.79 6.06
CA LEU A 440 11.05 -18.61 6.74
C LEU A 440 11.61 -17.21 6.50
N ALA A 441 11.40 -16.68 5.29
CA ALA A 441 11.86 -15.32 5.01
C ALA A 441 11.05 -14.29 5.80
N ARG A 442 9.75 -14.52 5.97
CA ARG A 442 8.93 -13.63 6.76
C ARG A 442 9.33 -13.68 8.23
N GLU A 443 9.66 -14.87 8.74
CA GLU A 443 10.11 -15.03 10.12
C GLU A 443 11.53 -14.55 10.34
N PHE A 444 12.16 -13.96 9.31
CA PHE A 444 13.50 -13.38 9.41
C PHE A 444 14.56 -14.43 9.79
N GLU A 445 14.38 -15.67 9.34
CA GLU A 445 15.38 -16.73 9.58
C GLU A 445 16.52 -16.56 8.57
N ILE A 446 17.26 -15.46 8.75
CA ILE A 446 18.26 -15.07 7.76
C ILE A 446 19.43 -16.04 7.76
N GLU A 447 19.92 -16.43 8.94
CA GLU A 447 21.02 -17.39 8.99
C GLU A 447 20.57 -18.75 8.47
N LYS A 448 19.36 -19.18 8.82
CA LYS A 448 18.84 -20.45 8.33
C LYS A 448 18.74 -20.46 6.82
N LEU A 449 18.36 -19.34 6.22
CA LEU A 449 18.30 -19.26 4.76
C LEU A 449 19.71 -19.24 4.16
N ALA A 450 20.62 -18.49 4.77
CA ALA A 450 21.99 -18.38 4.26
C ALA A 450 22.78 -19.67 4.44
N SER A 451 22.31 -20.60 5.26
CA SER A 451 22.99 -21.89 5.40
C SER A 451 22.99 -22.69 4.11
N VAL A 452 22.12 -22.35 3.16
CA VAL A 452 22.01 -23.06 1.90
C VAL A 452 22.99 -22.45 0.90
N GLU A 453 23.61 -23.31 0.10
CA GLU A 453 24.53 -22.83 -0.93
C GLU A 453 23.77 -22.07 -2.00
N GLY A 454 24.32 -20.92 -2.40
CA GLY A 454 23.70 -20.05 -3.38
C GLY A 454 22.94 -18.89 -2.80
N VAL A 455 22.50 -18.99 -1.53
CA VAL A 455 21.79 -17.91 -0.88
C VAL A 455 22.78 -16.85 -0.41
N GLY A 456 23.01 -15.84 -1.24
CA GLY A 456 23.92 -14.76 -0.94
C GLY A 456 23.21 -13.52 -0.44
N GLU A 457 23.95 -12.40 -0.44
CA GLU A 457 23.39 -11.14 0.01
C GLU A 457 22.22 -10.72 -0.87
N ARG A 458 22.33 -10.92 -2.19
CA ARG A 458 21.24 -10.53 -3.08
C ARG A 458 20.00 -11.38 -2.84
N VAL A 459 20.18 -12.69 -2.63
CA VAL A 459 19.04 -13.55 -2.34
C VAL A 459 18.38 -13.14 -1.03
N LEU A 460 19.20 -12.81 -0.02
CA LEU A 460 18.64 -12.38 1.26
C LEU A 460 17.87 -11.06 1.12
N ARG A 461 18.42 -10.11 0.34
CA ARG A 461 17.73 -8.84 0.13
C ARG A 461 16.42 -9.04 -0.62
N SER A 462 16.40 -9.98 -1.58
CA SER A 462 15.19 -10.21 -2.36
C SER A 462 14.14 -10.99 -1.58
N LEU A 463 14.55 -11.83 -0.63
CA LEU A 463 13.61 -12.66 0.11
C LEU A 463 13.13 -12.00 1.41
N VAL A 464 14.06 -11.66 2.29
CA VAL A 464 13.74 -11.09 3.60
C VAL A 464 13.45 -9.61 3.47
N PRO A 465 12.23 -9.16 3.78
CA PRO A 465 11.91 -7.73 3.67
C PRO A 465 12.59 -6.93 4.78
N GLY A 466 13.25 -5.83 4.39
CA GLY A 466 13.94 -4.97 5.32
C GLY A 466 15.37 -5.35 5.59
N TYR A 467 15.77 -6.58 5.25
CA TYR A 467 17.16 -6.99 5.47
C TYR A 467 18.12 -6.11 4.69
N ALA A 468 17.74 -5.72 3.47
CA ALA A 468 18.57 -4.82 2.69
C ALA A 468 18.73 -3.47 3.39
N SER A 469 17.61 -2.88 3.82
CA SER A 469 17.65 -1.58 4.48
C SER A 469 18.48 -1.62 5.76
N LEU A 470 18.46 -2.74 6.47
CA LEU A 470 19.25 -2.84 7.70
C LEU A 470 20.73 -3.08 7.40
N ILE A 471 21.04 -4.03 6.53
CA ILE A 471 22.43 -4.40 6.27
C ILE A 471 23.17 -3.31 5.51
N SER A 472 22.45 -2.42 4.82
CA SER A 472 23.12 -1.33 4.10
C SER A 472 23.67 -0.24 5.02
N ILE A 473 23.59 -0.42 6.34
CA ILE A 473 24.09 0.55 7.32
C ILE A 473 25.43 0.06 7.84
N ARG A 474 26.39 0.97 7.96
CA ARG A 474 27.71 0.61 8.45
C ARG A 474 27.64 0.15 9.91
N GLY A 475 28.35 -0.93 10.21
CA GLY A 475 28.40 -1.48 11.54
C GLY A 475 27.35 -2.54 11.83
N ILE A 476 26.24 -2.54 11.10
CA ILE A 476 25.18 -3.52 11.28
C ILE A 476 25.51 -4.76 10.46
N ASP A 477 25.67 -5.90 11.12
CA ASP A 477 25.95 -7.15 10.45
C ASP A 477 24.68 -7.99 10.35
N ARG A 478 24.83 -9.18 9.77
CA ARG A 478 23.68 -10.06 9.53
C ARG A 478 23.03 -10.47 10.85
N GLU A 479 23.83 -10.83 11.85
CA GLU A 479 23.28 -11.23 13.14
C GLU A 479 22.52 -10.09 13.80
N ARG A 480 23.08 -8.88 13.75
CA ARG A 480 22.41 -7.73 14.37
C ARG A 480 21.11 -7.41 13.64
N ALA A 481 21.12 -7.45 12.31
CA ALA A 481 19.90 -7.19 11.56
C ALA A 481 18.83 -8.22 11.86
N GLU A 482 19.22 -9.50 11.94
CA GLU A 482 18.27 -10.55 12.26
C GLU A 482 17.69 -10.36 13.66
N ARG A 483 18.54 -10.00 14.63
CA ARG A 483 18.07 -9.78 15.99
C ARG A 483 17.07 -8.62 16.03
N LEU A 484 17.41 -7.50 15.37
CA LEU A 484 16.52 -6.34 15.37
C LEU A 484 15.17 -6.68 14.73
N LEU A 485 15.21 -7.37 13.57
CA LEU A 485 13.98 -7.73 12.89
C LEU A 485 13.13 -8.66 13.75
N LYS A 486 13.73 -9.72 14.31
CA LYS A 486 12.96 -10.66 15.11
C LYS A 486 12.44 -10.02 16.39
N LYS A 487 13.15 -9.03 16.93
CA LYS A 487 12.71 -8.38 18.15
C LYS A 487 11.53 -7.45 17.89
N TYR A 488 11.67 -6.55 16.92
CA TYR A 488 10.67 -5.50 16.75
C TYR A 488 9.51 -5.91 15.85
N GLY A 489 9.73 -6.83 14.92
CA GLY A 489 8.66 -7.26 14.04
C GLY A 489 8.58 -6.48 12.75
N GLY A 490 9.69 -6.37 12.04
CA GLY A 490 9.70 -5.70 10.77
C GLY A 490 10.53 -4.42 10.81
N TYR A 491 11.04 -4.04 9.63
CA TYR A 491 11.83 -2.81 9.53
C TYR A 491 10.99 -1.58 9.87
N SER A 492 9.69 -1.61 9.59
CA SER A 492 8.82 -0.51 9.99
C SER A 492 8.82 -0.33 11.50
N LYS A 493 8.72 -1.44 12.25
CA LYS A 493 8.75 -1.34 13.70
C LYS A 493 10.13 -0.97 14.21
N VAL A 494 11.19 -1.45 13.56
CA VAL A 494 12.54 -1.05 13.95
C VAL A 494 12.72 0.45 13.78
N ARG A 495 12.13 1.02 12.72
CA ARG A 495 12.21 2.46 12.49
C ARG A 495 11.34 3.22 13.49
N GLU A 496 10.16 2.70 13.80
CA GLU A 496 9.28 3.32 14.78
C GLU A 496 9.80 3.19 16.21
N ALA A 497 10.79 2.33 16.44
CA ALA A 497 11.33 2.14 17.78
C ALA A 497 11.93 3.45 18.31
N GLY A 498 12.08 3.50 19.63
CA GLY A 498 12.62 4.68 20.26
C GLY A 498 14.14 4.70 20.26
N VAL A 499 14.68 5.92 20.36
CA VAL A 499 16.14 6.08 20.35
C VAL A 499 16.76 5.42 21.56
N GLU A 500 16.10 5.53 22.72
CA GLU A 500 16.66 4.96 23.94
C GLU A 500 16.72 3.43 23.86
N GLU A 501 15.68 2.79 23.32
CA GLU A 501 15.72 1.34 23.21
C GLU A 501 16.63 0.87 22.08
N LEU A 502 16.77 1.66 21.01
CA LEU A 502 17.76 1.33 19.99
C LEU A 502 19.17 1.42 20.56
N ARG A 503 19.41 2.37 21.45
CA ARG A 503 20.70 2.42 22.14
C ARG A 503 20.86 1.25 23.10
N GLU A 504 19.77 0.85 23.75
CA GLU A 504 19.80 -0.35 24.60
C GLU A 504 20.17 -1.59 23.80
N ASP A 505 19.74 -1.66 22.54
CA ASP A 505 20.13 -2.76 21.67
C ASP A 505 21.58 -2.69 21.24
N GLY A 506 22.28 -1.59 21.55
CA GLY A 506 23.67 -1.47 21.19
C GLY A 506 23.95 -0.75 19.89
N LEU A 507 22.98 0.00 19.37
CA LEU A 507 23.17 0.70 18.10
C LEU A 507 23.83 2.05 18.34
N THR A 508 24.82 2.37 17.49
CA THR A 508 25.48 3.65 17.57
C THR A 508 24.51 4.77 17.22
N ASP A 509 24.81 5.98 17.73
CA ASP A 509 24.01 7.14 17.39
C ASP A 509 24.03 7.40 15.89
N ALA A 510 25.17 7.15 15.24
CA ALA A 510 25.23 7.30 13.79
C ALA A 510 24.35 6.28 13.09
N GLN A 511 24.34 5.03 13.59
CA GLN A 511 23.47 4.02 13.02
C GLN A 511 22.00 4.39 13.17
N ILE A 512 21.63 4.91 14.34
CA ILE A 512 20.24 5.30 14.57
C ILE A 512 19.87 6.49 13.69
N ARG A 513 20.81 7.42 13.50
CA ARG A 513 20.57 8.55 12.62
C ARG A 513 20.35 8.10 11.18
N GLU A 514 21.20 7.20 10.69
CA GLU A 514 21.05 6.68 9.34
C GLU A 514 19.77 5.86 9.20
N LEU A 515 19.33 5.20 10.27
CA LEU A 515 18.11 4.40 10.22
C LEU A 515 16.87 5.28 10.16
N LYS A 516 16.81 6.30 11.01
CA LYS A 516 15.64 7.17 11.08
C LYS A 516 15.66 8.31 10.07
N GLY A 517 16.77 8.50 9.35
CA GLY A 517 16.85 9.54 8.34
C GLY A 517 16.74 10.95 8.89
N LEU A 518 17.21 11.18 10.11
CA LEU A 518 17.16 12.50 10.74
C LEU A 518 18.53 13.17 10.75
N LYS A 519 19.31 12.99 9.67
CA LYS A 519 20.62 13.59 9.61
C LYS A 519 20.54 15.10 9.45
N THR A 520 19.54 15.59 8.72
CA THR A 520 19.33 17.03 8.60
C THR A 520 18.65 17.58 9.85
N LEU A 521 17.71 16.83 10.43
CA LEU A 521 17.07 17.27 11.66
C LEU A 521 18.07 17.33 12.82
N GLU A 522 19.09 16.49 12.80
CA GLU A 522 20.17 16.60 13.78
C GLU A 522 21.20 17.66 13.38
N SER A 523 21.14 18.16 12.15
CA SER A 523 21.90 19.35 11.81
C SER A 523 21.21 20.60 12.32
N ILE A 524 19.87 20.58 12.37
CA ILE A 524 19.12 21.70 12.91
C ILE A 524 19.15 21.68 14.44
N VAL A 525 18.92 20.52 15.04
CA VAL A 525 18.83 20.37 16.49
C VAL A 525 20.00 19.51 16.96
N GLY A 526 20.49 19.80 18.16
CA GLY A 526 21.68 19.16 18.69
C GLY A 526 21.64 17.65 18.80
N ASP A 527 20.67 17.12 19.56
CA ASP A 527 20.66 15.71 19.90
C ASP A 527 19.70 14.95 18.98
N LEU A 528 19.68 13.62 19.14
CA LEU A 528 18.83 12.76 18.33
C LEU A 528 17.40 12.69 18.85
N GLU A 529 17.22 12.82 20.17
CA GLU A 529 15.89 12.66 20.75
C GLU A 529 14.95 13.75 20.25
N LYS A 530 15.37 15.01 20.33
CA LYS A 530 14.51 16.10 19.87
C LYS A 530 14.32 16.07 18.36
N ALA A 531 15.32 15.63 17.61
CA ALA A 531 15.16 15.49 16.17
C ALA A 531 14.11 14.44 15.84
N ASP A 532 14.14 13.31 16.54
CA ASP A 532 13.13 12.28 16.33
C ASP A 532 11.76 12.76 16.76
N GLU A 533 11.68 13.52 17.85
CA GLU A 533 10.41 14.10 18.26
C GLU A 533 9.85 15.04 17.21
N LEU A 534 10.71 15.86 16.60
CA LEU A 534 10.27 16.75 15.54
C LEU A 534 9.81 15.97 14.31
N LYS A 535 10.52 14.90 13.96
CA LYS A 535 10.10 14.08 12.83
C LYS A 535 8.76 13.42 13.10
N ARG A 536 8.52 12.99 14.35
CA ARG A 536 7.23 12.41 14.70
C ARG A 536 6.12 13.45 14.64
N LYS A 537 6.41 14.68 15.08
CA LYS A 537 5.37 15.70 15.18
C LYS A 537 5.02 16.29 13.82
N TYR A 538 6.02 16.63 13.01
CA TYR A 538 5.78 17.37 11.77
C TYR A 538 6.08 16.58 10.50
N GLY A 539 6.81 15.48 10.59
CA GLY A 539 7.04 14.65 9.43
C GLY A 539 8.41 14.80 8.79
N SER A 540 8.69 15.96 8.20
CA SER A 540 9.92 16.15 7.45
C SER A 540 10.58 17.48 7.83
N ALA A 541 11.90 17.51 7.66
CA ALA A 541 12.65 18.75 7.89
C ALA A 541 12.19 19.86 6.96
N SER A 542 11.71 19.50 5.77
CA SER A 542 11.13 20.50 4.87
C SER A 542 9.94 21.19 5.51
N ALA A 543 9.03 20.41 6.10
CA ALA A 543 7.88 21.00 6.78
C ALA A 543 8.32 21.78 8.01
N VAL A 544 9.33 21.28 8.73
CA VAL A 544 9.86 22.00 9.88
C VAL A 544 10.36 23.38 9.46
N ARG A 545 11.02 23.46 8.30
CA ARG A 545 11.45 24.74 7.77
C ARG A 545 10.25 25.60 7.35
N ARG A 546 9.22 24.96 6.78
CA ARG A 546 8.02 25.67 6.38
C ARG A 546 7.22 26.19 7.56
N LEU A 547 7.50 25.73 8.78
CA LEU A 547 6.77 26.20 9.94
C LEU A 547 6.93 27.72 10.10
N PRO A 548 5.92 28.40 10.63
CA PRO A 548 5.99 29.86 10.76
C PRO A 548 6.98 30.29 11.83
N VAL A 549 7.26 31.59 11.83
CA VAL A 549 8.30 32.12 12.69
C VAL A 549 7.91 32.01 14.16
N GLU A 550 6.65 32.26 14.48
CA GLU A 550 6.20 32.18 15.88
C GLU A 550 6.28 30.74 16.39
N GLU A 551 5.76 29.79 15.61
CA GLU A 551 5.82 28.40 16.01
C GLU A 551 7.24 27.89 16.10
N LEU A 552 8.14 28.38 15.24
CA LEU A 552 9.54 27.97 15.30
C LEU A 552 10.24 28.57 16.51
N ARG A 553 9.92 29.82 16.86
CA ARG A 553 10.48 30.42 18.06
C ARG A 553 9.95 29.72 19.31
N GLU A 554 8.73 29.20 19.26
CA GLU A 554 8.27 28.27 20.28
C GLU A 554 9.08 26.97 20.18
N LEU A 555 8.78 26.03 21.07
CA LEU A 555 9.47 24.73 21.13
C LEU A 555 10.92 24.87 21.57
N GLY A 556 11.54 26.03 21.33
CA GLY A 556 12.86 26.29 21.85
C GLY A 556 13.94 26.58 20.83
N PHE A 557 13.62 27.30 19.76
CA PHE A 557 14.59 27.72 18.76
C PHE A 557 14.95 29.18 18.95
N SER A 558 16.23 29.50 18.77
CA SER A 558 16.67 30.88 18.77
C SER A 558 16.38 31.54 17.43
N ASP A 559 16.48 32.87 17.39
CA ASP A 559 16.22 33.59 16.15
C ASP A 559 17.28 33.27 15.10
N ASP A 560 18.54 33.15 15.52
CA ASP A 560 19.58 32.74 14.58
C ASP A 560 19.35 31.32 14.08
N GLU A 561 18.86 30.45 14.96
CA GLU A 561 18.51 29.10 14.54
C GLU A 561 17.40 29.12 13.50
N ILE A 562 16.39 29.95 13.70
CA ILE A 562 15.30 30.06 12.73
C ILE A 562 15.81 30.62 11.41
N ALA A 563 16.72 31.59 11.47
CA ALA A 563 17.28 32.16 10.25
C ALA A 563 18.07 31.13 9.47
N GLU A 564 18.82 30.28 10.18
CA GLU A 564 19.53 29.19 9.50
C GLU A 564 18.57 28.14 8.96
N ILE A 565 17.46 27.91 9.67
CA ILE A 565 16.47 26.93 9.22
C ILE A 565 15.83 27.37 7.91
N LYS A 566 15.29 28.60 7.89
CA LYS A 566 14.59 29.10 6.72
C LYS A 566 15.52 29.57 5.62
N GLY A 567 16.83 29.46 5.80
CA GLY A 567 17.76 29.87 4.75
C GLY A 567 17.73 31.36 4.48
N ILE A 568 17.62 32.17 5.52
CA ILE A 568 17.59 33.62 5.33
C ILE A 568 19.00 34.10 5.01
N PRO A 569 19.20 34.83 3.92
CA PRO A 569 20.54 35.34 3.59
C PRO A 569 21.01 36.35 4.63
N LYS A 570 22.31 36.66 4.55
CA LYS A 570 22.89 37.59 5.52
C LYS A 570 22.41 39.01 5.29
N LYS A 571 22.37 39.45 4.02
CA LYS A 571 21.93 40.80 3.70
C LYS A 571 20.45 41.02 4.01
N LEU A 572 19.67 39.95 4.16
CA LEU A 572 18.29 40.06 4.57
C LEU A 572 18.08 39.82 6.06
N ARG A 573 18.98 39.09 6.71
CA ARG A 573 18.89 38.85 8.14
C ARG A 573 19.38 40.05 8.94
N GLU A 574 20.51 40.63 8.55
CA GLU A 574 21.08 41.76 9.27
C GLU A 574 20.39 43.08 8.94
N ALA A 575 19.51 43.11 7.94
CA ALA A 575 18.85 44.34 7.54
C ALA A 575 17.57 44.59 8.34
N PHE A 576 16.65 43.63 8.32
CA PHE A 576 15.37 43.75 8.98
C PHE A 576 15.32 42.86 10.21
N ASP A 577 14.13 42.69 10.76
CA ASP A 577 13.89 41.74 11.84
C ASP A 577 13.54 40.38 11.25
N LEU A 578 13.51 39.36 12.12
CA LEU A 578 13.28 37.99 11.67
C LEU A 578 11.91 37.86 11.02
N GLU A 579 10.88 38.47 11.61
CA GLU A 579 9.52 38.37 11.08
C GLU A 579 9.46 38.86 9.65
N THR A 580 9.81 40.13 9.43
CA THR A 580 9.69 40.71 8.09
C THR A 580 10.66 40.06 7.11
N ALA A 581 11.85 39.67 7.58
CA ALA A 581 12.81 39.01 6.69
C ALA A 581 12.26 37.67 6.20
N ALA A 582 11.76 36.84 7.11
CA ALA A 582 11.21 35.55 6.72
C ALA A 582 9.96 35.73 5.86
N GLU A 583 9.15 36.76 6.15
CA GLU A 583 7.97 37.00 5.33
C GLU A 583 8.36 37.35 3.90
N LEU A 584 9.29 38.28 3.74
CA LEU A 584 9.75 38.67 2.41
C LEU A 584 10.37 37.48 1.68
N TYR A 585 11.13 36.66 2.40
CA TYR A 585 11.77 35.51 1.75
C TYR A 585 10.73 34.49 1.30
N GLU A 586 9.77 34.17 2.16
CA GLU A 586 8.70 33.24 1.80
C GLU A 586 7.81 33.78 0.70
N ARG A 587 7.72 35.10 0.55
CA ARG A 587 6.85 35.68 -0.47
C ARG A 587 7.53 35.87 -1.82
N TYR A 588 8.84 36.10 -1.86
CA TYR A 588 9.50 36.42 -3.12
C TYR A 588 10.60 35.45 -3.52
N GLY A 589 11.08 34.60 -2.62
CA GLY A 589 12.05 33.58 -2.99
C GLY A 589 13.52 33.96 -2.98
N SER A 590 13.87 35.07 -3.63
CA SER A 590 15.25 35.45 -3.82
C SER A 590 15.46 36.93 -3.49
N LEU A 591 16.67 37.26 -3.05
CA LEU A 591 17.01 38.64 -2.74
C LEU A 591 16.97 39.52 -3.98
N LYS A 592 17.34 38.98 -5.14
CA LYS A 592 17.23 39.74 -6.38
C LYS A 592 15.77 40.03 -6.69
N GLU A 593 14.87 39.07 -6.44
CA GLU A 593 13.45 39.33 -6.63
C GLU A 593 12.94 40.38 -5.65
N ILE A 594 13.43 40.35 -4.41
CA ILE A 594 13.10 41.38 -3.44
C ILE A 594 13.50 42.75 -3.97
N GLY A 595 14.75 42.88 -4.41
CA GLY A 595 15.23 44.15 -4.91
C GLY A 595 14.52 44.63 -6.15
N ARG A 596 14.06 43.69 -6.99
CA ARG A 596 13.36 44.08 -8.20
C ARG A 596 11.92 44.51 -7.92
N ARG A 597 11.22 43.77 -7.06
CA ARG A 597 9.82 44.08 -6.78
C ARG A 597 9.70 45.27 -5.84
N LEU A 598 10.25 45.15 -4.63
CA LEU A 598 10.14 46.21 -3.65
C LEU A 598 11.02 47.40 -4.06
N SER A 599 10.55 48.60 -3.74
CA SER A 599 11.25 49.82 -4.08
C SER A 599 12.26 50.19 -2.99
N TYR A 600 13.16 51.10 -3.35
CA TYR A 600 14.16 51.58 -2.39
C TYR A 600 13.49 52.26 -1.20
N ASP A 601 12.47 53.08 -1.47
CA ASP A 601 11.75 53.74 -0.39
C ASP A 601 11.00 52.74 0.47
N ASP A 602 10.47 51.67 -0.15
CA ASP A 602 9.80 50.63 0.62
C ASP A 602 10.76 49.91 1.54
N LEU A 603 11.93 49.52 1.01
CA LEU A 603 12.95 48.88 1.83
C LEU A 603 13.38 49.78 2.98
N LEU A 604 13.48 51.09 2.73
CA LEU A 604 13.82 52.01 3.81
C LEU A 604 12.71 52.08 4.85
N GLU A 605 11.45 52.14 4.40
CA GLU A 605 10.33 52.17 5.33
C GLU A 605 10.26 50.91 6.17
N LEU A 606 10.75 49.79 5.65
CA LEU A 606 10.72 48.53 6.39
C LEU A 606 11.87 48.42 7.40
N GLY A 607 12.78 49.39 7.44
CA GLY A 607 13.80 49.40 8.47
C GLY A 607 15.21 49.05 8.00
N ALA A 608 15.48 49.29 6.73
CA ALA A 608 16.79 48.97 6.14
C ALA A 608 17.68 50.20 6.10
N THR A 609 18.97 49.99 6.30
CA THR A 609 19.93 51.05 6.14
C THR A 609 19.96 51.50 4.67
N PRO A 610 20.13 52.81 4.40
CA PRO A 610 20.25 53.27 3.02
C PRO A 610 21.34 52.55 2.22
N LYS A 611 22.34 52.01 2.93
CA LYS A 611 23.33 51.17 2.28
C LYS A 611 22.90 49.71 2.23
N ALA A 612 22.28 49.20 3.30
CA ALA A 612 21.76 47.85 3.28
C ALA A 612 20.60 47.73 2.29
N ALA A 613 19.80 48.77 2.13
CA ALA A 613 18.74 48.75 1.13
C ALA A 613 19.33 48.69 -0.27
N ALA A 614 20.46 49.36 -0.49
CA ALA A 614 21.13 49.27 -1.79
C ALA A 614 21.74 47.90 -2.01
N GLU A 615 22.25 47.28 -0.94
CA GLU A 615 22.74 45.91 -1.06
C GLU A 615 21.62 44.94 -1.39
N ILE A 616 20.44 45.15 -0.80
CA ILE A 616 19.27 44.34 -1.13
C ILE A 616 18.86 44.59 -2.58
N LYS A 617 18.95 45.84 -3.03
CA LYS A 617 18.79 46.12 -4.44
C LYS A 617 19.89 45.43 -5.24
N GLY A 618 19.64 45.28 -6.54
CA GLY A 618 20.52 44.52 -7.40
C GLY A 618 21.92 45.10 -7.51
N PRO A 619 22.89 44.24 -7.84
CA PRO A 619 24.22 44.74 -8.20
C PRO A 619 24.18 45.74 -9.34
N GLU A 620 23.17 45.65 -10.21
CA GLU A 620 22.96 46.68 -11.22
C GLU A 620 22.69 48.03 -10.57
N PHE A 621 21.81 48.04 -9.56
CA PHE A 621 21.54 49.25 -8.81
C PHE A 621 22.80 49.77 -8.12
N LYS A 622 23.59 48.86 -7.54
CA LYS A 622 24.83 49.27 -6.86
C LYS A 622 25.80 49.91 -7.84
N PHE A 623 26.00 49.30 -9.01
CA PHE A 623 26.92 49.85 -9.99
C PHE A 623 26.39 51.16 -10.58
N LEU A 624 25.07 51.29 -10.73
CA LEU A 624 24.51 52.56 -11.18
C LEU A 624 24.81 53.67 -10.19
N LEU A 625 24.50 53.45 -8.91
CA LEU A 625 24.77 54.47 -7.90
C LEU A 625 26.25 54.81 -7.76
N ASN A 626 27.15 54.03 -8.34
CA ASN A 626 28.57 54.32 -8.22
C ASN A 626 28.95 55.59 -9.00
N ILE A 627 28.45 55.71 -10.24
CA ILE A 627 28.77 56.87 -11.07
C ILE A 627 28.06 58.11 -10.54
N GLU A 628 28.36 59.27 -11.12
CA GLU A 628 27.89 60.55 -10.61
C GLU A 628 26.54 60.90 -11.21
N GLY A 629 25.79 61.74 -10.47
CA GLY A 629 24.53 62.26 -10.96
C GLY A 629 23.44 61.22 -11.15
N VAL A 630 23.33 60.27 -10.24
CA VAL A 630 22.37 59.18 -10.39
C VAL A 630 21.08 59.49 -9.64
N GLY A 631 21.10 59.34 -8.32
CA GLY A 631 19.89 59.42 -7.54
C GLY A 631 19.19 58.08 -7.47
N PRO A 632 18.76 57.69 -6.27
CA PRO A 632 18.12 56.37 -6.11
C PRO A 632 16.85 56.21 -6.92
N LYS A 633 15.97 57.22 -6.92
CA LYS A 633 14.71 57.11 -7.67
C LYS A 633 14.97 57.08 -9.17
N LEU A 634 15.94 57.86 -9.65
CA LEU A 634 16.28 57.83 -11.07
C LEU A 634 16.88 56.49 -11.47
N ALA A 635 17.71 55.90 -10.60
CA ALA A 635 18.24 54.57 -10.87
C ALA A 635 17.12 53.53 -10.90
N GLU A 636 16.15 53.67 -10.00
CA GLU A 636 14.99 52.77 -10.02
C GLU A 636 14.21 52.90 -11.32
N ARG A 637 14.02 54.15 -11.79
CA ARG A 637 13.31 54.36 -13.05
C ARG A 637 14.08 53.75 -14.22
N ILE A 638 15.39 53.92 -14.25
CA ILE A 638 16.21 53.36 -15.32
C ILE A 638 16.11 51.84 -15.31
N LEU A 639 16.23 51.23 -14.13
CA LEU A 639 16.18 49.78 -14.02
C LEU A 639 14.80 49.24 -14.36
N GLU A 640 13.74 49.99 -14.05
CA GLU A 640 12.40 49.56 -14.46
C GLU A 640 12.19 49.72 -15.96
N ALA A 641 12.87 50.70 -16.57
CA ALA A 641 12.80 50.85 -18.02
C ALA A 641 13.51 49.70 -18.73
N VAL A 642 14.70 49.33 -18.25
CA VAL A 642 15.47 48.26 -18.89
C VAL A 642 15.16 46.94 -18.20
N ASP A 643 14.13 46.93 -17.34
CA ASP A 643 13.69 45.73 -16.63
C ASP A 643 14.82 45.09 -15.84
N TYR A 644 15.63 45.92 -15.19
CA TYR A 644 16.73 45.47 -14.33
C TYR A 644 17.69 44.55 -15.08
N ASP A 645 18.12 45.00 -16.26
CA ASP A 645 18.96 44.18 -17.13
C ASP A 645 20.03 45.06 -17.76
N LEU A 646 21.28 44.85 -17.36
CA LEU A 646 22.38 45.60 -17.96
C LEU A 646 22.54 45.26 -19.44
N GLU A 647 22.14 44.05 -19.86
CA GLU A 647 22.20 43.71 -21.27
C GLU A 647 21.29 44.60 -22.10
N ARG A 648 20.02 44.70 -21.71
CA ARG A 648 19.09 45.58 -22.41
C ARG A 648 19.46 47.05 -22.21
N LEU A 649 20.13 47.38 -21.11
CA LEU A 649 20.59 48.75 -20.92
C LEU A 649 21.67 49.13 -21.93
N ALA A 650 22.66 48.23 -22.12
CA ALA A 650 23.73 48.50 -23.08
C ALA A 650 23.25 48.36 -24.51
N SER A 651 22.24 47.52 -24.75
CA SER A 651 21.72 47.32 -26.10
C SER A 651 20.73 48.41 -26.48
N LEU A 652 21.08 49.67 -26.19
CA LEU A 652 20.23 50.79 -26.49
C LEU A 652 21.09 52.01 -26.80
N ASN A 653 20.56 52.90 -27.63
CA ASN A 653 21.20 54.18 -27.89
C ASN A 653 20.83 55.17 -26.79
N PRO A 654 21.75 56.05 -26.38
CA PRO A 654 21.40 57.03 -25.33
C PRO A 654 20.21 57.90 -25.69
N GLU A 655 19.97 58.16 -26.98
CA GLU A 655 18.80 58.92 -27.37
C GLU A 655 17.52 58.16 -27.04
N GLU A 656 17.50 56.85 -27.31
CA GLU A 656 16.36 56.03 -26.89
C GLU A 656 16.27 55.93 -25.37
N LEU A 657 17.42 55.93 -24.69
CA LEU A 657 17.42 55.84 -23.24
C LEU A 657 16.76 57.05 -22.62
N ALA A 658 17.14 58.25 -23.06
CA ALA A 658 16.54 59.47 -22.52
C ALA A 658 15.05 59.57 -22.83
N GLU A 659 14.56 58.83 -23.81
CA GLU A 659 13.14 58.87 -24.15
C GLU A 659 12.31 58.01 -23.21
N LYS A 660 12.82 56.82 -22.85
CA LYS A 660 12.07 55.91 -21.99
C LYS A 660 11.93 56.48 -20.59
N VAL A 661 13.02 56.97 -20.03
CA VAL A 661 13.05 57.51 -18.67
C VAL A 661 12.43 58.88 -18.66
N GLU A 662 11.82 59.24 -17.52
CA GLU A 662 11.07 60.47 -17.39
C GLU A 662 11.91 61.63 -16.86
N GLY A 663 12.81 61.36 -15.92
CA GLY A 663 13.66 62.40 -15.38
C GLY A 663 15.14 62.17 -15.61
N LEU A 664 15.61 62.29 -16.85
CA LEU A 664 17.00 62.06 -17.16
C LEU A 664 17.34 62.71 -18.50
N GLY A 665 18.55 63.28 -18.59
CA GLY A 665 18.98 63.98 -19.77
C GLY A 665 19.91 63.16 -20.66
N GLU A 666 20.19 63.72 -21.84
CA GLU A 666 21.05 63.05 -22.81
C GLU A 666 22.49 63.00 -22.32
N GLU A 667 22.96 64.07 -21.68
CA GLU A 667 24.34 64.10 -21.17
C GLU A 667 24.58 62.97 -20.19
N LEU A 668 23.60 62.66 -19.35
CA LEU A 668 23.75 61.55 -18.41
C LEU A 668 23.50 60.21 -19.08
N ALA A 669 22.53 60.15 -20.00
CA ALA A 669 22.24 58.90 -20.70
C ALA A 669 23.46 58.40 -21.45
N GLU A 670 24.26 59.31 -22.02
CA GLU A 670 25.49 58.91 -22.70
C GLU A 670 26.42 58.17 -21.74
N ARG A 671 26.64 58.74 -20.55
CA ARG A 671 27.50 58.10 -19.56
C ARG A 671 26.92 56.76 -19.11
N VAL A 672 25.60 56.69 -18.96
CA VAL A 672 24.96 55.45 -18.51
C VAL A 672 25.17 54.34 -19.54
N VAL A 673 24.94 54.65 -20.82
CA VAL A 673 25.15 53.65 -21.87
C VAL A 673 26.61 53.26 -21.97
N TYR A 674 27.52 54.23 -21.78
CA TYR A 674 28.95 53.91 -21.80
C TYR A 674 29.31 52.94 -20.68
N ALA A 675 28.81 53.20 -19.48
CA ALA A 675 29.10 52.31 -18.34
C ALA A 675 28.49 50.92 -18.57
N ALA A 676 27.29 50.87 -19.14
CA ALA A 676 26.66 49.58 -19.41
C ALA A 676 27.47 48.79 -20.44
N ARG A 677 27.96 49.46 -21.48
CA ARG A 677 28.75 48.77 -22.49
C ARG A 677 30.11 48.36 -21.94
N GLU A 678 30.68 49.16 -21.02
CA GLU A 678 31.89 48.73 -20.34
C GLU A 678 31.65 47.49 -19.50
N ARG A 679 30.49 47.42 -18.83
CA ARG A 679 30.16 46.24 -18.04
C ARG A 679 30.00 45.01 -18.92
N VAL A 680 29.30 45.15 -20.06
CA VAL A 680 29.14 44.00 -20.94
C VAL A 680 30.45 43.64 -21.64
N GLU A 681 31.38 44.59 -21.75
CA GLU A 681 32.73 44.24 -22.19
C GLU A 681 33.47 43.47 -21.12
N SER A 682 33.22 43.78 -19.84
CA SER A 682 33.76 42.99 -18.74
C SER A 682 33.07 41.64 -18.59
N ARG A 683 32.04 41.37 -19.37
CA ARG A 683 31.32 40.11 -19.30
C ARG A 683 31.96 39.03 -20.16
N ARG A 684 32.47 39.40 -21.33
CA ARG A 684 33.26 38.45 -22.11
C ARG A 684 34.59 38.14 -21.44
N LYS A 685 35.05 39.02 -20.55
CA LYS A 685 36.21 38.74 -19.71
C LYS A 685 35.72 38.16 -18.38
N SER A 686 35.22 36.93 -18.46
CA SER A 686 34.71 36.23 -17.29
C SER A 686 34.69 34.72 -17.53
N GLY A 687 33.68 34.24 -18.26
CA GLY A 687 33.56 32.83 -18.55
C GLY A 687 33.12 32.55 -19.97
N ARG A 688 33.55 33.39 -20.91
CA ARG A 688 33.13 33.23 -22.30
C ARG A 688 33.83 32.06 -23.00
N GLN A 689 34.86 31.49 -22.38
CA GLN A 689 35.62 30.44 -23.05
C GLN A 689 34.78 29.18 -23.22
N GLU A 690 34.76 28.67 -24.44
CA GLU A 690 34.17 27.37 -24.74
C GLU A 690 35.26 26.33 -24.67
N ARG A 691 35.02 25.26 -23.89
CA ARG A 691 36.04 24.27 -23.57
C ARG A 691 36.81 23.84 -24.80
N SER A 692 38.13 23.69 -24.63
CA SER A 692 39.00 23.23 -25.71
C SER A 692 38.84 21.73 -25.89
N GLU A 693 39.66 21.14 -26.77
CA GLU A 693 39.56 19.71 -27.05
C GLU A 693 39.91 18.88 -25.83
N GLU A 694 41.04 19.17 -25.19
CA GLU A 694 41.44 18.43 -24.00
C GLU A 694 40.45 18.64 -22.86
N GLU A 695 39.91 19.85 -22.74
CA GLU A 695 38.95 20.13 -21.68
C GLU A 695 37.66 19.36 -21.90
N TRP A 696 37.17 19.29 -23.14
CA TRP A 696 36.00 18.48 -23.43
C TRP A 696 36.28 17.00 -23.19
N LYS A 697 37.49 16.55 -23.53
CA LYS A 697 37.84 15.15 -23.29
C LYS A 697 37.80 14.83 -21.80
N GLU A 698 38.38 15.72 -20.98
CA GLU A 698 38.38 15.50 -19.54
C GLU A 698 36.96 15.56 -18.97
N TRP A 699 36.12 16.46 -19.48
CA TRP A 699 34.74 16.55 -19.03
C TRP A 699 33.96 15.28 -19.38
N LEU A 700 34.20 14.73 -20.57
CA LEU A 700 33.55 13.48 -20.96
C LEU A 700 34.02 12.33 -20.09
N GLU A 701 35.33 12.26 -19.82
CA GLU A 701 35.86 11.22 -18.94
C GLU A 701 35.26 11.34 -17.54
N ARG A 702 35.01 12.56 -17.08
CA ARG A 702 34.34 12.74 -15.79
C ARG A 702 32.89 12.26 -15.84
N LYS A 703 32.15 12.66 -16.88
CA LYS A 703 30.72 12.38 -16.91
C LYS A 703 30.45 10.91 -17.20
N VAL A 704 30.82 10.43 -18.38
CA VAL A 704 30.44 9.08 -18.81
C VAL A 704 31.56 8.07 -18.62
N GLY A 705 32.72 8.48 -18.12
CA GLY A 705 33.81 7.56 -17.90
C GLY A 705 34.79 7.54 -19.05
N GLU A 706 35.98 7.02 -18.77
CA GLU A 706 37.06 7.01 -19.76
C GLU A 706 36.66 6.20 -20.99
N GLY A 707 36.13 5.00 -20.78
CA GLY A 707 35.77 4.13 -21.88
C GLY A 707 34.74 4.72 -22.82
N ARG A 708 33.59 5.12 -22.28
CA ARG A 708 32.54 5.70 -23.12
C ARG A 708 32.95 7.05 -23.69
N ALA A 709 33.79 7.81 -22.99
CA ALA A 709 34.30 9.05 -23.55
C ALA A 709 35.14 8.78 -24.79
N ARG A 710 36.03 7.78 -24.71
CA ARG A 710 36.82 7.40 -25.87
C ARG A 710 35.93 6.85 -26.98
N ARG A 711 34.88 6.11 -26.62
CA ARG A 711 33.96 5.60 -27.63
C ARG A 711 33.29 6.74 -28.39
N LEU A 712 32.84 7.78 -27.67
CA LEU A 712 32.24 8.93 -28.32
C LEU A 712 33.26 9.68 -29.17
N ILE A 713 34.47 9.87 -28.66
CA ILE A 713 35.50 10.59 -29.39
C ILE A 713 35.87 9.85 -30.67
N GLU A 714 35.84 8.51 -30.65
CA GLU A 714 36.16 7.75 -31.84
C GLU A 714 34.99 7.71 -32.82
N TYR A 715 33.76 7.62 -32.32
CA TYR A 715 32.60 7.60 -33.19
C TYR A 715 32.44 8.92 -33.93
N PHE A 716 32.49 10.02 -33.20
CA PHE A 716 32.40 11.33 -33.82
C PHE A 716 33.82 11.84 -34.13
N GLY A 717 33.92 13.10 -34.54
CA GLY A 717 35.20 13.68 -34.85
C GLY A 717 36.12 13.76 -33.65
N SER A 718 35.70 14.50 -32.63
CA SER A 718 36.54 14.70 -31.45
C SER A 718 35.65 15.09 -30.27
N ALA A 719 36.30 15.26 -29.11
CA ALA A 719 35.58 15.69 -27.92
C ALA A 719 34.90 17.03 -28.13
N GLY A 720 35.45 17.88 -29.01
CA GLY A 720 34.77 19.12 -29.34
C GLY A 720 33.43 18.89 -30.01
N GLU A 721 33.39 17.97 -30.98
CA GLU A 721 32.13 17.64 -31.63
C GLU A 721 31.17 16.99 -30.65
N VAL A 722 31.68 16.15 -29.74
CA VAL A 722 30.83 15.54 -28.74
C VAL A 722 30.21 16.61 -27.84
N GLY A 723 31.02 17.61 -27.45
CA GLY A 723 30.50 18.69 -26.63
C GLY A 723 29.49 19.54 -27.35
N LYS A 724 29.70 19.75 -28.66
CA LYS A 724 28.69 20.46 -29.46
C LYS A 724 27.38 19.70 -29.48
N LEU A 725 27.45 18.38 -29.69
CA LEU A 725 26.24 17.55 -29.66
C LEU A 725 25.55 17.63 -28.31
N VAL A 726 26.33 17.65 -27.23
CA VAL A 726 25.75 17.74 -25.90
C VAL A 726 25.06 19.10 -25.71
N GLU A 727 25.72 20.18 -26.14
CA GLU A 727 25.16 21.51 -25.97
C GLU A 727 23.88 21.68 -26.78
N ASN A 728 23.82 21.09 -27.96
CA ASN A 728 22.61 21.16 -28.78
C ASN A 728 21.61 20.05 -28.45
N ALA A 729 21.90 19.23 -27.42
CA ALA A 729 20.99 18.19 -26.96
C ALA A 729 20.64 17.19 -28.07
N GLU A 730 21.67 16.70 -28.75
CA GLU A 730 21.50 15.70 -29.80
C GLU A 730 21.42 14.31 -29.15
N VAL A 731 20.27 14.08 -28.49
CA VAL A 731 20.08 12.85 -27.74
C VAL A 731 20.07 11.64 -28.67
N SER A 732 19.40 11.74 -29.81
CA SER A 732 19.35 10.61 -30.74
C SER A 732 20.72 10.31 -31.31
N LYS A 733 21.48 11.34 -31.71
CA LYS A 733 22.81 11.12 -32.26
C LYS A 733 23.77 10.58 -31.20
N LEU A 734 23.54 10.89 -29.93
CA LEU A 734 24.35 10.28 -28.88
C LEU A 734 23.95 8.84 -28.64
N LEU A 735 22.65 8.53 -28.70
CA LEU A 735 22.17 7.18 -28.42
C LEU A 735 22.52 6.22 -29.54
N GLU A 736 22.65 6.70 -30.78
CA GLU A 736 22.99 5.82 -31.89
C GLU A 736 24.37 5.21 -31.78
N VAL A 737 25.21 5.69 -30.86
CA VAL A 737 26.55 5.14 -30.68
C VAL A 737 26.46 3.83 -29.93
N PRO A 738 27.11 2.76 -30.40
CA PRO A 738 27.11 1.50 -29.65
C PRO A 738 27.89 1.66 -28.36
N GLY A 739 27.26 1.28 -27.25
CA GLY A 739 27.84 1.43 -25.94
C GLY A 739 27.36 2.65 -25.18
N ILE A 740 26.61 3.53 -25.83
CA ILE A 740 26.07 4.73 -25.21
C ILE A 740 24.57 4.56 -25.05
N GLY A 741 24.10 4.63 -23.80
CA GLY A 741 22.69 4.42 -23.51
C GLY A 741 22.01 5.60 -22.83
N ASP A 742 20.78 5.37 -22.35
CA ASP A 742 19.99 6.44 -21.75
C ASP A 742 20.68 7.02 -20.51
N GLU A 743 21.37 6.17 -19.74
CA GLU A 743 22.05 6.63 -18.53
C GLU A 743 23.19 7.58 -18.86
N ALA A 744 23.98 7.22 -19.87
CA ALA A 744 25.08 8.09 -20.31
C ALA A 744 24.54 9.38 -20.91
N VAL A 745 23.45 9.29 -21.67
CA VAL A 745 22.87 10.50 -22.25
C VAL A 745 22.36 11.43 -21.16
N ALA A 746 21.66 10.88 -20.16
CA ALA A 746 21.17 11.69 -19.05
C ALA A 746 22.31 12.24 -18.21
N ARG A 747 23.44 11.53 -18.14
CA ARG A 747 24.63 12.07 -17.49
C ARG A 747 25.21 13.23 -18.27
N LEU A 748 25.12 13.19 -19.60
CA LEU A 748 25.61 14.29 -20.42
C LEU A 748 24.58 15.40 -20.56
N VAL A 749 23.34 15.04 -20.89
CA VAL A 749 22.28 16.01 -21.16
C VAL A 749 21.45 16.18 -19.89
N PRO A 750 21.49 17.33 -19.23
CA PRO A 750 20.66 17.53 -18.04
C PRO A 750 19.18 17.65 -18.41
N GLY A 751 18.34 16.99 -17.60
CA GLY A 751 16.91 16.97 -17.82
C GLY A 751 16.41 15.79 -18.63
N TYR A 752 17.31 15.11 -19.36
CA TYR A 752 16.89 13.95 -20.14
C TYR A 752 16.35 12.84 -19.24
N LYS A 753 16.96 12.66 -18.06
CA LYS A 753 16.46 11.64 -17.15
C LYS A 753 15.06 11.96 -16.67
N THR A 754 14.80 13.21 -16.31
CA THR A 754 13.46 13.60 -15.86
C THR A 754 12.45 13.45 -16.98
N LEU A 755 12.82 13.86 -18.20
CA LEU A 755 11.90 13.74 -19.33
C LEU A 755 11.62 12.27 -19.65
N ARG A 756 12.61 11.39 -19.49
CA ARG A 756 12.38 9.97 -19.73
C ARG A 756 11.51 9.36 -18.64
N ASP A 757 11.74 9.74 -17.39
CA ASP A 757 10.88 9.27 -16.30
C ASP A 757 9.46 9.78 -16.48
N ALA A 758 9.28 10.92 -17.16
CA ALA A 758 7.95 11.41 -17.49
C ALA A 758 7.29 10.62 -18.61
N GLY A 759 8.00 9.67 -19.22
CA GLY A 759 7.43 8.85 -20.27
C GLY A 759 7.65 9.35 -21.68
N LEU A 760 8.64 10.22 -21.88
CA LEU A 760 8.89 10.80 -23.19
C LEU A 760 9.88 9.96 -23.99
N THR A 761 9.60 9.83 -25.28
CA THR A 761 10.56 9.22 -26.19
C THR A 761 11.82 10.07 -26.22
N PRO A 762 13.00 9.46 -26.47
CA PRO A 762 14.21 10.29 -26.60
C PRO A 762 14.07 11.41 -27.62
N ALA A 763 13.39 11.16 -28.74
CA ALA A 763 13.18 12.22 -29.72
C ALA A 763 12.29 13.32 -29.16
N GLU A 764 11.26 12.95 -28.39
CA GLU A 764 10.39 13.95 -27.78
C GLU A 764 11.16 14.79 -26.77
N ALA A 765 12.00 14.15 -25.96
CA ALA A 765 12.83 14.89 -25.01
C ALA A 765 13.79 15.81 -25.73
N GLU A 766 14.36 15.34 -26.84
CA GLU A 766 15.25 16.18 -27.65
C GLU A 766 14.52 17.41 -28.16
N ARG A 767 13.30 17.22 -28.67
CA ARG A 767 12.53 18.36 -29.18
C ARG A 767 12.20 19.34 -28.07
N VAL A 768 11.76 18.84 -26.91
CA VAL A 768 11.39 19.72 -25.80
C VAL A 768 12.61 20.51 -25.33
N LEU A 769 13.77 19.85 -25.25
CA LEU A 769 14.98 20.55 -24.82
C LEU A 769 15.42 21.58 -25.84
N LYS A 770 15.38 21.23 -27.13
CA LYS A 770 15.74 22.21 -28.17
C LYS A 770 14.78 23.39 -28.15
N ARG A 771 13.54 23.17 -27.73
CA ARG A 771 12.56 24.26 -27.75
C ARG A 771 12.69 25.17 -26.53
N TYR A 772 12.91 24.61 -25.34
CA TYR A 772 12.81 25.41 -24.12
C TYR A 772 14.12 25.59 -23.36
N GLY A 773 15.10 24.71 -23.52
CA GLY A 773 16.36 24.87 -22.80
C GLY A 773 16.56 23.86 -21.70
N SER A 774 15.65 23.82 -20.73
CA SER A 774 15.75 22.88 -19.62
C SER A 774 14.35 22.59 -19.08
N VAL A 775 14.26 21.54 -18.27
CA VAL A 775 12.99 21.15 -17.68
C VAL A 775 12.46 22.24 -16.76
N SER A 776 13.36 23.00 -16.13
CA SER A 776 12.93 24.13 -15.31
C SER A 776 12.19 25.16 -16.15
N LYS A 777 12.77 25.56 -17.29
CA LYS A 777 12.10 26.51 -18.17
C LYS A 777 10.83 25.91 -18.77
N VAL A 778 10.81 24.59 -18.97
CA VAL A 778 9.58 23.94 -19.44
C VAL A 778 8.47 24.14 -18.41
N GLN A 779 8.78 23.89 -17.15
CA GLN A 779 7.78 24.03 -16.09
C GLN A 779 7.35 25.48 -15.93
N GLU A 780 8.30 26.41 -15.93
CA GLU A 780 7.95 27.83 -15.77
C GLU A 780 7.79 28.54 -17.11
N GLY A 781 7.04 27.94 -18.04
CA GLY A 781 6.87 28.57 -19.32
C GLY A 781 6.02 27.82 -20.33
N ALA A 782 6.35 26.56 -20.58
CA ALA A 782 5.68 25.79 -21.62
C ALA A 782 4.17 25.70 -21.37
N THR A 783 3.41 25.80 -22.46
CA THR A 783 1.97 25.73 -22.41
C THR A 783 1.47 24.40 -22.96
N PRO A 784 0.29 23.94 -22.54
CA PRO A 784 -0.23 22.68 -23.07
C PRO A 784 -0.42 22.70 -24.58
N ASP A 785 -0.86 23.82 -25.15
CA ASP A 785 -1.02 23.90 -26.59
C ASP A 785 0.33 23.83 -27.30
N GLU A 786 1.35 24.50 -26.76
CA GLU A 786 2.69 24.41 -27.33
C GLU A 786 3.20 22.97 -27.30
N LEU A 787 3.03 22.30 -26.16
CA LEU A 787 3.53 20.92 -26.06
C LEU A 787 2.74 19.97 -26.94
N ARG A 788 1.44 20.22 -27.13
CA ARG A 788 0.67 19.42 -28.08
C ARG A 788 1.14 19.67 -29.51
N GLU A 789 1.52 20.91 -29.81
CA GLU A 789 2.09 21.20 -31.12
C GLU A 789 3.46 20.56 -31.28
N LEU A 790 4.16 20.27 -30.18
CA LEU A 790 5.41 19.53 -30.23
C LEU A 790 5.21 18.03 -30.34
N GLY A 791 3.97 17.55 -30.41
CA GLY A 791 3.71 16.14 -30.58
C GLY A 791 3.65 15.34 -29.30
N LEU A 792 3.31 15.96 -28.17
CA LEU A 792 3.22 15.28 -26.90
C LEU A 792 1.77 15.01 -26.54
N GLY A 793 1.56 13.95 -25.76
CA GLY A 793 0.23 13.63 -25.28
C GLY A 793 -0.11 14.40 -24.02
N ASP A 794 -1.42 14.45 -23.72
CA ASP A 794 -1.88 15.23 -22.59
C ASP A 794 -1.34 14.70 -21.26
N ALA A 795 -1.22 13.37 -21.14
CA ALA A 795 -0.69 12.80 -19.90
C ALA A 795 0.77 13.18 -19.71
N LYS A 796 1.58 13.08 -20.76
CA LYS A 796 2.98 13.51 -20.69
C LYS A 796 3.08 14.99 -20.35
N ILE A 797 2.20 15.81 -20.95
CA ILE A 797 2.20 17.24 -20.68
C ILE A 797 1.92 17.50 -19.20
N ALA A 798 0.89 16.85 -18.68
CA ALA A 798 0.55 17.02 -17.27
C ALA A 798 1.70 16.58 -16.37
N ARG A 799 2.31 15.43 -16.68
CA ARG A 799 3.39 14.94 -15.82
C ARG A 799 4.63 15.82 -15.88
N ILE A 800 4.90 16.42 -17.05
CA ILE A 800 6.10 17.26 -17.15
C ILE A 800 5.85 18.65 -16.60
N LEU A 801 4.60 19.12 -16.59
CA LEU A 801 4.29 20.43 -16.03
C LEU A 801 3.97 20.38 -14.54
N GLY A 802 3.69 19.19 -13.99
CA GLY A 802 3.38 19.06 -12.58
C GLY A 802 1.90 19.02 -12.25
N LEU A 803 1.03 18.96 -13.25
CA LEU A 803 -0.41 18.91 -13.04
C LEU A 803 -0.88 17.48 -12.78
N ARG A 804 0.01 16.63 -12.25
CA ARG A 804 -0.31 15.22 -12.09
C ARG A 804 -1.48 15.02 -11.15
N SER A 805 -1.46 15.65 -9.98
CA SER A 805 -2.53 15.50 -9.01
C SER A 805 -3.84 16.09 -9.52
N LEU A 806 -3.79 17.27 -10.14
CA LEU A 806 -5.00 17.90 -10.63
C LEU A 806 -5.64 17.08 -11.74
N VAL A 807 -4.83 16.50 -12.62
CA VAL A 807 -5.37 15.64 -13.68
C VAL A 807 -5.92 14.34 -13.10
N ASN A 808 -5.24 13.81 -12.08
CA ASN A 808 -5.78 12.64 -11.38
C ASN A 808 -7.10 12.96 -10.68
N ALA A 809 -7.34 14.23 -10.36
CA ALA A 809 -8.62 14.66 -9.81
C ALA A 809 -9.67 14.84 -10.90
N ARG A 810 -9.50 14.14 -12.02
CA ARG A 810 -10.45 14.15 -13.13
C ARG A 810 -10.61 15.55 -13.73
N LEU A 811 -9.49 16.24 -13.93
CA LEU A 811 -9.48 17.53 -14.60
C LEU A 811 -8.63 17.44 -15.85
N ASP A 812 -9.06 18.11 -16.91
CA ASP A 812 -8.28 18.13 -18.14
C ASP A 812 -7.05 19.02 -17.97
N VAL A 813 -6.07 18.80 -18.85
CA VAL A 813 -4.79 19.48 -18.73
C VAL A 813 -4.97 20.99 -18.88
N ASP A 814 -5.89 21.41 -19.76
CA ASP A 814 -6.08 22.83 -20.01
C ASP A 814 -6.61 23.53 -18.76
N THR A 815 -7.68 22.99 -18.15
CA THR A 815 -8.23 23.62 -16.95
C THR A 815 -7.28 23.50 -15.77
N ALA A 816 -6.54 22.39 -15.67
CA ALA A 816 -5.55 22.28 -14.60
C ALA A 816 -4.46 23.34 -14.75
N TYR A 817 -4.01 23.57 -15.98
CA TYR A 817 -2.99 24.59 -16.22
C TYR A 817 -3.55 25.99 -15.95
N GLU A 818 -4.81 26.23 -16.30
CA GLU A 818 -5.42 27.51 -15.98
C GLU A 818 -5.50 27.75 -14.48
N LEU A 819 -5.91 26.73 -13.71
CA LEU A 819 -5.99 26.88 -12.27
C LEU A 819 -4.61 27.09 -11.66
N ALA A 820 -3.62 26.31 -12.11
CA ALA A 820 -2.27 26.47 -11.58
C ALA A 820 -1.67 27.82 -11.96
N ARG A 821 -2.03 28.36 -13.13
CA ARG A 821 -1.53 29.66 -13.55
C ARG A 821 -2.19 30.79 -12.77
N ARG A 822 -3.47 30.64 -12.43
CA ARG A 822 -4.14 31.69 -11.65
C ARG A 822 -3.68 31.68 -10.19
N TYR A 823 -3.62 30.50 -9.57
CA TYR A 823 -3.36 30.42 -8.14
C TYR A 823 -1.89 30.21 -7.79
N GLY A 824 -1.02 30.00 -8.78
CA GLY A 824 0.39 29.82 -8.49
C GLY A 824 0.81 28.38 -8.35
N SER A 825 0.42 27.73 -7.26
CA SER A 825 0.86 26.38 -6.93
C SER A 825 -0.32 25.43 -6.87
N VAL A 826 -0.01 24.14 -6.97
CA VAL A 826 -1.04 23.10 -6.87
C VAL A 826 -1.65 23.10 -5.47
N SER A 827 -0.82 23.30 -4.44
CA SER A 827 -1.35 23.41 -3.08
C SER A 827 -2.25 24.64 -2.94
N ALA A 828 -1.92 25.72 -3.65
CA ALA A 828 -2.78 26.91 -3.62
C ALA A 828 -4.11 26.65 -4.32
N VAL A 829 -4.09 25.86 -5.40
CA VAL A 829 -5.33 25.49 -6.07
C VAL A 829 -6.16 24.58 -5.16
N ARG A 830 -5.49 23.69 -4.41
CA ARG A 830 -6.21 22.78 -3.54
C ARG A 830 -6.78 23.50 -2.32
N ALA A 831 -6.13 24.56 -1.86
CA ALA A 831 -6.62 25.40 -0.77
C ALA A 831 -7.44 26.58 -1.25
N ALA A 832 -7.66 26.70 -2.56
CA ALA A 832 -8.39 27.82 -3.13
C ALA A 832 -9.83 27.87 -2.61
N PRO A 833 -10.46 29.04 -2.63
CA PRO A 833 -11.84 29.15 -2.13
C PRO A 833 -12.82 28.33 -2.97
N VAL A 834 -13.68 27.58 -2.29
CA VAL A 834 -14.69 26.78 -2.96
C VAL A 834 -15.65 27.68 -3.73
N ALA A 835 -16.00 28.83 -3.15
CA ALA A 835 -16.87 29.77 -3.86
C ALA A 835 -16.19 30.32 -5.11
N GLU A 836 -14.88 30.57 -5.03
CA GLU A 836 -14.15 31.03 -6.21
C GLU A 836 -14.11 29.95 -7.28
N LEU A 837 -13.97 28.69 -6.88
CA LEU A 837 -14.01 27.60 -7.86
C LEU A 837 -15.39 27.49 -8.50
N ARG A 838 -16.45 27.64 -7.71
CA ARG A 838 -17.80 27.61 -8.27
C ARG A 838 -18.02 28.77 -9.24
N GLU A 839 -17.46 29.94 -8.92
CA GLU A 839 -17.53 31.06 -9.85
C GLU A 839 -16.77 30.75 -11.13
N LEU A 840 -15.62 30.08 -11.00
CA LEU A 840 -14.88 29.64 -12.18
C LEU A 840 -15.69 28.66 -13.02
N GLY A 841 -16.54 27.86 -12.39
CA GLY A 841 -17.44 26.99 -13.11
C GLY A 841 -17.14 25.52 -12.99
N LEU A 842 -16.57 25.11 -11.87
CA LEU A 842 -16.29 23.71 -11.61
C LEU A 842 -17.47 23.06 -10.92
N SER A 843 -17.68 21.77 -11.23
CA SER A 843 -18.79 21.04 -10.65
C SER A 843 -18.57 20.80 -9.15
N ASP A 844 -19.65 20.48 -8.45
CA ASP A 844 -19.56 20.20 -7.02
C ASP A 844 -18.73 18.96 -6.76
N ARG A 845 -18.99 17.89 -7.52
CA ARG A 845 -18.18 16.67 -7.39
C ARG A 845 -16.73 16.93 -7.78
N ALA A 846 -16.51 17.81 -8.77
CA ALA A 846 -15.15 18.14 -9.17
C ALA A 846 -14.40 18.85 -8.04
N ILE A 847 -15.05 19.83 -7.41
CA ILE A 847 -14.42 20.53 -6.29
C ILE A 847 -14.20 19.59 -5.12
N ALA A 848 -15.13 18.65 -4.91
CA ALA A 848 -14.96 17.66 -3.86
C ALA A 848 -13.74 16.78 -4.12
N ARG A 849 -13.56 16.35 -5.36
CA ARG A 849 -12.39 15.54 -5.70
C ARG A 849 -11.10 16.35 -5.60
N ILE A 850 -11.15 17.64 -5.95
CA ILE A 850 -9.98 18.51 -5.79
C ILE A 850 -9.60 18.60 -4.31
N ALA A 851 -10.60 18.81 -3.44
CA ALA A 851 -10.31 18.93 -2.01
C ALA A 851 -9.86 17.60 -1.41
N GLY A 852 -10.39 16.48 -1.89
CA GLY A 852 -10.01 15.17 -1.38
C GLY A 852 -9.09 14.41 -2.31
N LEU B 3 44.41 13.49 -7.92
CA LEU B 3 43.05 13.01 -7.67
C LEU B 3 43.06 11.89 -6.62
N VAL B 4 44.10 11.06 -6.65
CA VAL B 4 44.20 9.91 -5.76
C VAL B 4 44.91 10.33 -4.48
N TYR B 5 44.30 10.01 -3.34
CA TYR B 5 44.88 10.22 -2.03
C TYR B 5 45.01 8.87 -1.33
N ASP B 6 46.21 8.54 -0.88
CA ASP B 6 46.44 7.26 -0.26
C ASP B 6 47.69 7.33 0.61
N ALA B 7 47.69 6.50 1.66
CA ALA B 7 48.81 6.37 2.58
C ALA B 7 48.58 5.12 3.42
N GLU B 8 49.65 4.37 3.67
CA GLU B 8 49.57 3.12 4.40
C GLU B 8 50.28 3.25 5.74
N PHE B 9 49.64 2.73 6.79
CA PHE B 9 50.19 2.76 8.13
C PHE B 9 50.85 1.42 8.42
N VAL B 10 52.14 1.46 8.75
CA VAL B 10 52.92 0.26 9.02
C VAL B 10 53.32 0.15 10.48
N GLY B 11 52.95 1.10 11.32
CA GLY B 11 53.31 1.07 12.71
C GLY B 11 52.53 0.03 13.50
N SER B 12 52.87 -0.08 14.77
CA SER B 12 52.25 -1.04 15.67
C SER B 12 50.89 -0.54 16.14
N GLU B 13 50.25 -1.32 17.01
CA GLU B 13 48.93 -0.95 17.52
C GLU B 13 49.00 0.28 18.42
N ARG B 14 50.03 0.35 19.27
CA ARG B 14 50.19 1.52 20.13
C ARG B 14 50.43 2.78 19.31
N GLU B 15 51.31 2.69 18.31
CA GLU B 15 51.55 3.83 17.43
C GLU B 15 50.30 4.20 16.65
N PHE B 16 49.51 3.20 16.26
CA PHE B 16 48.26 3.44 15.55
C PHE B 16 47.30 4.23 16.43
N GLU B 17 47.14 3.82 17.70
CA GLU B 17 46.26 4.54 18.61
C GLU B 17 46.76 5.94 18.89
N GLU B 18 48.08 6.10 19.03
CA GLU B 18 48.66 7.43 19.26
C GLU B 18 48.38 8.36 18.09
N GLU B 19 48.61 7.87 16.86
CA GLU B 19 48.34 8.68 15.68
C GLU B 19 46.85 9.00 15.54
N ARG B 20 45.99 8.03 15.88
CA ARG B 20 44.55 8.29 15.86
C ARG B 20 44.18 9.41 16.80
N GLU B 21 44.67 9.34 18.05
CA GLU B 21 44.33 10.37 19.03
C GLU B 21 44.88 11.73 18.60
N THR B 22 46.12 11.78 18.11
CA THR B 22 46.71 13.04 17.68
C THR B 22 45.93 13.66 16.52
N PHE B 23 45.57 12.83 15.53
CA PHE B 23 44.83 13.35 14.38
C PHE B 23 43.44 13.80 14.78
N LEU B 24 42.78 13.07 15.68
CA LEU B 24 41.44 13.48 16.11
C LEU B 24 41.50 14.80 16.88
N LYS B 25 42.52 14.98 17.71
CA LYS B 25 42.66 16.25 18.43
C LYS B 25 42.97 17.39 17.47
N GLY B 26 43.79 17.14 16.44
CA GLY B 26 44.03 18.16 15.44
C GLY B 26 42.78 18.52 14.67
N VAL B 27 41.94 17.52 14.38
CA VAL B 27 40.67 17.77 13.71
C VAL B 27 39.77 18.62 14.59
N LYS B 28 39.73 18.31 15.89
CA LYS B 28 38.96 19.13 16.82
C LYS B 28 39.46 20.57 16.85
N ALA B 29 40.78 20.75 16.83
CA ALA B 29 41.34 22.10 16.83
C ALA B 29 40.96 22.86 15.57
N TYR B 30 41.04 22.21 14.41
CA TYR B 30 40.66 22.89 13.17
C TYR B 30 39.16 23.15 13.11
N ASP B 31 38.35 22.28 13.70
CA ASP B 31 36.92 22.55 13.80
C ASP B 31 36.66 23.77 14.67
N GLY B 32 37.44 23.92 15.75
CA GLY B 32 37.36 25.14 16.53
C GLY B 32 37.75 26.37 15.73
N VAL B 33 38.78 26.25 14.90
CA VAL B 33 39.18 27.34 14.01
C VAL B 33 38.01 27.73 13.11
N LEU B 34 37.39 26.75 12.46
CA LEU B 34 36.29 27.03 11.54
C LEU B 34 35.09 27.60 12.27
N ALA B 35 34.80 27.13 13.48
CA ALA B 35 33.68 27.66 14.25
C ALA B 35 33.93 29.11 14.67
N THR B 36 35.18 29.43 15.02
CA THR B 36 35.51 30.82 15.33
C THR B 36 35.37 31.71 14.11
N ARG B 37 35.78 31.20 12.94
CA ARG B 37 35.59 31.98 11.71
C ARG B 37 34.10 32.18 11.41
N TYR B 38 33.30 31.13 11.61
CA TYR B 38 31.86 31.25 11.40
C TYR B 38 31.24 32.27 12.34
N LEU B 39 31.68 32.29 13.60
CA LEU B 39 31.18 33.30 14.54
C LEU B 39 31.65 34.69 14.14
N MET B 40 32.85 34.80 13.55
CA MET B 40 33.33 36.09 13.07
C MET B 40 32.44 36.62 11.95
N GLU B 41 32.10 35.77 10.98
CA GLU B 41 31.36 36.22 9.81
C GLU B 41 29.85 36.25 10.02
N ARG B 42 29.33 35.55 11.03
CA ARG B 42 27.89 35.42 11.19
C ARG B 42 27.28 36.71 11.74
N SER B 43 27.81 37.22 12.84
CA SER B 43 27.29 38.41 13.50
C SER B 43 28.40 39.45 13.60
N SER B 44 28.11 40.67 13.14
CA SER B 44 29.08 41.75 13.25
C SER B 44 29.35 42.12 14.70
N SER B 45 28.38 41.89 15.59
CA SER B 45 28.59 42.15 17.01
C SER B 45 29.68 41.23 17.57
N ALA B 46 29.68 39.96 17.16
CA ALA B 46 30.77 39.07 17.55
C ALA B 46 32.04 39.35 16.76
N LYS B 47 31.90 39.86 15.53
CA LYS B 47 33.07 40.24 14.75
C LYS B 47 33.86 41.35 15.44
N ASN B 48 33.16 42.31 16.05
CA ASN B 48 33.79 43.40 16.78
C ASN B 48 34.10 43.01 18.23
N ASP B 49 34.81 41.90 18.40
CA ASP B 49 35.18 41.43 19.73
C ASP B 49 36.55 40.76 19.64
N GLU B 50 37.51 41.27 20.40
CA GLU B 50 38.86 40.72 20.38
C GLU B 50 38.95 39.37 21.07
N GLU B 51 37.98 39.04 21.93
CA GLU B 51 37.98 37.73 22.58
C GLU B 51 37.84 36.61 21.56
N LEU B 52 36.96 36.79 20.58
CA LEU B 52 36.79 35.79 19.53
C LEU B 52 38.05 35.65 18.69
N LEU B 53 38.74 36.77 18.42
CA LEU B 53 39.98 36.70 17.66
C LEU B 53 41.06 35.98 18.44
N GLU B 54 41.15 36.23 19.74
CA GLU B 54 42.13 35.53 20.57
C GLU B 54 41.83 34.03 20.64
N LEU B 55 40.54 33.68 20.72
CA LEU B 55 40.15 32.28 20.69
C LEU B 55 40.53 31.62 19.37
N HIS B 56 40.29 32.33 18.26
CA HIS B 56 40.67 31.84 16.94
C HIS B 56 42.17 31.59 16.85
N GLN B 57 42.97 32.53 17.36
CA GLN B 57 44.41 32.38 17.29
C GLN B 57 44.91 31.24 18.19
N ASN B 58 44.27 31.06 19.36
CA ASN B 58 44.61 29.93 20.21
C ASN B 58 44.29 28.61 19.53
N PHE B 59 43.15 28.54 18.85
CA PHE B 59 42.80 27.35 18.09
C PHE B 59 43.83 27.09 16.98
N ILE B 60 44.28 28.15 16.31
CA ILE B 60 45.30 28.00 15.27
C ILE B 60 46.59 27.43 15.87
N LEU B 61 47.00 27.96 17.02
CA LEU B 61 48.24 27.50 17.66
C LEU B 61 48.13 26.04 18.08
N LEU B 62 46.98 25.64 18.64
CA LEU B 62 46.80 24.25 19.04
C LEU B 62 46.76 23.34 17.82
N THR B 63 46.15 23.80 16.72
CA THR B 63 46.19 23.03 15.48
C THR B 63 47.62 22.82 15.01
N GLY B 64 48.44 23.88 15.07
CA GLY B 64 49.84 23.74 14.69
C GLY B 64 50.59 22.77 15.58
N SER B 65 50.32 22.81 16.89
CA SER B 65 50.98 21.89 17.81
C SER B 65 50.60 20.44 17.50
N TYR B 66 49.30 20.17 17.35
CA TYR B 66 48.87 18.81 17.04
C TYR B 66 49.36 18.34 15.68
N ALA B 67 49.55 19.27 14.74
CA ALA B 67 50.13 18.89 13.46
C ALA B 67 51.61 18.56 13.59
N CYS B 68 52.33 19.30 14.44
CA CYS B 68 53.72 18.98 14.71
C CYS B 68 53.87 17.64 15.40
N SER B 69 52.88 17.24 16.20
CA SER B 69 52.96 15.99 16.97
C SER B 69 52.64 14.74 16.15
N ILE B 70 52.52 14.84 14.83
CA ILE B 70 52.18 13.69 13.99
C ILE B 70 53.45 13.00 13.53
N ASP B 71 53.47 11.67 13.66
CA ASP B 71 54.57 10.81 13.25
C ASP B 71 55.89 11.25 13.88
N PRO B 72 56.07 11.03 15.18
CA PRO B 72 57.34 11.43 15.81
C PRO B 72 58.51 10.53 15.44
N THR B 73 58.27 9.25 15.18
CA THR B 73 59.34 8.31 14.86
C THR B 73 59.75 8.35 13.40
N GLU B 74 59.04 9.12 12.56
CA GLU B 74 59.40 9.32 11.16
C GLU B 74 59.38 8.01 10.36
N ASP B 75 58.59 7.04 10.82
CA ASP B 75 58.51 5.77 10.09
C ASP B 75 57.13 5.12 10.15
N ARG B 76 56.14 5.73 10.78
CA ARG B 76 54.83 5.08 10.94
C ARG B 76 54.05 5.00 9.65
N TYR B 77 54.44 5.74 8.62
CA TYR B 77 53.68 5.80 7.37
C TYR B 77 54.58 5.47 6.19
N GLN B 78 53.98 4.87 5.16
CA GLN B 78 54.68 4.57 3.92
C GLN B 78 53.68 4.65 2.77
N ASN B 79 54.21 4.78 1.56
CA ASN B 79 53.41 4.90 0.35
C ASN B 79 52.42 6.06 0.46
N VAL B 80 52.93 7.21 0.88
CA VAL B 80 52.11 8.40 1.04
C VAL B 80 51.94 9.08 -0.31
N ILE B 81 50.71 9.13 -0.81
CA ILE B 81 50.39 9.71 -2.10
C ILE B 81 49.34 10.78 -1.89
N VAL B 82 49.61 12.00 -2.38
CA VAL B 82 48.68 13.11 -2.26
C VAL B 82 48.51 13.77 -3.61
N ARG B 83 47.27 13.82 -4.10
CA ARG B 83 46.91 14.42 -5.38
C ARG B 83 47.67 13.80 -6.55
N GLY B 84 48.14 12.56 -6.39
CA GLY B 84 48.92 11.88 -7.39
C GLY B 84 50.41 11.93 -7.17
N VAL B 85 50.89 12.92 -6.40
CA VAL B 85 52.31 13.06 -6.14
C VAL B 85 52.73 12.08 -5.05
N ASN B 86 53.85 11.40 -5.28
CA ASN B 86 54.37 10.42 -4.32
C ASN B 86 55.27 11.17 -3.33
N PHE B 87 54.67 11.55 -2.20
CA PHE B 87 55.40 12.31 -1.21
C PHE B 87 56.43 11.46 -0.48
N ASP B 88 56.28 10.14 -0.48
CA ASP B 88 57.33 9.28 0.03
C ASP B 88 58.63 9.51 -0.73
N GLU B 89 58.58 9.36 -2.06
CA GLU B 89 59.76 9.59 -2.87
C GLU B 89 60.21 11.04 -2.81
N ARG B 90 59.26 11.98 -2.75
CA ARG B 90 59.64 13.39 -2.70
C ARG B 90 60.41 13.73 -1.43
N VAL B 91 59.98 13.19 -0.28
CA VAL B 91 60.71 13.44 0.96
C VAL B 91 62.00 12.64 1.01
N GLN B 92 62.04 11.47 0.35
CA GLN B 92 63.29 10.71 0.30
C GLN B 92 64.34 11.45 -0.52
N ARG B 93 63.93 12.17 -1.56
CA ARG B 93 64.89 12.89 -2.40
C ARG B 93 65.35 14.20 -1.77
N LEU B 94 64.92 14.52 -0.55
CA LEU B 94 65.38 15.72 0.14
C LEU B 94 66.58 15.39 1.03
N SER B 95 67.34 16.44 1.36
CA SER B 95 68.56 16.24 2.14
C SER B 95 68.24 15.89 3.59
N THR B 96 67.31 16.60 4.20
CA THR B 96 66.98 16.37 5.61
C THR B 96 65.97 15.26 5.82
N GLY B 97 65.35 14.76 4.75
CA GLY B 97 64.36 13.70 4.91
C GLY B 97 63.15 14.20 5.69
N GLY B 98 62.81 13.48 6.74
CA GLY B 98 61.69 13.83 7.59
C GLY B 98 60.56 12.82 7.48
N SER B 99 59.37 13.27 7.90
CA SER B 99 58.19 12.42 7.89
C SER B 99 57.37 12.72 6.65
N PRO B 100 57.10 11.73 5.79
CA PRO B 100 56.25 12.00 4.62
C PRO B 100 54.82 12.36 4.99
N ALA B 101 54.29 11.78 6.07
CA ALA B 101 52.93 12.13 6.50
C ALA B 101 52.85 13.60 6.90
N ARG B 102 53.80 14.07 7.69
CA ARG B 102 53.81 15.46 8.12
C ARG B 102 54.10 16.40 6.94
N TYR B 103 55.00 15.98 6.04
CA TYR B 103 55.27 16.78 4.85
C TYR B 103 54.05 16.84 3.92
N ALA B 104 53.17 15.84 3.99
CA ALA B 104 51.95 15.87 3.19
C ALA B 104 50.84 16.68 3.85
N ILE B 105 50.78 16.70 5.18
CA ILE B 105 49.69 17.42 5.85
C ILE B 105 49.82 18.93 5.71
N VAL B 106 51.02 19.44 5.42
CA VAL B 106 51.17 20.88 5.22
C VAL B 106 50.56 21.34 3.90
N TYR B 107 50.26 20.41 3.00
CA TYR B 107 49.57 20.73 1.75
C TYR B 107 48.06 20.66 1.97
N ARG B 108 47.33 21.35 1.10
CA ARG B 108 45.88 21.36 1.19
C ARG B 108 45.31 19.99 0.83
N ARG B 109 44.36 19.52 1.63
CA ARG B 109 43.65 18.26 1.48
C ARG B 109 44.55 17.03 1.68
N GLY B 110 45.84 17.23 1.93
CA GLY B 110 46.73 16.10 2.17
C GLY B 110 46.30 15.24 3.34
N TRP B 111 45.55 15.81 4.28
CA TRP B 111 45.00 15.03 5.40
C TRP B 111 44.14 13.87 4.94
N ARG B 112 43.60 13.92 3.72
CA ARG B 112 42.84 12.79 3.20
C ARG B 112 43.70 11.53 3.12
N ALA B 113 45.00 11.70 2.87
CA ALA B 113 45.88 10.53 2.84
C ALA B 113 46.12 9.97 4.23
N ILE B 114 46.29 10.84 5.22
CA ILE B 114 46.60 10.38 6.57
C ILE B 114 45.36 9.78 7.23
N ALA B 115 44.18 10.36 6.97
CA ALA B 115 42.95 9.86 7.58
C ALA B 115 42.61 8.46 7.09
N LYS B 116 42.95 8.13 5.84
CA LYS B 116 42.70 6.78 5.35
C LYS B 116 43.62 5.76 6.01
N ALA B 117 44.84 6.16 6.37
CA ALA B 117 45.74 5.26 7.07
C ALA B 117 45.31 5.00 8.51
N LEU B 118 44.50 5.89 9.08
CA LEU B 118 44.03 5.74 10.45
C LEU B 118 42.59 5.26 10.53
N ASP B 119 41.95 4.98 9.39
CA ASP B 119 40.58 4.47 9.33
C ASP B 119 39.60 5.39 10.06
N ILE B 120 39.73 6.69 9.82
CA ILE B 120 38.84 7.68 10.40
C ILE B 120 37.61 7.83 9.51
N ASP B 121 36.44 7.94 10.14
CA ASP B 121 35.19 8.03 9.39
C ASP B 121 35.14 9.30 8.56
N GLU B 122 35.35 9.15 7.25
CA GLU B 122 35.42 10.30 6.35
C GLU B 122 34.12 11.11 6.32
N GLU B 123 33.00 10.51 6.72
CA GLU B 123 31.75 11.26 6.79
C GLU B 123 31.77 12.36 7.84
N ASP B 124 32.73 12.33 8.76
CA ASP B 124 32.91 13.41 9.72
C ASP B 124 33.81 14.52 9.18
N VAL B 125 34.38 14.34 7.99
CA VAL B 125 35.28 15.30 7.36
C VAL B 125 36.40 15.65 8.33
N PRO B 126 37.38 14.77 8.55
CA PRO B 126 38.48 15.07 9.49
C PRO B 126 39.52 16.00 8.87
N ALA B 127 39.12 17.25 8.65
CA ALA B 127 39.96 18.22 7.95
C ALA B 127 40.97 18.85 8.91
N ILE B 128 42.22 18.93 8.47
CA ILE B 128 43.29 19.58 9.23
C ILE B 128 44.09 20.42 8.24
N GLU B 129 44.04 21.74 8.40
CA GLU B 129 44.79 22.65 7.56
C GLU B 129 45.57 23.61 8.43
N VAL B 130 46.84 23.84 8.07
CA VAL B 130 47.73 24.69 8.84
C VAL B 130 48.36 25.74 7.93
N ARG B 131 47.55 26.35 7.07
CA ARG B 131 48.03 27.33 6.10
C ARG B 131 47.40 28.69 6.32
N ALA B 132 47.13 29.04 7.57
CA ALA B 132 46.57 30.34 7.89
C ALA B 132 47.61 31.43 7.66
N VAL B 133 47.15 32.58 7.15
CA VAL B 133 48.05 33.67 6.79
C VAL B 133 47.62 34.97 7.45
N LYS B 134 46.37 35.37 7.22
CA LYS B 134 45.89 36.68 7.68
C LYS B 134 45.92 36.79 9.20
N ARG B 135 45.12 35.97 9.89
CA ARG B 135 44.99 36.04 11.34
C ARG B 135 45.93 35.10 12.07
N ASN B 136 46.99 34.64 11.41
CA ASN B 136 47.96 33.76 12.06
C ASN B 136 48.77 34.54 13.08
N PRO B 137 48.73 34.18 14.37
CA PRO B 137 49.54 34.90 15.36
C PRO B 137 51.03 34.78 15.15
N LEU B 138 51.49 33.75 14.44
CA LEU B 138 52.89 33.58 14.11
C LEU B 138 53.14 33.98 12.65
N GLN B 139 54.40 33.97 12.25
CA GLN B 139 54.73 34.15 10.85
C GLN B 139 54.25 32.92 10.07
N PRO B 140 53.56 33.10 8.93
CA PRO B 140 52.98 31.94 8.24
C PRO B 140 54.00 30.91 7.80
N ALA B 141 55.10 31.34 7.17
CA ALA B 141 56.10 30.39 6.69
C ALA B 141 56.80 29.68 7.84
N LEU B 142 57.09 30.41 8.93
CA LEU B 142 57.68 29.79 10.10
C LEU B 142 56.74 28.76 10.72
N TYR B 143 55.44 29.09 10.79
CA TYR B 143 54.44 28.16 11.28
C TYR B 143 54.40 26.89 10.43
N ARG B 144 54.41 27.05 9.10
CA ARG B 144 54.37 25.90 8.22
C ARG B 144 55.64 25.06 8.34
N ILE B 145 56.79 25.70 8.51
CA ILE B 145 58.04 24.96 8.63
C ILE B 145 58.11 24.21 9.96
N LEU B 146 57.59 24.83 11.03
CA LEU B 146 57.50 24.12 12.30
C LEU B 146 56.59 22.90 12.18
N VAL B 147 55.46 23.05 11.48
CA VAL B 147 54.58 21.91 11.25
C VAL B 147 55.30 20.85 10.41
N ARG B 148 56.07 21.28 9.42
CA ARG B 148 56.80 20.36 8.56
C ARG B 148 57.80 19.52 9.36
N TYR B 149 58.69 20.18 10.10
CA TYR B 149 59.73 19.47 10.83
C TYR B 149 59.25 18.97 12.20
N GLY B 150 57.97 19.14 12.51
CA GLY B 150 57.43 18.62 13.76
C GLY B 150 58.05 19.24 15.00
N ARG B 151 58.06 20.57 15.05
CA ARG B 151 58.62 21.30 16.18
C ARG B 151 57.49 21.66 17.13
N VAL B 152 57.06 20.66 17.90
CA VAL B 152 56.03 20.89 18.90
C VAL B 152 56.57 21.77 20.02
N ASP B 153 57.89 21.74 20.24
CA ASP B 153 58.49 22.56 21.29
C ASP B 153 58.45 24.05 20.93
N LEU B 154 58.68 24.37 19.66
CA LEU B 154 58.68 25.76 19.23
C LEU B 154 57.28 26.31 18.95
N MET B 155 56.31 25.43 18.71
CA MET B 155 54.94 25.84 18.46
C MET B 155 54.27 26.23 19.77
N PRO B 156 53.89 27.49 19.95
CA PRO B 156 53.24 27.90 21.21
C PRO B 156 51.83 27.34 21.31
N VAL B 157 51.38 27.19 22.55
CA VAL B 157 50.02 26.72 22.84
C VAL B 157 49.13 27.81 23.37
N THR B 158 49.65 29.02 23.59
CA THR B 158 48.88 30.13 24.12
C THR B 158 49.29 31.40 23.40
N VAL B 159 48.31 32.27 23.13
CA VAL B 159 48.60 33.52 22.44
C VAL B 159 49.51 34.40 23.27
N ASP B 160 49.45 34.30 24.60
CA ASP B 160 50.31 35.11 25.45
C ASP B 160 51.74 34.59 25.45
N GLU B 161 51.92 33.29 25.25
CA GLU B 161 53.25 32.69 25.16
C GLU B 161 53.92 32.96 23.82
N VAL B 162 53.23 33.62 22.88
CA VAL B 162 53.79 33.92 21.57
C VAL B 162 54.89 34.97 21.71
N PRO B 163 56.13 34.64 21.34
CA PRO B 163 57.21 35.63 21.42
C PRO B 163 57.25 36.49 20.17
N PRO B 164 57.57 37.77 20.31
CA PRO B 164 57.66 38.64 19.12
C PRO B 164 58.68 38.16 18.10
N GLU B 165 59.72 37.45 18.53
CA GLU B 165 60.70 36.91 17.61
C GLU B 165 60.13 35.83 16.71
N MET B 166 58.88 35.39 16.95
CA MET B 166 58.18 34.48 16.07
C MET B 166 57.04 35.15 15.32
N ALA B 167 56.88 36.47 15.46
CA ALA B 167 55.77 37.16 14.81
C ALA B 167 56.23 38.47 14.18
N GLY B 168 56.09 39.58 14.92
CA GLY B 168 56.42 40.88 14.35
C GLY B 168 57.91 41.05 14.13
N GLU B 169 58.72 40.69 15.11
CA GLU B 169 60.18 40.82 15.03
C GLU B 169 60.83 39.48 14.71
N PHE B 170 60.27 38.78 13.72
CA PHE B 170 60.76 37.45 13.36
C PHE B 170 62.22 37.49 12.93
N GLU B 171 62.67 38.61 12.36
CA GLU B 171 64.06 38.72 11.93
C GLU B 171 65.02 38.59 13.10
N ARG B 172 64.56 38.79 14.33
CA ARG B 172 65.41 38.57 15.50
C ARG B 172 65.84 37.11 15.58
N LEU B 173 64.95 36.18 15.22
CA LEU B 173 65.29 34.77 15.30
C LEU B 173 66.27 34.35 14.20
N ILE B 174 66.17 34.98 13.03
CA ILE B 174 67.11 34.69 11.94
C ILE B 174 68.51 35.13 12.33
N GLU B 175 68.65 36.39 12.76
CA GLU B 175 69.95 36.91 13.17
C GLU B 175 70.54 36.12 14.34
N ARG B 176 69.70 35.42 15.11
CA ARG B 176 70.20 34.59 16.21
C ARG B 176 71.02 33.41 15.72
N TYR B 177 70.79 32.96 14.50
CA TYR B 177 71.44 31.77 13.96
C TYR B 177 72.23 32.07 12.69
N ASP B 178 72.41 33.34 12.33
CA ASP B 178 73.08 33.76 11.11
C ASP B 178 72.46 33.08 9.89
N VAL B 179 72.95 31.89 9.55
CA VAL B 179 72.56 31.09 8.37
C VAL B 179 72.81 31.84 7.07
N PRO B 180 73.51 31.24 6.12
CA PRO B 180 73.72 31.91 4.83
C PRO B 180 72.41 32.10 4.08
N ILE B 181 72.29 33.24 3.40
CA ILE B 181 71.08 33.63 2.69
C ILE B 181 71.47 34.16 1.31
N ASP B 182 70.70 33.79 0.29
CA ASP B 182 70.95 34.24 -1.06
C ASP B 182 70.09 35.48 -1.38
N GLU B 183 70.29 36.02 -2.58
CA GLU B 183 69.68 37.29 -2.95
C GLU B 183 68.16 37.18 -3.09
N LYS B 184 67.65 36.04 -3.55
CA LYS B 184 66.19 35.90 -3.66
C LYS B 184 65.54 35.93 -2.29
N GLU B 185 66.08 35.17 -1.33
CA GLU B 185 65.54 35.19 0.01
C GLU B 185 65.75 36.55 0.68
N GLU B 186 66.82 37.27 0.31
CA GLU B 186 66.98 38.63 0.82
C GLU B 186 65.91 39.56 0.27
N ARG B 187 65.57 39.42 -1.01
CA ARG B 187 64.49 40.20 -1.60
C ARG B 187 63.15 39.85 -0.99
N ILE B 188 62.96 38.59 -0.57
CA ILE B 188 61.74 38.23 0.13
C ILE B 188 61.70 38.88 1.50
N LEU B 189 62.85 38.91 2.18
CA LEU B 189 62.91 39.49 3.53
C LEU B 189 62.70 41.00 3.50
N GLU B 190 63.17 41.68 2.44
CA GLU B 190 62.98 43.12 2.36
C GLU B 190 61.51 43.51 2.21
N ILE B 191 60.67 42.60 1.72
CA ILE B 191 59.23 42.82 1.69
C ILE B 191 58.58 42.35 2.98
N LEU B 192 59.06 41.24 3.54
CA LEU B 192 58.52 40.73 4.80
C LEU B 192 58.77 41.69 5.95
N ARG B 193 59.79 42.56 5.86
CA ARG B 193 60.00 43.56 6.90
C ARG B 193 58.87 44.57 6.93
N GLU B 194 58.25 44.85 5.78
CA GLU B 194 57.12 45.77 5.74
C GLU B 194 55.91 45.17 6.44
N ASN B 195 55.61 43.89 6.16
CA ASN B 195 54.49 43.19 6.77
C ASN B 195 54.78 41.69 6.77
N PRO B 196 54.98 41.08 7.93
CA PRO B 196 55.31 39.65 7.97
C PRO B 196 54.20 38.75 7.48
N TRP B 197 52.96 39.25 7.40
CA TRP B 197 51.82 38.46 6.95
C TRP B 197 51.45 38.76 5.50
N THR B 198 52.42 39.18 4.69
CA THR B 198 52.16 39.45 3.28
C THR B 198 51.91 38.14 2.54
N PRO B 199 50.83 38.03 1.76
CA PRO B 199 50.56 36.79 1.05
C PRO B 199 51.64 36.46 0.03
N HIS B 200 51.85 35.16 -0.18
CA HIS B 200 52.84 34.71 -1.15
C HIS B 200 52.47 35.15 -2.56
N ASP B 201 51.17 35.30 -2.84
CA ASP B 201 50.75 35.84 -4.13
C ASP B 201 51.24 37.27 -4.30
N GLU B 202 51.08 38.11 -3.27
CA GLU B 202 51.58 39.48 -3.34
C GLU B 202 53.09 39.51 -3.44
N ILE B 203 53.77 38.60 -2.73
CA ILE B 203 55.23 38.56 -2.78
C ILE B 203 55.71 38.22 -4.19
N ALA B 204 55.12 37.19 -4.81
CA ALA B 204 55.49 36.82 -6.17
C ALA B 204 55.09 37.89 -7.18
N ARG B 205 54.02 38.64 -6.91
CA ARG B 205 53.62 39.72 -7.81
C ARG B 205 54.62 40.87 -7.76
N ARG B 206 55.01 41.29 -6.54
CA ARG B 206 55.91 42.42 -6.41
C ARG B 206 57.33 42.07 -6.83
N LEU B 207 57.76 40.83 -6.57
CA LEU B 207 59.10 40.40 -6.96
C LEU B 207 59.19 39.94 -8.41
N GLY B 208 58.07 39.88 -9.13
CA GLY B 208 58.10 39.44 -10.51
C GLY B 208 58.52 37.99 -10.67
N LEU B 209 58.14 37.13 -9.73
CA LEU B 209 58.49 35.72 -9.75
C LEU B 209 57.22 34.89 -9.61
N SER B 210 57.39 33.58 -9.60
CA SER B 210 56.29 32.66 -9.39
C SER B 210 56.15 32.34 -7.89
N VAL B 211 54.97 31.84 -7.53
CA VAL B 211 54.74 31.44 -6.14
C VAL B 211 55.64 30.28 -5.77
N SER B 212 55.87 29.36 -6.72
CA SER B 212 56.78 28.25 -6.47
C SER B 212 58.21 28.74 -6.28
N GLU B 213 58.61 29.76 -7.05
CA GLU B 213 59.96 30.31 -6.91
C GLU B 213 60.11 31.04 -5.59
N VAL B 214 59.04 31.71 -5.12
CA VAL B 214 59.11 32.42 -3.86
C VAL B 214 59.16 31.43 -2.69
N GLU B 215 58.32 30.39 -2.73
CA GLU B 215 58.27 29.44 -1.62
C GLU B 215 59.51 28.54 -1.61
N GLY B 216 59.72 27.79 -2.69
CA GLY B 216 60.84 26.87 -2.75
C GLY B 216 60.54 25.56 -2.07
N GLU B 217 61.52 24.67 -2.10
CA GLU B 217 61.39 23.37 -1.46
C GLU B 217 61.56 23.49 0.05
N LYS B 218 60.76 22.74 0.78
CA LYS B 218 60.82 22.74 2.25
C LYS B 218 62.03 21.93 2.70
N ASP B 219 63.21 22.49 2.41
CA ASP B 219 64.47 21.85 2.73
C ASP B 219 65.56 22.90 2.73
N PRO B 220 66.53 22.84 3.65
CA PRO B 220 67.60 23.85 3.66
C PRO B 220 68.38 23.94 2.35
N GLU B 221 68.50 22.84 1.60
CA GLU B 221 69.24 22.85 0.35
C GLU B 221 68.30 23.18 -0.81
N SER B 222 67.84 24.43 -0.80
CA SER B 222 66.96 24.95 -1.83
C SER B 222 67.01 26.47 -1.79
N SER B 223 66.11 27.12 -2.53
CA SER B 223 66.04 28.57 -2.57
C SER B 223 64.59 29.00 -2.41
N GLY B 224 64.34 29.88 -1.44
CA GLY B 224 63.00 30.34 -1.16
C GLY B 224 62.80 30.58 0.32
N ILE B 225 61.63 31.10 0.69
CA ILE B 225 61.35 31.38 2.09
C ILE B 225 61.22 30.08 2.87
N TYR B 226 60.64 29.04 2.25
CA TYR B 226 60.59 27.74 2.89
C TYR B 226 61.99 27.21 3.16
N SER B 227 62.88 27.33 2.18
CA SER B 227 64.25 26.85 2.36
C SER B 227 64.97 27.65 3.43
N LEU B 228 64.75 28.97 3.47
CA LEU B 228 65.39 29.79 4.49
C LEU B 228 64.93 29.41 5.89
N TRP B 229 63.61 29.27 6.07
CA TRP B 229 63.10 28.90 7.38
C TRP B 229 63.50 27.49 7.77
N SER B 230 63.62 26.58 6.79
CA SER B 230 64.11 25.24 7.10
C SER B 230 65.57 25.28 7.54
N ARG B 231 66.39 26.06 6.86
CA ARG B 231 67.79 26.21 7.26
C ARG B 231 67.89 26.80 8.66
N VAL B 232 66.99 27.72 9.00
CA VAL B 232 67.01 28.30 10.35
C VAL B 232 66.57 27.27 11.38
N VAL B 233 65.52 26.50 11.08
CA VAL B 233 64.94 25.60 12.07
C VAL B 233 65.86 24.40 12.33
N VAL B 234 66.52 23.90 11.28
CA VAL B 234 67.36 22.72 11.43
C VAL B 234 68.48 23.01 12.42
N ASN B 235 69.01 24.23 12.42
CA ASN B 235 70.09 24.61 13.33
C ASN B 235 69.60 24.90 14.75
N ILE B 236 68.31 24.71 15.02
CA ILE B 236 67.75 24.92 16.36
C ILE B 236 67.67 23.56 17.05
N GLU B 237 68.17 23.50 18.28
CA GLU B 237 68.16 22.26 19.04
C GLU B 237 66.78 22.00 19.61
N TYR B 238 66.46 20.72 19.79
CA TYR B 238 65.14 20.31 20.25
C TYR B 238 65.02 20.53 21.76
N ASP B 239 63.99 21.26 22.17
CA ASP B 239 63.74 21.57 23.58
C ASP B 239 62.74 20.55 24.12
N GLU B 240 63.27 19.45 24.65
CA GLU B 240 62.42 18.34 25.10
C GLU B 240 61.52 18.77 26.25
N ARG B 241 62.02 19.63 27.14
CA ARG B 241 61.22 20.07 28.28
C ARG B 241 59.99 20.84 27.82
N THR B 242 60.18 21.83 26.94
CA THR B 242 59.05 22.61 26.44
C THR B 242 58.12 21.73 25.61
N ALA B 243 58.67 20.79 24.85
CA ALA B 243 57.82 19.88 24.08
C ALA B 243 56.93 19.06 24.98
N LYS B 244 57.51 18.47 26.03
CA LYS B 244 56.72 17.64 26.95
C LYS B 244 55.68 18.48 27.69
N ARG B 245 56.04 19.70 28.10
CA ARG B 245 55.08 20.55 28.78
C ARG B 245 53.93 20.94 27.85
N HIS B 246 54.22 21.25 26.59
CA HIS B 246 53.17 21.56 25.63
C HIS B 246 52.26 20.37 25.42
N VAL B 247 52.83 19.17 25.29
CA VAL B 247 52.02 17.97 25.10
C VAL B 247 51.13 17.74 26.32
N LYS B 248 51.66 17.98 27.52
CA LYS B 248 50.88 17.79 28.73
C LYS B 248 49.77 18.82 28.87
N ARG B 249 49.99 20.04 28.37
CA ARG B 249 49.09 21.15 28.63
C ARG B 249 48.03 21.36 27.56
N ARG B 250 48.29 20.94 26.32
CA ARG B 250 47.46 21.41 25.20
C ARG B 250 46.04 20.84 25.22
N ASP B 251 45.85 19.61 25.72
CA ASP B 251 44.54 18.97 25.64
C ASP B 251 43.50 19.70 26.50
N ARG B 252 43.79 19.84 27.79
CA ARG B 252 42.90 20.61 28.66
C ARG B 252 42.75 22.04 28.17
N LEU B 253 43.80 22.61 27.58
CA LEU B 253 43.67 23.93 26.96
C LEU B 253 42.67 23.89 25.81
N LEU B 254 42.66 22.81 25.04
CA LEU B 254 41.70 22.69 23.94
C LEU B 254 40.27 22.60 24.47
N GLU B 255 40.05 21.81 25.52
CA GLU B 255 38.71 21.74 26.10
C GLU B 255 38.29 23.08 26.71
N GLU B 256 39.24 23.82 27.28
CA GLU B 256 38.94 25.15 27.80
C GLU B 256 38.57 26.11 26.67
N LEU B 257 39.27 26.00 25.53
CA LEU B 257 38.92 26.82 24.37
C LEU B 257 37.53 26.46 23.85
N TYR B 258 37.18 25.17 23.88
CA TYR B 258 35.83 24.78 23.48
C TYR B 258 34.78 25.35 24.42
N GLU B 259 35.07 25.36 25.72
CA GLU B 259 34.15 25.97 26.68
C GLU B 259 33.98 27.47 26.40
N HIS B 260 35.09 28.16 26.12
CA HIS B 260 35.00 29.59 25.79
C HIS B 260 34.23 29.81 24.50
N LEU B 261 34.40 28.91 23.53
CA LEU B 261 33.66 29.03 22.27
C LEU B 261 32.17 28.86 22.49
N GLU B 262 31.78 27.87 23.29
CA GLU B 262 30.36 27.69 23.60
C GLU B 262 29.80 28.89 24.38
N GLU B 263 30.63 29.47 25.26
CA GLU B 263 30.21 30.67 25.98
C GLU B 263 29.95 31.82 25.03
N LEU B 264 30.88 32.04 24.08
CA LEU B 264 30.71 33.12 23.12
C LEU B 264 29.55 32.87 22.17
N SER B 265 29.28 31.60 21.85
CA SER B 265 28.17 31.28 20.95
C SER B 265 26.83 31.47 21.65
N GLU B 266 26.72 31.07 22.92
CA GLU B 266 25.49 31.28 23.68
C GLU B 266 25.21 32.75 23.95
N ARG B 267 26.15 33.65 23.67
CA ARG B 267 25.96 35.09 23.87
C ARG B 267 25.48 35.79 22.60
N TYR B 268 26.26 35.69 21.52
CA TYR B 268 25.93 36.38 20.28
C TYR B 268 24.89 35.65 19.44
N LEU B 269 24.66 34.36 19.70
CA LEU B 269 23.67 33.59 18.96
C LEU B 269 22.59 32.98 19.83
N ARG B 270 22.76 32.97 21.16
CA ARG B 270 21.80 32.41 22.11
C ARG B 270 21.57 30.92 21.87
N HIS B 271 22.53 30.24 21.25
CA HIS B 271 22.46 28.80 21.03
C HIS B 271 23.86 28.29 20.77
N PRO B 272 24.18 27.08 21.18
CA PRO B 272 25.55 26.56 21.02
C PRO B 272 25.74 25.86 19.69
N LEU B 273 27.01 25.75 19.30
CA LEU B 273 27.40 25.09 18.06
C LEU B 273 27.78 23.65 18.40
N THR B 274 26.88 22.72 18.09
CA THR B 274 27.11 21.31 18.39
C THR B 274 28.16 20.72 17.46
N ARG B 275 28.73 19.59 17.90
CA ARG B 275 29.74 18.91 17.10
C ARG B 275 29.16 18.45 15.77
N ARG B 276 27.92 17.96 15.78
CA ARG B 276 27.29 17.52 14.54
C ARG B 276 27.04 18.69 13.60
N TRP B 277 26.63 19.83 14.14
CA TRP B 277 26.48 21.03 13.31
C TRP B 277 27.81 21.46 12.72
N ILE B 278 28.88 21.38 13.50
CA ILE B 278 30.20 21.75 12.98
C ILE B 278 30.61 20.81 11.87
N VAL B 279 30.34 19.52 12.03
CA VAL B 279 30.66 18.55 10.99
C VAL B 279 29.87 18.84 9.72
N GLU B 280 28.58 19.16 9.87
CA GLU B 280 27.75 19.45 8.70
C GLU B 280 28.20 20.73 8.01
N HIS B 281 28.65 21.72 8.77
CA HIS B 281 29.16 22.95 8.17
C HIS B 281 30.48 22.70 7.44
N LYS B 282 31.35 21.87 8.02
CA LYS B 282 32.56 21.46 7.32
C LYS B 282 32.22 20.75 6.01
N ARG B 283 31.20 19.89 6.03
CA ARG B 283 30.78 19.20 4.82
C ARG B 283 30.26 20.19 3.78
N ASP B 284 29.46 21.16 4.21
CA ASP B 284 28.95 22.17 3.29
C ASP B 284 30.07 23.00 2.70
N ILE B 285 31.14 23.23 3.46
CA ILE B 285 32.28 23.97 2.93
C ILE B 285 33.06 23.13 1.93
N MET B 286 33.34 21.87 2.30
CA MET B 286 34.14 20.98 1.47
C MET B 286 33.40 20.44 0.25
N ARG B 287 32.08 20.63 0.16
CA ARG B 287 31.35 20.20 -1.02
C ARG B 287 31.81 20.93 -2.28
N ARG B 288 32.38 22.13 -2.13
CA ARG B 288 32.89 22.86 -3.28
C ARG B 288 34.22 22.31 -3.80
N TYR B 289 34.80 21.33 -3.10
CA TYR B 289 36.02 20.67 -3.54
C TYR B 289 35.74 19.32 -4.19
N LEU B 290 34.47 19.02 -4.49
CA LEU B 290 34.02 17.86 -5.29
C LEU B 290 34.53 16.51 -4.81
N GLU B 291 35.69 16.48 -4.14
CA GLU B 291 36.27 15.21 -3.67
C GLU B 291 35.30 14.47 -2.75
N GLN B 292 34.54 15.21 -1.93
CA GLN B 292 33.59 14.57 -1.01
C GLN B 292 32.53 13.77 -1.77
N ARG B 293 32.22 14.17 -3.01
CA ARG B 293 31.29 13.37 -3.80
C ARG B 293 31.84 11.95 -4.04
N ILE B 294 33.13 11.85 -4.29
CA ILE B 294 33.76 10.55 -4.49
C ILE B 294 33.76 9.74 -3.19
N VAL B 295 34.08 10.40 -2.08
CA VAL B 295 34.13 9.73 -0.78
C VAL B 295 32.78 9.14 -0.40
N GLU B 296 31.70 9.90 -0.64
CA GLU B 296 30.38 9.39 -0.30
C GLU B 296 30.02 8.17 -1.15
N CYS B 297 30.36 8.20 -2.44
CA CYS B 297 30.09 7.05 -3.30
C CYS B 297 30.88 5.83 -2.83
N ALA B 298 32.15 6.02 -2.47
CA ALA B 298 32.95 4.90 -1.99
C ALA B 298 32.40 4.34 -0.68
N LEU B 299 31.98 5.21 0.23
CA LEU B 299 31.41 4.75 1.49
C LEU B 299 30.10 4.01 1.27
N LYS B 300 29.30 4.46 0.29
CA LYS B 300 28.06 3.76 -0.01
C LYS B 300 28.35 2.39 -0.62
N LEU B 301 29.35 2.31 -1.50
CA LEU B 301 29.74 1.02 -2.06
C LEU B 301 30.27 0.08 -0.98
N GLN B 302 30.90 0.64 0.06
CA GLN B 302 31.39 -0.19 1.15
C GLN B 302 30.25 -0.67 2.04
N ASP B 303 29.30 0.22 2.34
CA ASP B 303 28.24 -0.11 3.28
C ASP B 303 27.20 -1.03 2.65
N ARG B 304 26.84 -0.80 1.39
CA ARG B 304 25.77 -1.57 0.78
C ARG B 304 26.30 -2.88 0.20
N TYR B 305 27.30 -2.80 -0.66
CA TYR B 305 27.78 -3.94 -1.43
C TYR B 305 29.02 -4.59 -0.84
N GLY B 306 29.57 -4.04 0.23
CA GLY B 306 30.71 -4.65 0.89
C GLY B 306 31.98 -4.70 0.07
N ILE B 307 32.21 -3.69 -0.76
CA ILE B 307 33.43 -3.64 -1.58
C ILE B 307 34.55 -3.06 -0.73
N ARG B 308 35.77 -3.56 -0.95
CA ARG B 308 36.93 -3.07 -0.22
C ARG B 308 37.11 -1.57 -0.42
N GLU B 309 37.78 -0.93 0.55
CA GLU B 309 37.89 0.52 0.55
C GLU B 309 38.65 1.02 -0.66
N ASP B 310 39.81 0.41 -0.94
CA ASP B 310 40.63 0.87 -2.05
C ASP B 310 39.92 0.70 -3.39
N VAL B 311 39.25 -0.44 -3.59
CA VAL B 311 38.58 -0.69 -4.85
C VAL B 311 37.36 0.23 -5.00
N ALA B 312 36.65 0.47 -3.91
CA ALA B 312 35.51 1.39 -3.96
C ALA B 312 35.98 2.80 -4.30
N LEU B 313 37.08 3.24 -3.70
CA LEU B 313 37.64 4.55 -4.04
C LEU B 313 38.06 4.61 -5.49
N CYS B 314 38.70 3.54 -5.99
CA CYS B 314 39.11 3.52 -7.39
C CYS B 314 37.92 3.63 -8.32
N LEU B 315 36.86 2.88 -8.05
CA LEU B 315 35.66 2.95 -8.87
C LEU B 315 35.03 4.34 -8.82
N ALA B 316 34.92 4.92 -7.62
CA ALA B 316 34.30 6.23 -7.49
C ALA B 316 35.12 7.31 -8.20
N ARG B 317 36.44 7.18 -8.17
CA ARG B 317 37.29 8.13 -8.91
C ARG B 317 37.10 7.94 -10.41
N ALA B 318 37.11 6.70 -10.88
CA ALA B 318 37.02 6.44 -12.31
C ALA B 318 35.67 6.80 -12.89
N PHE B 319 34.61 6.79 -12.09
CA PHE B 319 33.26 7.04 -12.59
C PHE B 319 32.59 8.22 -11.90
N ASP B 320 33.40 9.15 -11.38
CA ASP B 320 32.92 10.41 -10.81
C ASP B 320 31.90 10.17 -9.69
N GLY B 321 32.00 9.03 -9.02
CA GLY B 321 31.09 8.72 -7.93
C GLY B 321 29.64 8.55 -8.34
N SER B 322 29.39 7.85 -9.44
CA SER B 322 28.03 7.62 -9.94
C SER B 322 27.75 6.12 -9.89
N ILE B 323 27.00 5.69 -8.87
CA ILE B 323 26.65 4.28 -8.72
C ILE B 323 25.80 3.84 -9.90
N SER B 324 24.90 4.70 -10.37
CA SER B 324 24.08 4.37 -11.54
C SER B 324 24.94 4.16 -12.78
N MET B 325 26.09 4.83 -12.86
CA MET B 325 27.00 4.65 -13.98
C MET B 325 27.84 3.38 -13.82
N ILE B 326 28.27 3.09 -12.58
CA ILE B 326 29.04 1.87 -12.35
C ILE B 326 28.18 0.63 -12.59
N ALA B 327 26.88 0.72 -12.29
CA ALA B 327 25.97 -0.40 -12.51
C ALA B 327 25.67 -0.63 -13.98
N THR B 328 26.05 0.30 -14.86
CA THR B 328 25.88 0.15 -16.29
C THR B 328 27.20 -0.04 -17.02
N THR B 329 28.29 -0.29 -16.28
CA THR B 329 29.62 -0.46 -16.85
C THR B 329 29.99 -1.94 -16.86
N PRO B 330 30.47 -2.47 -17.98
CA PRO B 330 30.79 -3.89 -18.05
C PRO B 330 32.00 -4.26 -17.21
N TYR B 331 32.09 -5.57 -16.92
CA TYR B 331 33.16 -6.08 -16.08
C TYR B 331 34.53 -5.85 -16.69
N ARG B 332 34.62 -5.88 -18.02
CA ARG B 332 35.91 -5.63 -18.68
C ARG B 332 36.40 -4.21 -18.40
N THR B 333 35.52 -3.22 -18.56
CA THR B 333 35.91 -1.84 -18.28
C THR B 333 36.19 -1.64 -16.79
N LEU B 334 35.40 -2.29 -15.93
CA LEU B 334 35.64 -2.19 -14.50
C LEU B 334 37.02 -2.73 -14.12
N LYS B 335 37.43 -3.83 -14.76
CA LYS B 335 38.76 -4.38 -14.48
C LYS B 335 39.86 -3.53 -15.11
N ASP B 336 39.58 -2.92 -16.27
CA ASP B 336 40.56 -2.02 -16.87
C ASP B 336 40.83 -0.82 -15.98
N VAL B 337 39.78 -0.27 -15.36
CA VAL B 337 39.99 0.92 -14.53
C VAL B 337 40.47 0.54 -13.13
N CYS B 338 40.08 -0.62 -12.61
CA CYS B 338 40.50 -1.06 -11.29
C CYS B 338 40.78 -2.56 -11.34
N PRO B 339 42.02 -2.94 -11.63
CA PRO B 339 42.34 -4.38 -11.78
C PRO B 339 42.23 -5.18 -10.49
N ASP B 340 42.29 -4.54 -9.32
CA ASP B 340 42.14 -5.28 -8.07
C ASP B 340 40.71 -5.70 -7.80
N LEU B 341 39.74 -5.18 -8.56
CA LEU B 341 38.34 -5.55 -8.35
C LEU B 341 38.13 -7.03 -8.57
N THR B 342 37.29 -7.63 -7.73
CA THR B 342 36.93 -9.03 -7.89
C THR B 342 35.63 -9.16 -8.69
N LEU B 343 35.46 -10.32 -9.31
CA LEU B 343 34.24 -10.57 -10.07
C LEU B 343 33.02 -10.53 -9.17
N GLU B 344 33.14 -11.02 -7.94
CA GLU B 344 32.00 -11.00 -7.02
C GLU B 344 31.64 -9.57 -6.63
N GLU B 345 32.63 -8.71 -6.40
CA GLU B 345 32.34 -7.31 -6.12
C GLU B 345 31.71 -6.62 -7.32
N ALA B 346 32.22 -6.92 -8.53
CA ALA B 346 31.62 -6.36 -9.74
C ALA B 346 30.18 -6.80 -9.91
N LYS B 347 29.88 -8.06 -9.56
CA LYS B 347 28.51 -8.54 -9.63
C LYS B 347 27.63 -7.88 -8.58
N SER B 348 28.17 -7.68 -7.38
CA SER B 348 27.40 -7.03 -6.32
C SER B 348 27.05 -5.59 -6.69
N VAL B 349 27.99 -4.89 -7.34
CA VAL B 349 27.72 -3.49 -7.68
C VAL B 349 26.89 -3.39 -8.96
N ASN B 350 27.07 -4.31 -9.91
CA ASN B 350 26.32 -4.35 -11.17
C ASN B 350 25.31 -5.49 -11.06
N ARG B 351 24.09 -5.15 -10.64
CA ARG B 351 23.05 -6.16 -10.49
C ARG B 351 22.70 -6.81 -11.82
N THR B 352 22.79 -6.05 -12.92
CA THR B 352 22.56 -6.64 -14.24
C THR B 352 23.59 -7.71 -14.55
N LEU B 353 24.87 -7.41 -14.30
CA LEU B 353 25.93 -8.39 -14.50
C LEU B 353 25.72 -9.61 -13.62
N ALA B 354 25.35 -9.39 -12.36
CA ALA B 354 25.12 -10.51 -11.44
C ALA B 354 23.99 -11.40 -11.93
N THR B 355 22.87 -10.79 -12.34
CA THR B 355 21.74 -11.58 -12.83
C THR B 355 22.12 -12.35 -14.09
N LEU B 356 22.84 -11.71 -15.01
CA LEU B 356 23.20 -12.39 -16.25
C LEU B 356 24.15 -13.56 -15.98
N ILE B 357 25.10 -13.39 -15.06
CA ILE B 357 26.09 -14.44 -14.80
C ILE B 357 25.45 -15.58 -14.00
N ASP B 358 24.81 -15.27 -12.88
CA ASP B 358 24.35 -16.30 -11.97
C ASP B 358 22.99 -16.87 -12.40
N GLU B 359 21.99 -16.01 -12.55
CA GLU B 359 20.64 -16.48 -12.83
C GLU B 359 20.49 -17.03 -14.24
N HIS B 360 21.39 -16.69 -15.15
CA HIS B 360 21.29 -17.12 -16.54
C HIS B 360 22.51 -17.89 -17.05
N GLY B 361 23.52 -18.10 -16.21
CA GLY B 361 24.66 -18.90 -16.61
C GLY B 361 25.50 -18.32 -17.73
N LEU B 362 25.52 -16.99 -17.86
CA LEU B 362 26.31 -16.36 -18.91
C LEU B 362 27.77 -16.22 -18.48
N SER B 363 28.64 -16.18 -19.47
CA SER B 363 30.05 -15.89 -19.22
C SER B 363 30.23 -14.41 -18.96
N PRO B 364 31.34 -14.00 -18.35
CA PRO B 364 31.59 -12.57 -18.16
C PRO B 364 31.59 -11.78 -19.46
N ASP B 365 32.19 -12.32 -20.52
CA ASP B 365 32.21 -11.61 -21.80
C ASP B 365 30.84 -11.57 -22.45
N ALA B 366 30.09 -12.69 -22.36
CA ALA B 366 28.73 -12.70 -22.91
C ALA B 366 27.83 -11.73 -22.16
N ALA B 367 28.06 -11.54 -20.86
CA ALA B 367 27.29 -10.57 -20.11
C ALA B 367 27.71 -9.15 -20.44
N ASP B 368 29.03 -8.92 -20.56
CA ASP B 368 29.51 -7.60 -20.97
C ASP B 368 28.98 -7.22 -22.34
N GLU B 369 28.73 -8.20 -23.20
CA GLU B 369 28.09 -7.92 -24.49
C GLU B 369 26.74 -7.24 -24.30
N LEU B 370 25.84 -7.88 -23.56
CA LEU B 370 24.52 -7.28 -23.30
C LEU B 370 24.64 -5.98 -22.53
N ILE B 371 25.63 -5.87 -21.63
CA ILE B 371 25.80 -4.63 -20.88
C ILE B 371 26.19 -3.49 -21.80
N GLU B 372 27.15 -3.73 -22.70
CA GLU B 372 27.54 -2.70 -23.65
C GLU B 372 26.39 -2.31 -24.56
N HIS B 373 25.58 -3.29 -24.97
CA HIS B 373 24.56 -3.00 -25.97
C HIS B 373 23.26 -2.45 -25.39
N PHE B 374 22.96 -2.71 -24.11
CA PHE B 374 21.66 -2.32 -23.57
C PHE B 374 21.73 -1.79 -22.14
N GLU B 375 22.93 -1.44 -21.64
CA GLU B 375 23.13 -0.88 -20.31
C GLU B 375 22.65 -1.78 -19.16
N SER B 376 21.35 -2.08 -19.10
CA SER B 376 20.80 -2.77 -17.95
C SER B 376 19.71 -3.74 -18.38
N ILE B 377 19.20 -4.49 -17.41
CA ILE B 377 18.05 -5.36 -17.64
C ILE B 377 16.85 -4.52 -18.07
N ALA B 378 16.70 -3.33 -17.50
CA ALA B 378 15.66 -2.42 -17.94
C ALA B 378 15.87 -2.02 -19.39
N GLY B 379 17.13 -1.81 -19.80
CA GLY B 379 17.41 -1.52 -21.19
C GLY B 379 17.05 -2.68 -22.10
N ILE B 380 17.31 -3.90 -21.66
CA ILE B 380 16.91 -5.07 -22.44
C ILE B 380 15.40 -5.16 -22.55
N LEU B 381 14.69 -4.88 -21.45
CA LEU B 381 13.23 -4.91 -21.45
C LEU B 381 12.65 -3.79 -22.32
N ALA B 382 13.39 -2.70 -22.50
CA ALA B 382 12.93 -1.62 -23.37
C ALA B 382 13.34 -1.80 -24.82
N THR B 383 14.33 -2.65 -25.08
CA THR B 383 14.81 -2.88 -26.44
C THR B 383 13.87 -3.83 -27.18
N ASP B 384 13.72 -3.59 -28.49
CA ASP B 384 12.81 -4.37 -29.31
C ASP B 384 13.37 -5.76 -29.60
N LEU B 385 12.50 -6.76 -29.55
CA LEU B 385 12.90 -8.12 -29.88
C LEU B 385 13.37 -8.20 -31.33
N GLU B 386 12.77 -7.42 -32.22
CA GLU B 386 13.25 -7.38 -33.61
C GLU B 386 14.67 -6.84 -33.67
N GLU B 387 14.98 -5.82 -32.86
CA GLU B 387 16.34 -5.29 -32.82
C GLU B 387 17.32 -6.34 -32.32
N ILE B 388 16.94 -7.07 -31.27
CA ILE B 388 17.83 -8.10 -30.74
C ILE B 388 18.05 -9.21 -31.76
N GLU B 389 16.97 -9.63 -32.44
CA GLU B 389 17.10 -10.67 -33.45
C GLU B 389 17.95 -10.21 -34.62
N ARG B 390 17.84 -8.94 -35.00
CA ARG B 390 18.67 -8.42 -36.09
C ARG B 390 20.13 -8.39 -35.69
N MET B 391 20.42 -7.96 -34.46
CA MET B 391 21.80 -7.97 -33.97
C MET B 391 22.35 -9.39 -33.93
N TYR B 392 21.50 -10.37 -33.61
CA TYR B 392 21.96 -11.76 -33.58
C TYR B 392 22.21 -12.29 -34.98
N GLU B 393 21.30 -11.99 -35.92
CA GLU B 393 21.46 -12.45 -37.30
C GLU B 393 22.71 -11.86 -37.94
N GLU B 394 22.95 -10.57 -37.73
CA GLU B 394 24.13 -9.91 -38.31
C GLU B 394 25.44 -10.30 -37.63
N GLY B 395 25.46 -11.25 -36.70
CA GLY B 395 26.68 -11.63 -36.03
C GLY B 395 27.21 -10.64 -35.02
N ARG B 396 26.45 -9.59 -34.71
CA ARG B 396 26.89 -8.59 -33.75
C ARG B 396 26.57 -8.96 -32.31
N LEU B 397 25.80 -10.03 -32.09
CA LEU B 397 25.44 -10.48 -30.74
C LEU B 397 25.62 -11.98 -30.67
N SER B 398 26.28 -12.45 -29.60
CA SER B 398 26.54 -13.87 -29.46
C SER B 398 25.24 -14.63 -29.19
N GLU B 399 25.26 -15.93 -29.48
CA GLU B 399 24.08 -16.76 -29.30
C GLU B 399 23.65 -16.80 -27.84
N GLU B 400 24.60 -16.95 -26.92
CA GLU B 400 24.26 -17.03 -25.50
C GLU B 400 23.59 -15.75 -25.02
N ALA B 401 24.18 -14.60 -25.36
CA ALA B 401 23.61 -13.33 -24.96
C ALA B 401 22.23 -13.11 -25.59
N TYR B 402 22.07 -13.51 -26.85
CA TYR B 402 20.77 -13.37 -27.51
C TYR B 402 19.71 -14.21 -26.81
N ARG B 403 20.02 -15.48 -26.53
CA ARG B 403 19.06 -16.33 -25.85
C ARG B 403 18.72 -15.79 -24.47
N ALA B 404 19.72 -15.26 -23.76
CA ALA B 404 19.47 -14.71 -22.44
C ALA B 404 18.54 -13.50 -22.51
N ALA B 405 18.79 -12.61 -23.46
CA ALA B 405 17.94 -11.43 -23.59
C ALA B 405 16.52 -11.82 -23.97
N VAL B 406 16.37 -12.80 -24.87
CA VAL B 406 15.03 -13.23 -25.27
C VAL B 406 14.32 -13.87 -24.09
N GLU B 407 15.02 -14.68 -23.30
CA GLU B 407 14.41 -15.31 -22.14
C GLU B 407 13.98 -14.28 -21.11
N ILE B 408 14.78 -13.22 -20.93
CA ILE B 408 14.40 -12.15 -20.01
C ILE B 408 13.13 -11.46 -20.48
N GLN B 409 13.11 -11.03 -21.74
CA GLN B 409 11.95 -10.35 -22.29
C GLN B 409 10.70 -11.23 -22.21
N LEU B 410 10.87 -12.53 -22.44
CA LEU B 410 9.72 -13.44 -22.38
C LEU B 410 9.24 -13.64 -20.95
N ALA B 411 10.18 -13.81 -20.01
CA ALA B 411 9.80 -14.04 -18.62
C ALA B 411 9.06 -12.85 -18.05
N GLU B 412 9.47 -11.63 -18.41
CA GLU B 412 8.80 -10.44 -17.91
C GLU B 412 7.31 -10.40 -18.25
N LEU B 413 6.88 -11.15 -19.27
CA LEU B 413 5.47 -11.26 -19.63
C LEU B 413 4.84 -12.56 -19.16
N THR B 414 5.59 -13.67 -19.20
CA THR B 414 5.06 -14.97 -18.78
C THR B 414 4.89 -15.08 -17.28
N LYS B 415 5.50 -14.17 -16.49
CA LYS B 415 5.26 -14.18 -15.06
C LYS B 415 3.81 -13.86 -14.72
N LYS B 416 3.06 -13.31 -15.67
CA LYS B 416 1.63 -13.05 -15.48
C LYS B 416 0.82 -14.31 -15.75
N GLU B 417 -0.34 -14.40 -15.10
CA GLU B 417 -1.21 -15.56 -15.27
C GLU B 417 -1.91 -15.51 -16.63
N GLY B 418 -1.98 -16.67 -17.28
CA GLY B 418 -2.62 -16.78 -18.58
C GLY B 418 -1.74 -16.46 -19.76
N VAL B 419 -0.54 -15.94 -19.53
CA VAL B 419 0.37 -15.56 -20.60
C VAL B 419 1.37 -16.70 -20.77
N GLY B 420 1.24 -17.45 -21.87
CA GLY B 420 2.20 -18.48 -22.21
C GLY B 420 3.37 -17.93 -23.00
N ARG B 421 4.28 -18.83 -23.36
CA ARG B 421 5.44 -18.43 -24.15
C ARG B 421 5.04 -17.99 -25.54
N LYS B 422 4.08 -18.70 -26.16
CA LYS B 422 3.61 -18.31 -27.48
C LYS B 422 2.96 -16.93 -27.46
N THR B 423 2.09 -16.70 -26.47
CA THR B 423 1.42 -15.40 -26.35
C THR B 423 2.41 -14.30 -26.05
N ALA B 424 3.41 -14.58 -25.21
CA ALA B 424 4.43 -13.57 -24.90
C ALA B 424 5.25 -13.23 -26.14
N GLU B 425 5.61 -14.24 -26.94
CA GLU B 425 6.36 -13.98 -28.16
C GLU B 425 5.52 -13.18 -29.15
N ARG B 426 4.23 -13.51 -29.27
CA ARG B 426 3.37 -12.75 -30.17
C ARG B 426 3.22 -11.31 -29.71
N LEU B 427 3.10 -11.09 -28.39
CA LEU B 427 3.02 -9.73 -27.87
C LEU B 427 4.31 -8.96 -28.13
N LEU B 428 5.46 -9.63 -27.99
CA LEU B 428 6.73 -8.98 -28.30
C LEU B 428 6.81 -8.61 -29.77
N ARG B 429 6.39 -9.52 -30.65
CA ARG B 429 6.38 -9.22 -32.08
C ARG B 429 5.46 -8.05 -32.39
N ALA B 430 4.32 -7.97 -31.70
CA ALA B 430 3.33 -6.93 -32.01
C ALA B 430 3.76 -5.56 -31.50
N PHE B 431 4.22 -5.49 -30.25
CA PHE B 431 4.46 -4.21 -29.59
C PHE B 431 5.90 -4.02 -29.18
N GLY B 432 6.83 -4.66 -29.88
CA GLY B 432 8.24 -4.37 -29.66
C GLY B 432 8.83 -4.95 -28.39
N ASN B 433 8.44 -4.42 -27.23
CA ASN B 433 9.12 -4.74 -25.98
C ASN B 433 8.12 -4.86 -24.84
N PRO B 434 8.48 -5.61 -23.80
CA PRO B 434 7.57 -5.77 -22.66
C PRO B 434 7.28 -4.48 -21.92
N GLU B 435 8.20 -3.52 -21.94
CA GLU B 435 7.90 -2.22 -21.35
C GLU B 435 6.81 -1.51 -22.13
N ARG B 436 6.84 -1.61 -23.45
CA ARG B 436 5.75 -1.07 -24.26
C ARG B 436 4.45 -1.80 -23.99
N VAL B 437 4.52 -3.12 -23.79
CA VAL B 437 3.31 -3.87 -23.44
C VAL B 437 2.73 -3.38 -22.12
N LYS B 438 3.60 -3.16 -21.12
CA LYS B 438 3.16 -2.66 -19.83
C LYS B 438 2.54 -1.27 -19.95
N GLN B 439 3.15 -0.41 -20.79
CA GLN B 439 2.60 0.92 -20.99
C GLN B 439 1.23 0.87 -21.66
N LEU B 440 1.06 -0.02 -22.64
CA LEU B 440 -0.24 -0.19 -23.28
C LEU B 440 -1.27 -0.71 -22.28
N ALA B 441 -0.85 -1.59 -21.37
CA ALA B 441 -1.77 -2.10 -20.36
C ALA B 441 -2.16 -1.01 -19.37
N ARG B 442 -1.21 -0.13 -19.02
CA ARG B 442 -1.54 0.99 -18.14
C ARG B 442 -2.47 1.98 -18.82
N GLU B 443 -2.28 2.21 -20.12
CA GLU B 443 -3.14 3.10 -20.89
C GLU B 443 -4.49 2.48 -21.21
N PHE B 444 -4.77 1.28 -20.70
CA PHE B 444 -6.05 0.61 -20.88
C PHE B 444 -6.36 0.34 -22.35
N GLU B 445 -5.32 0.09 -23.15
CA GLU B 445 -5.49 -0.24 -24.57
C GLU B 445 -5.91 -1.70 -24.70
N ILE B 446 -7.12 -1.98 -24.21
CA ILE B 446 -7.58 -3.35 -24.07
C ILE B 446 -7.83 -3.97 -25.44
N GLU B 447 -8.49 -3.23 -26.34
CA GLU B 447 -8.72 -3.75 -27.68
C GLU B 447 -7.41 -3.91 -28.45
N LYS B 448 -6.49 -2.96 -28.28
CA LYS B 448 -5.19 -3.05 -28.96
C LYS B 448 -4.41 -4.27 -28.48
N LEU B 449 -4.51 -4.60 -27.19
CA LEU B 449 -3.85 -5.81 -26.69
C LEU B 449 -4.56 -7.06 -27.18
N ALA B 450 -5.89 -7.06 -27.17
CA ALA B 450 -6.66 -8.22 -27.60
C ALA B 450 -6.57 -8.48 -29.09
N SER B 451 -6.07 -7.51 -29.86
CA SER B 451 -5.85 -7.73 -31.29
C SER B 451 -4.81 -8.80 -31.55
N VAL B 452 -3.99 -9.14 -30.56
CA VAL B 452 -2.93 -10.13 -30.70
C VAL B 452 -3.49 -11.51 -30.38
N GLU B 453 -3.05 -12.51 -31.15
CA GLU B 453 -3.47 -13.88 -30.93
C GLU B 453 -2.92 -14.40 -29.61
N GLY B 454 -3.78 -15.06 -28.84
CA GLY B 454 -3.42 -15.60 -27.54
C GLY B 454 -3.84 -14.73 -26.37
N VAL B 455 -4.04 -13.44 -26.59
CA VAL B 455 -4.46 -12.52 -25.53
C VAL B 455 -5.95 -12.70 -25.30
N GLY B 456 -6.31 -13.54 -24.34
CA GLY B 456 -7.69 -13.80 -24.01
C GLY B 456 -8.16 -13.01 -22.80
N GLU B 457 -9.31 -13.43 -22.27
CA GLU B 457 -9.87 -12.76 -21.10
C GLU B 457 -8.93 -12.86 -19.91
N ARG B 458 -8.30 -14.02 -19.71
CA ARG B 458 -7.38 -14.17 -18.58
C ARG B 458 -6.16 -13.29 -18.74
N VAL B 459 -5.62 -13.19 -19.96
CA VAL B 459 -4.48 -12.31 -20.20
C VAL B 459 -4.87 -10.87 -19.94
N LEU B 460 -6.06 -10.47 -20.39
CA LEU B 460 -6.51 -9.09 -20.17
C LEU B 460 -6.69 -8.80 -18.68
N ARG B 461 -7.26 -9.75 -17.94
CA ARG B 461 -7.46 -9.56 -16.50
C ARG B 461 -6.12 -9.50 -15.78
N SER B 462 -5.13 -10.27 -16.24
CA SER B 462 -3.82 -10.28 -15.60
C SER B 462 -3.00 -9.04 -15.94
N LEU B 463 -3.24 -8.46 -17.11
CA LEU B 463 -2.45 -7.30 -17.54
C LEU B 463 -3.09 -5.98 -17.10
N VAL B 464 -4.33 -5.74 -17.53
CA VAL B 464 -5.03 -4.49 -17.22
C VAL B 464 -5.63 -4.58 -15.82
N PRO B 465 -5.20 -3.74 -14.88
CA PRO B 465 -5.77 -3.79 -13.53
C PRO B 465 -7.18 -3.22 -13.51
N GLY B 466 -8.10 -3.96 -12.89
CA GLY B 466 -9.49 -3.54 -12.80
C GLY B 466 -10.37 -3.99 -13.94
N TYR B 467 -9.78 -4.41 -15.07
CA TYR B 467 -10.58 -4.92 -16.17
C TYR B 467 -11.40 -6.14 -15.75
N ALA B 468 -10.82 -6.99 -14.91
CA ALA B 468 -11.57 -8.13 -14.39
C ALA B 468 -12.78 -7.67 -13.59
N SER B 469 -12.56 -6.73 -12.66
CA SER B 469 -13.65 -6.24 -11.83
C SER B 469 -14.75 -5.58 -12.66
N LEU B 470 -14.38 -4.94 -13.77
CA LEU B 470 -15.39 -4.30 -14.62
C LEU B 470 -16.13 -5.31 -15.48
N ILE B 471 -15.39 -6.19 -16.16
CA ILE B 471 -16.02 -7.13 -17.10
C ILE B 471 -16.79 -8.23 -16.38
N SER B 472 -16.50 -8.47 -15.10
CA SER B 472 -17.23 -9.50 -14.36
C SER B 472 -18.65 -9.09 -13.99
N ILE B 473 -19.12 -7.92 -14.43
CA ILE B 473 -20.47 -7.45 -14.15
C ILE B 473 -21.33 -7.67 -15.38
N ARG B 474 -22.55 -8.16 -15.17
CA ARG B 474 -23.47 -8.41 -16.26
C ARG B 474 -23.84 -7.11 -16.97
N GLY B 475 -23.84 -7.15 -18.30
CA GLY B 475 -24.17 -6.01 -19.11
C GLY B 475 -22.99 -5.13 -19.51
N ILE B 476 -21.90 -5.18 -18.75
CA ILE B 476 -20.70 -4.40 -19.06
C ILE B 476 -19.84 -5.22 -20.02
N ASP B 477 -19.60 -4.68 -21.21
CA ASP B 477 -18.78 -5.34 -22.21
C ASP B 477 -17.38 -4.72 -22.22
N ARG B 478 -16.54 -5.24 -23.13
CA ARG B 478 -15.16 -4.79 -23.21
C ARG B 478 -15.08 -3.32 -23.58
N GLU B 479 -15.89 -2.88 -24.54
CA GLU B 479 -15.87 -1.48 -24.95
C GLU B 479 -16.27 -0.57 -23.79
N ARG B 480 -17.30 -0.95 -23.04
CA ARG B 480 -17.74 -0.14 -21.92
C ARG B 480 -16.68 -0.09 -20.82
N ALA B 481 -16.05 -1.23 -20.52
CA ALA B 481 -15.00 -1.25 -19.51
C ALA B 481 -13.83 -0.37 -19.93
N GLU B 482 -13.41 -0.47 -21.19
CA GLU B 482 -12.31 0.36 -21.68
C GLU B 482 -12.66 1.84 -21.63
N ARG B 483 -13.90 2.18 -22.02
CA ARG B 483 -14.32 3.57 -21.98
C ARG B 483 -14.30 4.11 -20.55
N LEU B 484 -14.86 3.34 -19.61
CA LEU B 484 -14.88 3.77 -18.22
C LEU B 484 -13.47 3.95 -17.67
N LEU B 485 -12.58 2.99 -17.95
CA LEU B 485 -11.22 3.08 -17.45
C LEU B 485 -10.50 4.30 -18.02
N LYS B 486 -10.58 4.49 -19.34
CA LYS B 486 -9.89 5.61 -19.96
C LYS B 486 -10.49 6.95 -19.54
N LYS B 487 -11.79 6.98 -19.23
CA LYS B 487 -12.41 8.23 -18.82
C LYS B 487 -12.03 8.62 -17.40
N TYR B 488 -12.19 7.69 -16.46
CA TYR B 488 -12.02 8.04 -15.05
C TYR B 488 -10.58 7.92 -14.57
N GLY B 489 -9.77 7.07 -15.19
CA GLY B 489 -8.38 6.93 -14.80
C GLY B 489 -8.17 5.85 -13.75
N GLY B 490 -8.67 4.66 -14.02
CA GLY B 490 -8.45 3.54 -13.13
C GLY B 490 -9.75 3.07 -12.47
N TYR B 491 -9.77 1.79 -12.11
CA TYR B 491 -10.94 1.23 -11.43
C TYR B 491 -11.19 1.91 -10.09
N SER B 492 -10.14 2.36 -9.42
CA SER B 492 -10.32 3.10 -8.17
C SER B 492 -11.11 4.38 -8.41
N LYS B 493 -10.79 5.12 -9.48
CA LYS B 493 -11.55 6.34 -9.78
C LYS B 493 -12.95 6.02 -10.27
N VAL B 494 -13.11 4.92 -11.01
CA VAL B 494 -14.46 4.51 -11.43
C VAL B 494 -15.32 4.20 -10.22
N ARG B 495 -14.73 3.60 -9.19
CA ARG B 495 -15.47 3.30 -7.97
C ARG B 495 -15.75 4.56 -7.17
N GLU B 496 -14.78 5.49 -7.12
CA GLU B 496 -14.98 6.76 -6.44
C GLU B 496 -15.94 7.69 -7.18
N ALA B 497 -16.27 7.38 -8.43
CA ALA B 497 -17.17 8.23 -9.20
C ALA B 497 -18.55 8.32 -8.54
N GLY B 498 -19.29 9.35 -8.92
CA GLY B 498 -20.60 9.56 -8.36
C GLY B 498 -21.69 8.75 -9.06
N VAL B 499 -22.77 8.50 -8.32
CA VAL B 499 -23.87 7.71 -8.85
C VAL B 499 -24.52 8.42 -10.04
N GLU B 500 -24.65 9.75 -9.96
CA GLU B 500 -25.31 10.49 -11.04
C GLU B 500 -24.49 10.43 -12.33
N GLU B 501 -23.16 10.56 -12.24
CA GLU B 501 -22.35 10.50 -13.44
C GLU B 501 -22.20 9.07 -13.95
N LEU B 502 -22.22 8.08 -13.06
CA LEU B 502 -22.25 6.69 -13.53
C LEU B 502 -23.54 6.39 -14.27
N ARG B 503 -24.66 6.98 -13.83
CA ARG B 503 -25.91 6.87 -14.58
C ARG B 503 -25.82 7.63 -15.90
N GLU B 504 -25.15 8.78 -15.90
CA GLU B 504 -24.92 9.51 -17.14
C GLU B 504 -24.14 8.69 -18.15
N ASP B 505 -23.20 7.87 -17.68
CA ASP B 505 -22.46 6.98 -18.56
C ASP B 505 -23.32 5.84 -19.10
N GLY B 506 -24.53 5.67 -18.61
CA GLY B 506 -25.41 4.62 -19.08
C GLY B 506 -25.40 3.35 -18.27
N LEU B 507 -24.89 3.39 -17.03
CA LEU B 507 -24.80 2.20 -16.20
C LEU B 507 -26.11 1.99 -15.45
N THR B 508 -26.59 0.75 -15.42
CA THR B 508 -27.79 0.41 -14.68
C THR B 508 -27.54 0.60 -13.19
N ASP B 509 -28.63 0.82 -12.45
CA ASP B 509 -28.51 0.92 -10.99
C ASP B 509 -27.96 -0.37 -10.40
N ALA B 510 -28.34 -1.52 -10.96
CA ALA B 510 -27.79 -2.79 -10.50
C ALA B 510 -26.29 -2.87 -10.79
N GLN B 511 -25.86 -2.39 -11.95
CA GLN B 511 -24.45 -2.38 -12.27
C GLN B 511 -23.67 -1.47 -11.31
N ILE B 512 -24.24 -0.31 -10.99
CA ILE B 512 -23.58 0.60 -10.06
C ILE B 512 -23.51 0.01 -8.67
N ARG B 513 -24.57 -0.70 -8.25
CA ARG B 513 -24.54 -1.37 -6.95
C ARG B 513 -23.47 -2.44 -6.90
N GLU B 514 -23.39 -3.27 -7.95
CA GLU B 514 -22.37 -4.31 -8.00
C GLU B 514 -20.97 -3.72 -8.06
N LEU B 515 -20.83 -2.55 -8.68
CA LEU B 515 -19.52 -1.91 -8.78
C LEU B 515 -19.09 -1.33 -7.45
N LYS B 516 -20.00 -0.65 -6.75
CA LYS B 516 -19.67 0.02 -5.50
C LYS B 516 -19.77 -0.89 -4.28
N GLY B 517 -20.26 -2.12 -4.43
CA GLY B 517 -20.35 -3.01 -3.29
C GLY B 517 -21.31 -2.53 -2.22
N LEU B 518 -22.40 -1.87 -2.61
CA LEU B 518 -23.37 -1.31 -1.68
C LEU B 518 -24.63 -2.17 -1.58
N LYS B 519 -24.46 -3.50 -1.63
CA LYS B 519 -25.63 -4.37 -1.57
C LYS B 519 -26.23 -4.40 -0.18
N THR B 520 -25.40 -4.35 0.86
CA THR B 520 -25.91 -4.31 2.22
C THR B 520 -26.37 -2.91 2.63
N LEU B 521 -25.64 -1.87 2.23
CA LEU B 521 -26.07 -0.52 2.55
C LEU B 521 -27.34 -0.14 1.81
N GLU B 522 -27.58 -0.71 0.63
CA GLU B 522 -28.86 -0.51 -0.03
C GLU B 522 -29.95 -1.45 0.50
N SER B 523 -29.56 -2.44 1.31
CA SER B 523 -30.55 -3.19 2.08
C SER B 523 -30.97 -2.41 3.32
N ILE B 524 -30.05 -1.62 3.88
CA ILE B 524 -30.38 -0.77 5.03
C ILE B 524 -31.17 0.46 4.59
N VAL B 525 -30.70 1.13 3.53
CA VAL B 525 -31.30 2.37 3.06
C VAL B 525 -31.87 2.13 1.66
N GLY B 526 -32.98 2.82 1.37
CA GLY B 526 -33.71 2.61 0.13
C GLY B 526 -32.96 2.81 -1.16
N ASP B 527 -32.41 4.01 -1.38
CA ASP B 527 -31.83 4.38 -2.65
C ASP B 527 -30.31 4.20 -2.65
N LEU B 528 -29.71 4.42 -3.82
CA LEU B 528 -28.27 4.25 -3.98
C LEU B 528 -27.48 5.48 -3.54
N GLU B 529 -28.06 6.68 -3.68
CA GLU B 529 -27.33 7.90 -3.39
C GLU B 529 -26.97 7.98 -1.90
N LYS B 530 -27.96 7.76 -1.03
CA LYS B 530 -27.69 7.82 0.40
C LYS B 530 -26.79 6.67 0.84
N ALA B 531 -26.90 5.51 0.20
CA ALA B 531 -25.98 4.41 0.52
C ALA B 531 -24.54 4.76 0.17
N ASP B 532 -24.33 5.39 -0.99
CA ASP B 532 -22.99 5.80 -1.37
C ASP B 532 -22.47 6.90 -0.46
N GLU B 533 -23.36 7.81 -0.03
CA GLU B 533 -22.96 8.83 0.93
C GLU B 533 -22.55 8.21 2.26
N LEU B 534 -23.29 7.19 2.70
CA LEU B 534 -22.93 6.49 3.93
C LEU B 534 -21.59 5.77 3.79
N LYS B 535 -21.34 5.16 2.63
CA LYS B 535 -20.05 4.50 2.41
C LYS B 535 -18.91 5.52 2.42
N ARG B 536 -19.15 6.71 1.86
CA ARG B 536 -18.13 7.75 1.88
C ARG B 536 -17.88 8.25 3.30
N LYS B 537 -18.94 8.41 4.09
CA LYS B 537 -18.80 9.00 5.41
C LYS B 537 -18.21 8.03 6.42
N TYR B 538 -18.73 6.80 6.47
CA TYR B 538 -18.37 5.85 7.52
C TYR B 538 -17.63 4.62 7.02
N GLY B 539 -17.69 4.31 5.73
CA GLY B 539 -16.92 3.21 5.20
C GLY B 539 -17.71 1.95 4.93
N SER B 540 -18.19 1.30 5.99
CA SER B 540 -18.85 -0.01 5.87
C SER B 540 -20.15 -0.04 6.65
N ALA B 541 -21.05 -0.92 6.21
CA ALA B 541 -22.31 -1.13 6.92
C ALA B 541 -22.07 -1.59 8.35
N SER B 542 -20.95 -2.30 8.59
CA SER B 542 -20.60 -2.69 9.96
C SER B 542 -20.42 -1.45 10.83
N ALA B 543 -19.66 -0.47 10.35
CA ALA B 543 -19.47 0.76 11.10
C ALA B 543 -20.78 1.54 11.23
N VAL B 544 -21.60 1.52 10.17
CA VAL B 544 -22.90 2.18 10.24
C VAL B 544 -23.75 1.59 11.36
N ARG B 545 -23.70 0.26 11.51
CA ARG B 545 -24.40 -0.38 12.62
C ARG B 545 -23.76 -0.02 13.95
N ARG B 546 -22.44 0.08 13.99
CA ARG B 546 -21.74 0.44 15.23
C ARG B 546 -21.99 1.88 15.64
N LEU B 547 -22.54 2.71 14.77
CA LEU B 547 -22.83 4.10 15.11
C LEU B 547 -23.78 4.17 16.31
N PRO B 548 -23.64 5.19 17.16
CA PRO B 548 -24.50 5.30 18.34
C PRO B 548 -25.93 5.68 17.96
N VAL B 549 -26.81 5.56 18.95
CA VAL B 549 -28.24 5.75 18.72
C VAL B 549 -28.55 7.19 18.35
N GLU B 550 -27.91 8.16 19.01
CA GLU B 550 -28.17 9.56 18.71
C GLU B 550 -27.72 9.92 17.29
N GLU B 551 -26.50 9.51 16.93
CA GLU B 551 -26.01 9.76 15.58
C GLU B 551 -26.85 9.05 14.54
N LEU B 552 -27.39 7.87 14.87
CA LEU B 552 -28.24 7.16 13.93
C LEU B 552 -29.59 7.84 13.78
N ARG B 553 -30.13 8.39 14.87
CA ARG B 553 -31.35 9.18 14.76
C ARG B 553 -31.11 10.44 13.95
N GLU B 554 -29.91 11.02 14.03
CA GLU B 554 -29.50 12.04 13.08
C GLU B 554 -29.34 11.42 11.69
N LEU B 555 -28.99 12.26 10.71
CA LEU B 555 -28.80 11.86 9.32
C LEU B 555 -30.10 11.43 8.65
N GLY B 556 -31.07 10.94 9.43
CA GLY B 556 -32.38 10.66 8.89
C GLY B 556 -32.86 9.22 8.97
N PHE B 557 -32.56 8.52 10.07
CA PHE B 557 -33.05 7.18 10.31
C PHE B 557 -34.19 7.20 11.32
N SER B 558 -35.19 6.37 11.07
CA SER B 558 -36.27 6.18 12.04
C SER B 558 -35.82 5.23 13.14
N ASP B 559 -36.60 5.21 14.23
CA ASP B 559 -36.27 4.32 15.34
C ASP B 559 -36.39 2.86 14.94
N ASP B 560 -37.42 2.52 14.15
CA ASP B 560 -37.54 1.15 13.65
C ASP B 560 -36.38 0.81 12.71
N GLU B 561 -35.95 1.79 11.91
CA GLU B 561 -34.79 1.58 11.05
C GLU B 561 -33.55 1.29 11.88
N ILE B 562 -33.34 2.04 12.96
CA ILE B 562 -32.18 1.81 13.82
C ILE B 562 -32.26 0.45 14.49
N ALA B 563 -33.47 0.05 14.90
CA ALA B 563 -33.65 -1.26 15.52
C ALA B 563 -33.35 -2.38 14.55
N GLU B 564 -33.76 -2.23 13.28
CA GLU B 564 -33.43 -3.23 12.27
C GLU B 564 -31.93 -3.22 11.97
N ILE B 565 -31.30 -2.05 12.02
CA ILE B 565 -29.87 -1.95 11.77
C ILE B 565 -29.08 -2.70 12.84
N LYS B 566 -29.35 -2.38 14.11
CA LYS B 566 -28.61 -3.00 15.21
C LYS B 566 -29.07 -4.41 15.53
N GLY B 567 -30.03 -4.95 14.79
CA GLY B 567 -30.50 -6.30 15.05
C GLY B 567 -31.17 -6.47 16.40
N ILE B 568 -31.97 -5.48 16.81
CA ILE B 568 -32.67 -5.57 18.09
C ILE B 568 -33.83 -6.56 17.97
N PRO B 569 -33.93 -7.55 18.84
CA PRO B 569 -35.05 -8.50 18.78
C PRO B 569 -36.38 -7.80 19.04
N LYS B 570 -37.47 -8.51 18.76
CA LYS B 570 -38.79 -7.94 18.95
C LYS B 570 -39.13 -7.79 20.44
N LYS B 571 -38.84 -8.83 21.23
CA LYS B 571 -39.14 -8.80 22.66
C LYS B 571 -38.28 -7.79 23.41
N LEU B 572 -37.18 -7.33 22.81
CA LEU B 572 -36.36 -6.28 23.40
C LEU B 572 -36.66 -4.91 22.82
N ARG B 573 -37.19 -4.85 21.60
CA ARG B 573 -37.56 -3.60 20.96
C ARG B 573 -38.89 -3.07 21.52
N GLU B 574 -39.89 -3.93 21.65
CA GLU B 574 -41.19 -3.52 22.12
C GLU B 574 -41.27 -3.36 23.64
N ALA B 575 -40.22 -3.74 24.36
CA ALA B 575 -40.23 -3.67 25.83
C ALA B 575 -39.76 -2.31 26.33
N PHE B 576 -38.54 -1.91 25.95
CA PHE B 576 -37.94 -0.67 26.42
C PHE B 576 -37.93 0.37 25.31
N ASP B 577 -37.18 1.44 25.53
CA ASP B 577 -36.91 2.43 24.51
C ASP B 577 -35.67 2.03 23.71
N LEU B 578 -35.44 2.75 22.61
CA LEU B 578 -34.35 2.39 21.71
C LEU B 578 -32.99 2.50 22.41
N GLU B 579 -32.81 3.56 23.21
CA GLU B 579 -31.53 3.75 23.90
C GLU B 579 -31.19 2.56 24.79
N THR B 580 -32.05 2.26 25.75
CA THR B 580 -31.77 1.17 26.69
C THR B 580 -31.75 -0.18 25.99
N ALA B 581 -32.61 -0.37 24.97
CA ALA B 581 -32.62 -1.63 24.25
C ALA B 581 -31.28 -1.87 23.54
N ALA B 582 -30.81 -0.86 22.80
CA ALA B 582 -29.53 -0.99 22.11
C ALA B 582 -28.37 -1.14 23.09
N GLU B 583 -28.45 -0.45 24.24
CA GLU B 583 -27.39 -0.58 25.24
C GLU B 583 -27.32 -2.00 25.77
N LEU B 584 -28.47 -2.56 26.18
CA LEU B 584 -28.50 -3.93 26.68
C LEU B 584 -28.04 -4.91 25.61
N TYR B 585 -28.44 -4.69 24.36
CA TYR B 585 -28.04 -5.61 23.29
C TYR B 585 -26.53 -5.56 23.05
N GLU B 586 -25.97 -4.35 22.96
CA GLU B 586 -24.53 -4.21 22.78
C GLU B 586 -23.74 -4.73 23.97
N ARG B 587 -24.33 -4.76 25.17
CA ARG B 587 -23.59 -5.22 26.33
C ARG B 587 -23.71 -6.72 26.56
N TYR B 588 -24.82 -7.35 26.19
CA TYR B 588 -25.03 -8.76 26.53
C TYR B 588 -25.18 -9.69 25.32
N GLY B 589 -25.42 -9.18 24.13
CA GLY B 589 -25.49 -10.00 22.93
C GLY B 589 -26.81 -10.69 22.58
N SER B 590 -27.41 -11.38 23.54
CA SER B 590 -28.59 -12.18 23.27
C SER B 590 -29.65 -11.94 24.33
N LEU B 591 -30.92 -12.13 23.92
CA LEU B 591 -32.04 -11.96 24.84
C LEU B 591 -31.99 -13.00 25.95
N LYS B 592 -31.53 -14.22 25.66
CA LYS B 592 -31.37 -15.22 26.71
C LYS B 592 -30.31 -14.78 27.71
N GLU B 593 -29.23 -14.15 27.24
CA GLU B 593 -28.22 -13.62 28.15
C GLU B 593 -28.79 -12.49 28.99
N ILE B 594 -29.62 -11.64 28.38
CA ILE B 594 -30.31 -10.60 29.14
C ILE B 594 -31.13 -11.21 30.26
N GLY B 595 -31.97 -12.20 29.92
CA GLY B 595 -32.81 -12.83 30.91
C GLY B 595 -32.03 -13.57 31.98
N ARG B 596 -30.86 -14.11 31.64
CA ARG B 596 -30.06 -14.84 32.62
C ARG B 596 -29.35 -13.88 33.57
N ARG B 597 -28.76 -12.80 33.04
CA ARG B 597 -28.01 -11.87 33.89
C ARG B 597 -28.95 -10.95 34.66
N LEU B 598 -29.75 -10.15 33.95
CA LEU B 598 -30.64 -9.22 34.61
C LEU B 598 -31.80 -9.94 35.27
N SER B 599 -32.23 -9.42 36.42
CA SER B 599 -33.32 -10.00 37.18
C SER B 599 -34.67 -9.45 36.71
N TYR B 600 -35.74 -10.14 37.13
CA TYR B 600 -37.09 -9.69 36.80
C TYR B 600 -37.36 -8.30 37.35
N ASP B 601 -36.96 -8.04 38.59
CA ASP B 601 -37.16 -6.72 39.18
C ASP B 601 -36.36 -5.66 38.45
N ASP B 602 -35.15 -6.00 37.99
CA ASP B 602 -34.35 -5.04 37.23
C ASP B 602 -35.01 -4.73 35.89
N LEU B 603 -35.49 -5.77 35.18
CA LEU B 603 -36.19 -5.55 33.93
C LEU B 603 -37.43 -4.68 34.14
N LEU B 604 -38.13 -4.86 35.26
CA LEU B 604 -39.26 -4.01 35.57
C LEU B 604 -38.83 -2.57 35.83
N GLU B 605 -37.75 -2.39 36.59
CA GLU B 605 -37.25 -1.05 36.87
C GLU B 605 -36.81 -0.33 35.61
N LEU B 606 -36.37 -1.09 34.60
CA LEU B 606 -35.94 -0.47 33.34
C LEU B 606 -37.10 -0.12 32.42
N GLY B 607 -38.34 -0.45 32.79
CA GLY B 607 -39.49 -0.01 32.03
C GLY B 607 -40.19 -1.10 31.23
N ALA B 608 -40.09 -2.34 31.69
CA ALA B 608 -40.68 -3.46 30.99
C ALA B 608 -42.03 -3.85 31.61
N THR B 609 -42.95 -4.27 30.76
CA THR B 609 -44.22 -4.79 31.24
C THR B 609 -43.96 -6.07 32.04
N PRO B 610 -44.72 -6.31 33.13
CA PRO B 610 -44.57 -7.57 33.87
C PRO B 610 -44.68 -8.81 33.00
N LYS B 611 -45.37 -8.69 31.87
CA LYS B 611 -45.41 -9.76 30.89
C LYS B 611 -44.25 -9.68 29.90
N ALA B 612 -43.90 -8.45 29.47
CA ALA B 612 -42.74 -8.29 28.59
C ALA B 612 -41.45 -8.66 29.30
N ALA B 613 -41.35 -8.39 30.60
CA ALA B 613 -40.16 -8.80 31.35
C ALA B 613 -40.06 -10.32 31.42
N ALA B 614 -41.20 -11.00 31.51
CA ALA B 614 -41.19 -12.46 31.50
C ALA B 614 -40.83 -13.00 30.12
N GLU B 615 -41.28 -12.32 29.06
CA GLU B 615 -40.88 -12.71 27.71
C GLU B 615 -39.39 -12.53 27.52
N ILE B 616 -38.83 -11.45 28.07
CA ILE B 616 -37.37 -11.24 28.02
C ILE B 616 -36.66 -12.32 28.81
N LYS B 617 -37.24 -12.72 29.94
CA LYS B 617 -36.73 -13.89 30.65
C LYS B 617 -36.88 -15.14 29.78
N GLY B 618 -36.11 -16.16 30.13
CA GLY B 618 -36.03 -17.36 29.33
C GLY B 618 -37.35 -18.12 29.21
N PRO B 619 -37.47 -18.90 28.14
CA PRO B 619 -38.60 -19.85 28.06
C PRO B 619 -38.64 -20.79 29.25
N GLU B 620 -37.49 -21.05 29.89
CA GLU B 620 -37.49 -21.79 31.14
C GLU B 620 -38.28 -21.03 32.21
N PHE B 621 -38.04 -19.73 32.33
CA PHE B 621 -38.81 -18.91 33.27
C PHE B 621 -40.29 -18.91 32.92
N LYS B 622 -40.60 -18.79 31.62
CA LYS B 622 -42.00 -18.77 31.19
C LYS B 622 -42.70 -20.07 31.55
N PHE B 623 -42.06 -21.22 31.28
CA PHE B 623 -42.64 -22.51 31.61
C PHE B 623 -42.73 -22.73 33.11
N LEU B 624 -41.77 -22.18 33.86
CA LEU B 624 -41.85 -22.25 35.32
C LEU B 624 -43.08 -21.52 35.83
N LEU B 625 -43.26 -20.27 35.41
CA LEU B 625 -44.44 -19.51 35.80
C LEU B 625 -45.74 -20.13 35.31
N ASN B 626 -45.68 -21.10 34.40
CA ASN B 626 -46.90 -21.72 33.88
C ASN B 626 -47.62 -22.51 34.96
N ILE B 627 -46.87 -23.32 35.72
CA ILE B 627 -47.47 -24.14 36.78
C ILE B 627 -47.90 -23.22 37.92
N GLU B 628 -48.63 -23.78 38.88
CA GLU B 628 -49.25 -22.99 39.93
C GLU B 628 -48.32 -22.81 41.12
N GLY B 629 -48.54 -21.74 41.87
CA GLY B 629 -47.81 -21.49 43.11
C GLY B 629 -46.33 -21.22 42.93
N VAL B 630 -45.96 -20.48 41.91
CA VAL B 630 -44.55 -20.24 41.60
C VAL B 630 -44.07 -18.93 42.22
N GLY B 631 -44.46 -17.82 41.61
CA GLY B 631 -43.92 -16.53 41.97
C GLY B 631 -42.65 -16.25 41.20
N PRO B 632 -42.53 -15.02 40.67
CA PRO B 632 -41.35 -14.69 39.85
C PRO B 632 -40.04 -14.79 40.61
N LYS B 633 -40.01 -14.37 41.88
CA LYS B 633 -38.77 -14.44 42.64
C LYS B 633 -38.36 -15.88 42.91
N LEU B 634 -39.34 -16.75 43.22
CA LEU B 634 -39.03 -18.16 43.42
C LEU B 634 -38.57 -18.81 42.12
N ALA B 635 -39.17 -18.43 40.99
CA ALA B 635 -38.72 -18.96 39.71
C ALA B 635 -37.29 -18.50 39.40
N GLU B 636 -36.97 -17.25 39.72
CA GLU B 636 -35.60 -16.76 39.56
C GLU B 636 -34.64 -17.55 40.43
N ARG B 637 -35.02 -17.84 41.68
CA ARG B 637 -34.14 -18.62 42.55
C ARG B 637 -33.94 -20.03 42.01
N ILE B 638 -35.00 -20.64 41.49
CA ILE B 638 -34.89 -21.99 40.91
C ILE B 638 -33.94 -21.97 39.71
N LEU B 639 -34.12 -20.98 38.82
CA LEU B 639 -33.29 -20.91 37.63
C LEU B 639 -31.84 -20.59 37.96
N GLU B 640 -31.59 -19.81 39.02
CA GLU B 640 -30.22 -19.56 39.46
C GLU B 640 -29.61 -20.80 40.10
N ALA B 641 -30.44 -21.63 40.74
CA ALA B 641 -29.95 -22.88 41.31
C ALA B 641 -29.57 -23.87 40.22
N VAL B 642 -30.40 -24.00 39.18
CA VAL B 642 -30.13 -24.95 38.11
C VAL B 642 -29.39 -24.26 36.97
N ASP B 643 -28.94 -23.02 37.20
CA ASP B 643 -28.18 -22.24 36.22
C ASP B 643 -28.95 -22.11 34.91
N TYR B 644 -30.26 -21.87 35.01
CA TYR B 644 -31.12 -21.66 33.86
C TYR B 644 -31.04 -22.82 32.88
N ASP B 645 -31.19 -24.04 33.40
CA ASP B 645 -31.03 -25.24 32.59
C ASP B 645 -32.10 -26.26 32.99
N LEU B 646 -33.06 -26.50 32.10
CA LEU B 646 -34.08 -27.51 32.35
C LEU B 646 -33.48 -28.91 32.44
N GLU B 647 -32.35 -29.14 31.76
CA GLU B 647 -31.69 -30.44 31.85
C GLU B 647 -31.21 -30.71 33.27
N ARG B 648 -30.46 -29.78 33.85
CA ARG B 648 -30.01 -29.92 35.23
C ARG B 648 -31.18 -29.84 36.22
N LEU B 649 -32.27 -29.17 35.84
CA LEU B 649 -33.45 -29.15 36.70
C LEU B 649 -34.09 -30.53 36.78
N ALA B 650 -34.25 -31.19 35.63
CA ALA B 650 -34.85 -32.52 35.61
C ALA B 650 -33.89 -33.58 36.17
N SER B 651 -32.58 -33.35 36.06
CA SER B 651 -31.61 -34.31 36.55
C SER B 651 -31.38 -34.14 38.05
N LEU B 652 -32.46 -34.01 38.81
CA LEU B 652 -32.37 -33.83 40.25
C LEU B 652 -33.59 -34.46 40.93
N ASN B 653 -33.39 -34.89 42.16
CA ASN B 653 -34.49 -35.39 42.98
C ASN B 653 -35.18 -34.23 43.67
N PRO B 654 -36.51 -34.28 43.83
CA PRO B 654 -37.20 -33.18 44.52
C PRO B 654 -36.69 -32.90 45.92
N GLU B 655 -36.19 -33.93 46.61
CA GLU B 655 -35.62 -33.72 47.94
C GLU B 655 -34.37 -32.84 47.87
N GLU B 656 -33.50 -33.09 46.88
CA GLU B 656 -32.36 -32.22 46.67
C GLU B 656 -32.79 -30.84 46.19
N LEU B 657 -33.86 -30.78 45.41
CA LEU B 657 -34.34 -29.50 44.89
C LEU B 657 -34.79 -28.59 46.03
N ALA B 658 -35.60 -29.12 46.95
CA ALA B 658 -36.08 -28.32 48.07
C ALA B 658 -34.94 -27.89 49.00
N GLU B 659 -33.79 -28.57 48.94
CA GLU B 659 -32.67 -28.23 49.82
C GLU B 659 -31.87 -27.04 49.28
N LYS B 660 -31.63 -27.01 47.96
CA LYS B 660 -30.76 -25.98 47.40
C LYS B 660 -31.39 -24.59 47.49
N VAL B 661 -32.64 -24.46 47.06
CA VAL B 661 -33.29 -23.16 47.07
C VAL B 661 -33.78 -22.84 48.48
N GLU B 662 -33.70 -21.57 48.85
CA GLU B 662 -34.06 -21.12 50.20
C GLU B 662 -35.47 -20.54 50.17
N GLY B 663 -36.45 -21.44 50.13
CA GLY B 663 -37.84 -21.05 50.15
C GLY B 663 -38.69 -21.80 49.14
N LEU B 664 -38.86 -23.10 49.37
CA LEU B 664 -39.64 -23.95 48.49
C LEU B 664 -39.97 -25.23 49.24
N GLY B 665 -41.17 -25.75 49.04
CA GLY B 665 -41.61 -26.95 49.73
C GLY B 665 -41.47 -28.20 48.88
N GLU B 666 -41.64 -29.34 49.54
CA GLU B 666 -41.52 -30.63 48.86
C GLU B 666 -42.68 -30.84 47.89
N GLU B 667 -43.89 -30.44 48.29
CA GLU B 667 -45.05 -30.57 47.43
C GLU B 667 -44.85 -29.83 46.11
N LEU B 668 -44.21 -28.67 46.16
CA LEU B 668 -43.96 -27.91 44.94
C LEU B 668 -42.76 -28.47 44.18
N ALA B 669 -41.72 -28.88 44.90
CA ALA B 669 -40.53 -29.43 44.25
C ALA B 669 -40.87 -30.69 43.44
N GLU B 670 -41.78 -31.52 43.96
CA GLU B 670 -42.20 -32.71 43.22
C GLU B 670 -42.78 -32.33 41.86
N ARG B 671 -43.71 -31.37 41.84
CA ARG B 671 -44.32 -30.96 40.59
C ARG B 671 -43.34 -30.26 39.67
N VAL B 672 -42.39 -29.51 40.23
CA VAL B 672 -41.37 -28.86 39.40
C VAL B 672 -40.52 -29.91 38.70
N VAL B 673 -40.06 -30.92 39.44
CA VAL B 673 -39.25 -31.97 38.84
C VAL B 673 -40.07 -32.76 37.81
N TYR B 674 -41.36 -32.98 38.11
CA TYR B 674 -42.22 -33.67 37.16
C TYR B 674 -42.35 -32.90 35.85
N ALA B 675 -42.56 -31.58 35.94
CA ALA B 675 -42.68 -30.77 34.74
C ALA B 675 -41.37 -30.73 33.97
N ALA B 676 -40.24 -30.66 34.68
CA ALA B 676 -38.94 -30.65 34.00
C ALA B 676 -38.69 -31.97 33.29
N ARG B 677 -39.04 -33.09 33.92
CA ARG B 677 -38.85 -34.38 33.27
C ARG B 677 -39.81 -34.58 32.10
N GLU B 678 -41.03 -34.04 32.20
CA GLU B 678 -41.93 -34.05 31.05
C GLU B 678 -41.35 -33.25 29.89
N ARG B 679 -40.75 -32.10 30.19
CA ARG B 679 -40.14 -31.28 29.14
C ARG B 679 -38.97 -32.00 28.48
N VAL B 680 -38.11 -32.65 29.28
CA VAL B 680 -36.98 -33.36 28.69
C VAL B 680 -37.44 -34.63 27.99
N GLU B 681 -38.62 -35.17 28.34
CA GLU B 681 -39.21 -36.24 27.55
C GLU B 681 -39.72 -35.72 26.22
N SER B 682 -40.23 -34.49 26.18
CA SER B 682 -40.63 -33.87 24.91
C SER B 682 -39.45 -33.45 24.05
N ARG B 683 -38.21 -33.61 24.53
CA ARG B 683 -37.03 -33.21 23.77
C ARG B 683 -36.52 -34.30 22.83
N ARG B 684 -36.66 -35.57 23.19
CA ARG B 684 -36.11 -36.66 22.37
C ARG B 684 -36.87 -36.83 21.05
N LYS B 685 -38.14 -36.42 21.00
CA LYS B 685 -38.91 -36.52 19.77
C LYS B 685 -38.68 -35.35 18.82
N SER B 686 -37.76 -34.45 19.15
CA SER B 686 -37.47 -33.29 18.30
C SER B 686 -36.38 -33.64 17.29
N GLY B 687 -35.12 -33.64 17.74
CA GLY B 687 -34.00 -33.94 16.88
C GLY B 687 -32.98 -34.84 17.54
N ARG B 688 -32.72 -36.00 16.93
CA ARG B 688 -31.82 -36.99 17.50
C ARG B 688 -31.35 -37.95 16.41
N GLN B 689 -32.05 -37.96 15.28
CA GLN B 689 -31.78 -38.90 14.20
C GLN B 689 -30.37 -38.76 13.64
N GLU B 690 -29.50 -39.72 13.96
CA GLU B 690 -28.21 -39.78 13.30
C GLU B 690 -28.41 -40.25 11.86
N ARG B 691 -27.89 -39.47 10.91
CA ARG B 691 -28.16 -39.67 9.49
C ARG B 691 -28.00 -41.12 9.07
N SER B 692 -28.93 -41.59 8.23
CA SER B 692 -28.88 -42.93 7.69
C SER B 692 -27.84 -43.01 6.58
N GLU B 693 -27.77 -44.18 5.93
CA GLU B 693 -26.78 -44.38 4.88
C GLU B 693 -27.04 -43.48 3.68
N GLU B 694 -28.27 -43.48 3.18
CA GLU B 694 -28.60 -42.64 2.03
C GLU B 694 -28.47 -41.16 2.37
N GLU B 695 -28.81 -40.79 3.61
CA GLU B 695 -28.68 -39.40 4.03
C GLU B 695 -27.23 -38.98 4.09
N TRP B 696 -26.35 -39.84 4.61
CA TRP B 696 -24.92 -39.54 4.60
C TRP B 696 -24.38 -39.45 3.19
N LYS B 697 -24.86 -40.32 2.29
CA LYS B 697 -24.42 -40.27 0.90
C LYS B 697 -24.81 -38.94 0.25
N GLU B 698 -26.06 -38.52 0.47
CA GLU B 698 -26.50 -37.25 -0.11
C GLU B 698 -25.76 -36.07 0.50
N TRP B 699 -25.46 -36.14 1.81
CA TRP B 699 -24.71 -35.07 2.45
C TRP B 699 -23.29 -34.98 1.91
N LEU B 700 -22.66 -36.13 1.65
CA LEU B 700 -21.33 -36.12 1.05
C LEU B 700 -21.38 -35.57 -0.37
N GLU B 701 -22.38 -35.98 -1.15
CA GLU B 701 -22.51 -35.45 -2.51
C GLU B 701 -22.73 -33.95 -2.50
N ARG B 702 -23.44 -33.44 -1.50
CA ARG B 702 -23.62 -32.00 -1.37
C ARG B 702 -22.30 -31.32 -1.00
N LYS B 703 -21.57 -31.88 -0.03
CA LYS B 703 -20.38 -31.23 0.50
C LYS B 703 -19.21 -31.30 -0.47
N VAL B 704 -18.69 -32.50 -0.73
CA VAL B 704 -17.46 -32.66 -1.50
C VAL B 704 -17.70 -33.02 -2.96
N GLY B 705 -18.95 -33.18 -3.37
CA GLY B 705 -19.25 -33.48 -4.76
C GLY B 705 -19.44 -34.98 -4.99
N GLU B 706 -20.08 -35.28 -6.12
CA GLU B 706 -20.43 -36.67 -6.44
C GLU B 706 -19.19 -37.53 -6.58
N GLY B 707 -18.19 -37.06 -7.33
CA GLY B 707 -16.98 -37.82 -7.56
C GLY B 707 -16.22 -38.17 -6.31
N ARG B 708 -15.87 -37.15 -5.52
CA ARG B 708 -15.13 -37.38 -4.28
C ARG B 708 -15.96 -38.16 -3.27
N ALA B 709 -17.29 -37.95 -3.27
CA ALA B 709 -18.15 -38.72 -2.36
C ALA B 709 -18.11 -40.21 -2.70
N ARG B 710 -18.23 -40.55 -3.99
CA ARG B 710 -18.16 -41.96 -4.38
C ARG B 710 -16.77 -42.53 -4.11
N ARG B 711 -15.73 -41.73 -4.35
CA ARG B 711 -14.38 -42.20 -4.07
C ARG B 711 -14.19 -42.50 -2.58
N LEU B 712 -14.69 -41.63 -1.70
CA LEU B 712 -14.61 -41.89 -0.27
C LEU B 712 -15.43 -43.11 0.13
N ILE B 713 -16.63 -43.24 -0.44
CA ILE B 713 -17.48 -44.38 -0.10
C ILE B 713 -16.83 -45.69 -0.53
N GLU B 714 -16.09 -45.68 -1.63
CA GLU B 714 -15.40 -46.89 -2.07
C GLU B 714 -14.15 -47.15 -1.24
N TYR B 715 -13.41 -46.09 -0.91
CA TYR B 715 -12.18 -46.25 -0.13
C TYR B 715 -12.49 -46.78 1.26
N PHE B 716 -13.45 -46.16 1.95
CA PHE B 716 -13.86 -46.63 3.26
C PHE B 716 -15.03 -47.60 3.11
N GLY B 717 -15.62 -47.99 4.23
CA GLY B 717 -16.75 -48.91 4.19
C GLY B 717 -17.97 -48.35 3.47
N SER B 718 -18.53 -47.27 4.01
CA SER B 718 -19.73 -46.68 3.45
C SER B 718 -19.82 -45.23 3.89
N ALA B 719 -20.87 -44.55 3.42
CA ALA B 719 -21.10 -43.17 3.81
C ALA B 719 -21.25 -43.03 5.32
N GLY B 720 -21.75 -44.07 5.99
CA GLY B 720 -21.80 -44.05 7.44
C GLY B 720 -20.42 -43.97 8.07
N GLU B 721 -19.49 -44.78 7.57
CA GLU B 721 -18.12 -44.71 8.08
C GLU B 721 -17.48 -43.38 7.75
N VAL B 722 -17.76 -42.83 6.57
CA VAL B 722 -17.23 -41.51 6.21
C VAL B 722 -17.76 -40.46 7.18
N GLY B 723 -19.06 -40.53 7.50
CA GLY B 723 -19.63 -39.58 8.44
C GLY B 723 -19.07 -39.74 9.84
N LYS B 724 -18.77 -40.98 10.23
CA LYS B 724 -18.11 -41.21 11.51
C LYS B 724 -16.73 -40.56 11.54
N LEU B 725 -15.97 -40.73 10.46
CA LEU B 725 -14.65 -40.08 10.36
C LEU B 725 -14.78 -38.56 10.43
N VAL B 726 -15.79 -38.01 9.77
CA VAL B 726 -15.99 -36.55 9.81
C VAL B 726 -16.36 -36.09 11.21
N GLU B 727 -17.25 -36.82 11.88
CA GLU B 727 -17.70 -36.43 13.22
C GLU B 727 -16.55 -36.51 14.22
N ASN B 728 -15.67 -37.50 14.07
CA ASN B 728 -14.51 -37.61 14.95
C ASN B 728 -13.33 -36.77 14.48
N ALA B 729 -13.52 -35.98 13.41
CA ALA B 729 -12.49 -35.07 12.90
C ALA B 729 -11.21 -35.80 12.54
N GLU B 730 -11.35 -36.89 11.77
CA GLU B 730 -10.21 -37.66 11.31
C GLU B 730 -9.65 -37.00 10.04
N VAL B 731 -9.01 -35.85 10.25
CA VAL B 731 -8.50 -35.05 9.14
C VAL B 731 -7.41 -35.81 8.39
N SER B 732 -6.49 -36.43 9.12
CA SER B 732 -5.41 -37.17 8.46
C SER B 732 -5.96 -38.39 7.72
N LYS B 733 -6.89 -39.12 8.33
CA LYS B 733 -7.45 -40.30 7.69
C LYS B 733 -8.27 -39.94 6.46
N LEU B 734 -8.85 -38.73 6.43
CA LEU B 734 -9.50 -38.26 5.22
C LEU B 734 -8.50 -37.82 4.16
N LEU B 735 -7.41 -37.16 4.60
CA LEU B 735 -6.44 -36.62 3.68
C LEU B 735 -5.61 -37.71 3.00
N GLU B 736 -5.44 -38.86 3.65
CA GLU B 736 -4.65 -39.92 3.06
C GLU B 736 -5.27 -40.49 1.78
N VAL B 737 -6.52 -40.15 1.50
CA VAL B 737 -7.17 -40.64 0.28
C VAL B 737 -6.69 -39.80 -0.90
N PRO B 738 -6.27 -40.43 -2.01
CA PRO B 738 -5.87 -39.65 -3.19
C PRO B 738 -7.08 -38.93 -3.78
N GLY B 739 -6.93 -37.63 -4.02
CA GLY B 739 -8.00 -36.81 -4.54
C GLY B 739 -8.74 -36.00 -3.50
N ILE B 740 -8.48 -36.24 -2.21
CA ILE B 740 -9.11 -35.51 -1.11
C ILE B 740 -8.06 -34.58 -0.52
N GLY B 741 -8.35 -33.28 -0.53
CA GLY B 741 -7.39 -32.31 -0.05
C GLY B 741 -7.90 -31.41 1.06
N ASP B 742 -7.13 -30.37 1.38
CA ASP B 742 -7.50 -29.48 2.47
C ASP B 742 -8.85 -28.80 2.21
N GLU B 743 -9.12 -28.46 0.94
CA GLU B 743 -10.40 -27.81 0.65
C GLU B 743 -11.56 -28.74 0.95
N ALA B 744 -11.47 -30.01 0.53
CA ALA B 744 -12.55 -30.95 0.82
C ALA B 744 -12.66 -31.22 2.32
N VAL B 745 -11.53 -31.32 3.02
CA VAL B 745 -11.57 -31.56 4.46
C VAL B 745 -12.24 -30.40 5.18
N ALA B 746 -11.89 -29.16 4.81
CA ALA B 746 -12.52 -27.99 5.41
C ALA B 746 -13.99 -27.90 5.00
N ARG B 747 -14.33 -28.41 3.82
CA ARG B 747 -15.74 -28.49 3.43
C ARG B 747 -16.49 -29.46 4.32
N LEU B 748 -15.83 -30.54 4.75
CA LEU B 748 -16.44 -31.52 5.65
C LEU B 748 -16.30 -31.13 7.12
N VAL B 749 -15.11 -30.75 7.54
CA VAL B 749 -14.82 -30.47 8.94
C VAL B 749 -14.85 -28.94 9.13
N PRO B 750 -15.82 -28.40 9.88
CA PRO B 750 -15.83 -26.96 10.12
C PRO B 750 -14.70 -26.54 11.04
N GLY B 751 -14.07 -25.41 10.71
CA GLY B 751 -12.95 -24.90 11.46
C GLY B 751 -11.59 -25.30 10.93
N TYR B 752 -11.53 -26.36 10.12
CA TYR B 752 -10.26 -26.78 9.56
C TYR B 752 -9.65 -25.70 8.68
N LYS B 753 -10.49 -24.99 7.91
CA LYS B 753 -10.00 -23.92 7.06
C LYS B 753 -9.37 -22.80 7.88
N THR B 754 -10.03 -22.40 8.97
CA THR B 754 -9.48 -21.35 9.83
C THR B 754 -8.19 -21.80 10.50
N LEU B 755 -8.15 -23.06 10.98
CA LEU B 755 -6.95 -23.56 11.61
C LEU B 755 -5.78 -23.63 10.62
N ARG B 756 -6.08 -23.97 9.36
CA ARG B 756 -5.02 -24.01 8.35
C ARG B 756 -4.55 -22.62 8.00
N ASP B 757 -5.48 -21.67 7.87
CA ASP B 757 -5.08 -20.28 7.61
C ASP B 757 -4.28 -19.71 8.78
N ALA B 758 -4.50 -20.22 9.98
CA ALA B 758 -3.70 -19.82 11.14
C ALA B 758 -2.29 -20.40 11.10
N GLY B 759 -1.99 -21.26 10.14
CA GLY B 759 -0.67 -21.84 10.01
C GLY B 759 -0.47 -23.18 10.67
N LEU B 760 -1.55 -23.90 10.98
CA LEU B 760 -1.45 -25.18 11.64
C LEU B 760 -1.35 -26.30 10.62
N THR B 761 -0.47 -27.26 10.89
CA THR B 761 -0.43 -28.47 10.09
C THR B 761 -1.73 -29.25 10.26
N PRO B 762 -2.12 -30.06 9.28
CA PRO B 762 -3.35 -30.87 9.43
C PRO B 762 -3.39 -31.69 10.70
N ALA B 763 -2.26 -32.27 11.13
CA ALA B 763 -2.25 -33.04 12.36
C ALA B 763 -2.52 -32.15 13.58
N GLU B 764 -1.93 -30.95 13.59
CA GLU B 764 -2.18 -30.02 14.69
C GLU B 764 -3.64 -29.60 14.73
N ALA B 765 -4.22 -29.30 13.56
CA ALA B 765 -5.63 -28.96 13.50
C ALA B 765 -6.51 -30.12 13.97
N GLU B 766 -6.15 -31.34 13.59
CA GLU B 766 -6.88 -32.52 14.02
C GLU B 766 -6.84 -32.67 15.53
N ARG B 767 -5.66 -32.50 16.13
CA ARG B 767 -5.54 -32.61 17.58
C ARG B 767 -6.34 -31.52 18.28
N VAL B 768 -6.25 -30.28 17.80
CA VAL B 768 -6.98 -29.18 18.42
C VAL B 768 -8.49 -29.41 18.33
N LEU B 769 -8.96 -29.90 17.19
CA LEU B 769 -10.40 -30.16 17.03
C LEU B 769 -10.84 -31.31 17.93
N LYS B 770 -10.08 -32.40 17.97
CA LYS B 770 -10.43 -33.52 18.85
C LYS B 770 -10.41 -33.10 20.32
N ARG B 771 -9.57 -32.12 20.67
CA ARG B 771 -9.46 -31.71 22.06
C ARG B 771 -10.56 -30.74 22.47
N TYR B 772 -10.92 -29.78 21.61
CA TYR B 772 -11.80 -28.70 22.02
C TYR B 772 -13.16 -28.68 21.36
N GLY B 773 -13.32 -29.28 20.18
CA GLY B 773 -14.60 -29.28 19.51
C GLY B 773 -14.67 -28.39 18.29
N SER B 774 -14.42 -27.10 18.47
CA SER B 774 -14.46 -26.14 17.37
C SER B 774 -13.55 -24.96 17.69
N VAL B 775 -13.24 -24.17 16.65
CA VAL B 775 -12.40 -23.00 16.84
C VAL B 775 -13.08 -21.99 17.76
N SER B 776 -14.42 -21.96 17.77
CA SER B 776 -15.13 -21.10 18.70
C SER B 776 -14.81 -21.48 20.14
N LYS B 777 -14.89 -22.78 20.47
CA LYS B 777 -14.53 -23.23 21.81
C LYS B 777 -13.04 -23.04 22.09
N VAL B 778 -12.20 -23.12 21.05
CA VAL B 778 -10.77 -22.84 21.23
C VAL B 778 -10.57 -21.40 21.67
N GLN B 779 -11.23 -20.47 21.00
CA GLN B 779 -11.12 -19.06 21.36
C GLN B 779 -11.70 -18.80 22.74
N GLU B 780 -12.86 -19.39 23.03
CA GLU B 780 -13.55 -19.22 24.31
C GLU B 780 -13.19 -20.34 25.29
N GLY B 781 -11.90 -20.66 25.43
CA GLY B 781 -11.52 -21.71 26.35
C GLY B 781 -10.04 -22.08 26.38
N ALA B 782 -9.47 -22.41 25.22
CA ALA B 782 -8.10 -22.90 25.17
C ALA B 782 -7.12 -21.91 25.75
N THR B 783 -6.13 -22.43 26.49
CA THR B 783 -5.10 -21.64 27.12
C THR B 783 -3.76 -21.79 26.39
N PRO B 784 -2.87 -20.81 26.48
CA PRO B 784 -1.57 -20.94 25.81
C PRO B 784 -0.76 -22.12 26.29
N ASP B 785 -0.81 -22.44 27.59
CA ASP B 785 -0.08 -23.60 28.10
C ASP B 785 -0.66 -24.89 27.54
N GLU B 786 -1.99 -24.97 27.46
CA GLU B 786 -2.62 -26.14 26.87
C GLU B 786 -2.21 -26.31 25.41
N LEU B 787 -2.23 -25.22 24.65
CA LEU B 787 -1.86 -25.30 23.24
C LEU B 787 -0.38 -25.63 23.05
N ARG B 788 0.49 -25.13 23.95
CA ARG B 788 1.90 -25.51 23.88
C ARG B 788 2.09 -26.98 24.22
N GLU B 789 1.30 -27.51 25.16
CA GLU B 789 1.35 -28.94 25.43
C GLU B 789 0.78 -29.75 24.28
N LEU B 790 -0.07 -29.16 23.46
CA LEU B 790 -0.56 -29.81 22.25
C LEU B 790 0.42 -29.69 21.08
N GLY B 791 1.59 -29.08 21.29
CA GLY B 791 2.59 -28.99 20.25
C GLY B 791 2.47 -27.80 19.34
N LEU B 792 1.87 -26.71 19.78
CA LEU B 792 1.70 -25.51 18.97
C LEU B 792 2.72 -24.44 19.37
N GLY B 793 3.08 -23.61 18.39
CA GLY B 793 3.97 -22.50 18.66
C GLY B 793 3.21 -21.29 19.18
N ASP B 794 3.97 -20.36 19.78
CA ASP B 794 3.37 -19.20 20.40
C ASP B 794 2.67 -18.32 19.36
N ALA B 795 3.24 -18.22 18.16
CA ALA B 795 2.62 -17.41 17.11
C ALA B 795 1.28 -18.02 16.67
N LYS B 796 1.26 -19.34 16.47
CA LYS B 796 0.01 -20.01 16.14
C LYS B 796 -1.02 -19.85 17.25
N ILE B 797 -0.57 -19.92 18.50
CA ILE B 797 -1.47 -19.75 19.64
C ILE B 797 -2.09 -18.36 19.61
N ALA B 798 -1.26 -17.33 19.42
CA ALA B 798 -1.77 -15.97 19.36
C ALA B 798 -2.76 -15.79 18.22
N ARG B 799 -2.43 -16.33 17.04
CA ARG B 799 -3.31 -16.16 15.88
C ARG B 799 -4.63 -16.89 16.08
N ILE B 800 -4.61 -18.05 16.73
CA ILE B 800 -5.85 -18.81 16.88
C ILE B 800 -6.69 -18.30 18.04
N LEU B 801 -6.07 -17.66 19.03
CA LEU B 801 -6.82 -17.09 20.15
C LEU B 801 -7.27 -15.66 19.91
N GLY B 802 -6.69 -14.98 18.92
CA GLY B 802 -7.07 -13.61 18.62
C GLY B 802 -6.18 -12.56 19.23
N LEU B 803 -5.07 -12.95 19.86
CA LEU B 803 -4.13 -12.03 20.47
C LEU B 803 -3.13 -11.46 19.46
N ARG B 804 -3.50 -11.43 18.18
CA ARG B 804 -2.57 -11.00 17.14
C ARG B 804 -2.13 -9.55 17.34
N SER B 805 -3.09 -8.66 17.59
CA SER B 805 -2.76 -7.25 17.78
C SER B 805 -1.93 -7.04 19.04
N LEU B 806 -2.28 -7.72 20.13
CA LEU B 806 -1.52 -7.55 21.37
C LEU B 806 -0.10 -8.06 21.21
N VAL B 807 0.09 -9.16 20.49
CA VAL B 807 1.44 -9.67 20.25
C VAL B 807 2.21 -8.74 19.33
N ASN B 808 1.52 -8.18 18.32
CA ASN B 808 2.15 -7.18 17.47
C ASN B 808 2.54 -5.94 18.25
N ALA B 809 1.87 -5.67 19.37
CA ALA B 809 2.25 -4.56 20.25
C ALA B 809 3.44 -4.94 21.13
N ARG B 810 4.25 -5.90 20.66
CA ARG B 810 5.48 -6.31 21.35
C ARG B 810 5.19 -6.85 22.75
N LEU B 811 4.15 -7.68 22.85
CA LEU B 811 3.79 -8.37 24.09
C LEU B 811 3.82 -9.87 23.86
N ASP B 812 4.27 -10.61 24.87
CA ASP B 812 4.28 -12.07 24.77
C ASP B 812 2.86 -12.62 24.89
N VAL B 813 2.70 -13.86 24.42
CA VAL B 813 1.38 -14.47 24.35
C VAL B 813 0.79 -14.64 25.74
N ASP B 814 1.62 -14.94 26.73
CA ASP B 814 1.12 -15.15 28.08
C ASP B 814 0.50 -13.88 28.66
N THR B 815 1.23 -12.77 28.59
CA THR B 815 0.71 -11.51 29.10
C THR B 815 -0.45 -11.00 28.27
N ALA B 816 -0.42 -11.23 26.95
CA ALA B 816 -1.55 -10.84 26.11
C ALA B 816 -2.81 -11.61 26.50
N TYR B 817 -2.67 -12.91 26.77
CA TYR B 817 -3.81 -13.71 27.19
C TYR B 817 -4.30 -13.29 28.57
N GLU B 818 -3.37 -12.93 29.47
CA GLU B 818 -3.77 -12.43 30.77
C GLU B 818 -4.58 -11.15 30.66
N LEU B 819 -4.12 -10.21 29.82
CA LEU B 819 -4.85 -8.96 29.63
C LEU B 819 -6.21 -9.21 28.99
N ALA B 820 -6.27 -10.08 27.98
CA ALA B 820 -7.55 -10.38 27.34
C ALA B 820 -8.50 -11.09 28.29
N ARG B 821 -7.97 -11.88 29.23
CA ARG B 821 -8.82 -12.56 30.19
C ARG B 821 -9.35 -11.58 31.24
N ARG B 822 -8.50 -10.67 31.71
CA ARG B 822 -8.93 -9.73 32.74
C ARG B 822 -9.91 -8.70 32.18
N TYR B 823 -9.55 -8.06 31.06
CA TYR B 823 -10.37 -6.97 30.53
C TYR B 823 -11.39 -7.43 29.49
N GLY B 824 -11.34 -8.69 29.07
CA GLY B 824 -12.34 -9.19 28.14
C GLY B 824 -11.92 -9.12 26.68
N SER B 825 -11.91 -7.91 26.11
CA SER B 825 -11.66 -7.71 24.70
C SER B 825 -10.40 -6.88 24.48
N VAL B 826 -9.89 -6.94 23.26
CA VAL B 826 -8.71 -6.16 22.90
C VAL B 826 -9.00 -4.67 22.96
N SER B 827 -10.20 -4.26 22.52
CA SER B 827 -10.59 -2.86 22.66
C SER B 827 -10.69 -2.46 24.12
N ALA B 828 -11.13 -3.38 24.99
CA ALA B 828 -11.18 -3.08 26.42
C ALA B 828 -9.79 -2.94 27.00
N VAL B 829 -8.83 -3.75 26.53
CA VAL B 829 -7.45 -3.60 26.98
C VAL B 829 -6.88 -2.27 26.48
N ARG B 830 -7.27 -1.85 25.27
CA ARG B 830 -6.80 -0.56 24.76
C ARG B 830 -7.37 0.60 25.57
N ALA B 831 -8.65 0.54 25.92
CA ALA B 831 -9.27 1.58 26.73
C ALA B 831 -9.04 1.40 28.22
N ALA B 832 -8.29 0.37 28.62
CA ALA B 832 -8.04 0.09 30.03
C ALA B 832 -7.29 1.26 30.69
N PRO B 833 -7.42 1.39 32.01
CA PRO B 833 -6.72 2.48 32.70
C PRO B 833 -5.20 2.31 32.62
N VAL B 834 -4.51 3.39 32.26
CA VAL B 834 -3.06 3.38 32.21
C VAL B 834 -2.48 3.13 33.59
N ALA B 835 -3.10 3.70 34.62
CA ALA B 835 -2.64 3.45 35.98
C ALA B 835 -2.84 1.99 36.37
N GLU B 836 -3.94 1.38 35.93
CA GLU B 836 -4.16 -0.04 36.20
C GLU B 836 -3.12 -0.90 35.49
N LEU B 837 -2.74 -0.52 34.27
CA LEU B 837 -1.69 -1.24 33.56
C LEU B 837 -0.35 -1.10 34.28
N ARG B 838 -0.04 0.11 34.77
CA ARG B 838 1.19 0.30 35.52
C ARG B 838 1.20 -0.51 36.81
N GLU B 839 0.04 -0.61 37.48
CA GLU B 839 -0.06 -1.47 38.65
C GLU B 839 0.16 -2.93 38.28
N LEU B 840 -0.38 -3.35 37.12
CA LEU B 840 -0.11 -4.71 36.64
C LEU B 840 1.38 -4.92 36.38
N GLY B 841 2.08 -3.86 35.98
CA GLY B 841 3.52 -3.95 35.83
C GLY B 841 4.03 -3.86 34.40
N LEU B 842 3.31 -3.15 33.55
CA LEU B 842 3.74 -2.95 32.17
C LEU B 842 4.57 -1.68 32.05
N SER B 843 5.54 -1.72 31.13
CA SER B 843 6.41 -0.57 30.92
C SER B 843 5.65 0.59 30.29
N ASP B 844 6.25 1.78 30.39
CA ASP B 844 5.62 2.96 29.82
C ASP B 844 5.54 2.85 28.29
N ARG B 845 6.64 2.46 27.65
CA ARG B 845 6.60 2.24 26.21
C ARG B 845 5.68 1.09 25.84
N ALA B 846 5.57 0.08 26.70
CA ALA B 846 4.66 -1.02 26.42
C ALA B 846 3.21 -0.55 26.41
N ILE B 847 2.84 0.26 27.41
CA ILE B 847 1.48 0.80 27.45
C ILE B 847 1.26 1.76 26.29
N ALA B 848 2.29 2.50 25.89
CA ALA B 848 2.17 3.38 24.73
C ALA B 848 1.91 2.59 23.46
N ARG B 849 2.61 1.47 23.28
CA ARG B 849 2.39 0.62 22.11
C ARG B 849 1.01 -0.03 22.16
N ILE B 850 0.53 -0.38 23.37
CA ILE B 850 -0.82 -0.90 23.51
C ILE B 850 -1.83 0.14 23.06
N ALA B 851 -1.64 1.40 23.49
CA ALA B 851 -2.57 2.45 23.11
C ALA B 851 -2.50 2.77 21.62
N GLY B 852 -1.31 2.67 21.03
CA GLY B 852 -1.14 2.94 19.61
C GLY B 852 -0.99 1.69 18.78
#